data_6NMX
#
_entry.id   6NMX
#
_cell.length_a   49.532
_cell.length_b   104.174
_cell.length_c   125.573
_cell.angle_alpha   90.00
_cell.angle_beta   99.56
_cell.angle_gamma   90.00
#
_symmetry.space_group_name_H-M   'P 1 21 1'
#
loop_
_entity.id
_entity.type
_entity.pdbx_description
1 polymer 'Threonine synthase'
2 non-polymer '(2E,3Z)-2-{[(Z)-{3-hydroxy-2-methyl-5-[(phosphonooxy)methyl]pyridin-4(1H)-ylidene}methyl]imino}-5-phosphonopent-3-enoic acid'
3 water water
#
_entity_poly.entity_id   1
_entity_poly.type   'polypeptide(L)'
_entity_poly.pdbx_seq_one_letter_code
;MASWKGLIHQYKEFLPVTDQTPALTLHEGNTPLIHLPKLSEQLGIELHVKTEGVNPTGSFKDRGMVMAVAKAKEEGNDTI
MCASTGNTSAAAAAYAARANMKCIVIIPNGKIAFGKLAQAVMYGAEIIAIDGNFDDALKIVRSICEKSPIALVNSVNPYR
LEGQKTAAFEVCEQLGEAPDVLAIPVGNAGNISAYWKGFKEYHEKNGTSLPKMRGFEAEGSAAIVRNEVIENPETIATAI
RIGNPASWDKAVKAAEESNGKIDEVTDDEILHAYQLIAREEGVFAEPGSCASIAGVLKQVKSGEIPKGSKVVAVLTGNGL
KDPNTAVDISEIKPVTLPTNEDSILEYVKGAARV
;
_entity_poly.pdbx_strand_id   A,B,C,D
#
loop_
_chem_comp.id
_chem_comp.type
_chem_comp.name
_chem_comp.formula
LJS non-polymer '(2E,3Z)-2-{[(Z)-{3-hydroxy-2-methyl-5-[(phosphonooxy)methyl]pyridin-4(1H)-ylidene}methyl]imino}-5-phosphonopent-3-enoic acid' 'C13 H18 N2 O10 P2'
#
# COMPACT_ATOMS: atom_id res chain seq x y z
N ALA A 2 21.79 -23.80 -7.41
CA ALA A 2 21.98 -24.92 -8.33
C ALA A 2 20.96 -26.04 -8.05
N SER A 3 21.34 -27.28 -8.31
CA SER A 3 20.45 -28.43 -8.21
C SER A 3 20.56 -29.10 -6.85
N TRP A 4 19.59 -29.99 -6.58
CA TRP A 4 19.58 -30.76 -5.34
C TRP A 4 19.10 -32.17 -5.63
N LYS A 5 19.97 -33.16 -5.39
CA LYS A 5 19.71 -34.55 -5.77
C LYS A 5 19.49 -35.47 -4.56
N GLY A 6 19.18 -34.91 -3.39
CA GLY A 6 18.97 -35.72 -2.22
C GLY A 6 20.25 -35.95 -1.42
N LEU A 7 20.05 -36.41 -0.17
CA LEU A 7 21.12 -36.42 0.81
C LEU A 7 22.27 -37.35 0.41
N ILE A 8 21.93 -38.57 -0.02
CA ILE A 8 22.98 -39.57 -0.25
C ILE A 8 24.00 -39.06 -1.25
N HIS A 9 23.54 -38.45 -2.33
CA HIS A 9 24.48 -37.85 -3.27
C HIS A 9 25.20 -36.67 -2.64
N GLN A 10 24.45 -35.75 -2.03
CA GLN A 10 25.03 -34.47 -1.65
C GLN A 10 25.99 -34.60 -0.47
N TYR A 11 25.76 -35.55 0.43
CA TYR A 11 26.65 -35.71 1.59
C TYR A 11 27.37 -37.05 1.58
N LYS A 12 27.70 -37.56 0.39
CA LYS A 12 28.24 -38.91 0.26
C LYS A 12 29.51 -39.10 1.09
N GLU A 13 30.34 -38.08 1.23
CA GLU A 13 31.60 -38.23 1.94
C GLU A 13 31.39 -38.41 3.45
N PHE A 14 30.24 -37.99 3.98
CA PHE A 14 29.91 -38.14 5.38
C PHE A 14 29.11 -39.40 5.67
N LEU A 15 28.85 -40.24 4.68
CA LEU A 15 27.85 -41.29 4.79
C LEU A 15 28.42 -42.64 4.38
N PRO A 16 27.90 -43.72 4.93
CA PRO A 16 28.42 -45.06 4.57
C PRO A 16 27.89 -45.54 3.22
N VAL A 17 28.25 -44.82 2.18
CA VAL A 17 27.82 -45.09 0.82
C VAL A 17 28.95 -45.77 0.07
N THR A 18 28.63 -46.81 -0.70
CA THR A 18 29.57 -47.50 -1.57
C THR A 18 29.05 -47.39 -3.01
N ASP A 19 29.80 -47.98 -3.94
CA ASP A 19 29.36 -47.99 -5.31
C ASP A 19 28.11 -48.84 -5.49
N GLN A 20 27.88 -49.78 -4.58
CA GLN A 20 26.71 -50.66 -4.60
C GLN A 20 25.53 -50.08 -3.84
N THR A 21 25.63 -48.88 -3.29
CA THR A 21 24.49 -48.30 -2.60
C THR A 21 23.49 -47.79 -3.63
N PRO A 22 22.24 -48.24 -3.60
CA PRO A 22 21.26 -47.75 -4.59
C PRO A 22 21.10 -46.25 -4.48
N ALA A 23 20.82 -45.60 -5.62
CA ALA A 23 20.63 -44.16 -5.69
C ALA A 23 19.20 -43.77 -5.28
N LEU A 24 18.83 -44.13 -4.07
CA LEU A 24 17.49 -43.86 -3.57
C LEU A 24 17.36 -42.40 -3.14
N THR A 25 16.36 -41.70 -3.66
CA THR A 25 16.10 -40.33 -3.21
C THR A 25 14.65 -39.96 -3.45
N LEU A 26 14.08 -39.19 -2.52
CA LEU A 26 12.86 -38.42 -2.74
C LEU A 26 13.15 -36.92 -2.67
N HIS A 27 14.42 -36.57 -2.86
CA HIS A 27 14.93 -35.19 -2.82
C HIS A 27 14.82 -34.59 -1.42
N GLU A 28 14.85 -35.46 -0.41
CA GLU A 28 14.82 -35.04 0.97
C GLU A 28 16.03 -34.15 1.29
N GLY A 29 15.93 -33.45 2.43
CA GLY A 29 17.00 -32.58 2.88
C GLY A 29 16.93 -31.22 2.21
N ASN A 30 17.98 -30.41 2.46
CA ASN A 30 18.06 -29.04 1.95
C ASN A 30 16.83 -28.23 2.34
N THR A 31 16.38 -28.39 3.58
CA THR A 31 15.18 -27.68 3.99
C THR A 31 15.52 -26.26 4.41
N PRO A 32 14.56 -25.35 4.29
CA PRO A 32 14.81 -23.96 4.68
C PRO A 32 15.24 -23.81 6.14
N LEU A 33 16.13 -22.84 6.37
CA LEU A 33 16.40 -22.26 7.67
C LEU A 33 15.83 -20.84 7.64
N ILE A 34 14.68 -20.64 8.29
CA ILE A 34 13.93 -19.38 8.16
C ILE A 34 14.17 -18.49 9.38
N HIS A 35 14.61 -17.26 9.13
CA HIS A 35 14.72 -16.28 10.20
C HIS A 35 13.33 -15.82 10.62
N LEU A 36 13.10 -15.74 11.95
CA LEU A 36 11.85 -15.25 12.53
C LEU A 36 12.06 -13.86 13.13
N PRO A 37 11.92 -12.79 12.34
CA PRO A 37 12.28 -11.46 12.84
C PRO A 37 11.35 -10.91 13.90
N LYS A 38 10.05 -11.21 13.86
CA LYS A 38 9.16 -10.69 14.90
C LYS A 38 9.44 -11.38 16.23
N LEU A 39 9.51 -12.71 16.23
CA LEU A 39 9.80 -13.43 17.46
C LEU A 39 11.21 -13.12 17.96
N SER A 40 12.16 -12.91 17.05
CA SER A 40 13.50 -12.49 17.47
C SER A 40 13.43 -11.17 18.24
N GLU A 41 12.74 -10.18 17.66
CA GLU A 41 12.57 -8.90 18.34
C GLU A 41 11.94 -9.09 19.71
N GLN A 42 10.84 -9.84 19.78
CA GLN A 42 10.13 -10.02 21.05
C GLN A 42 11.00 -10.74 22.08
N LEU A 43 11.83 -11.69 21.65
CA LEU A 43 12.61 -12.48 22.59
C LEU A 43 13.97 -11.88 22.90
N GLY A 44 14.46 -10.98 22.06
CA GLY A 44 15.79 -10.46 22.27
C GLY A 44 16.89 -11.43 21.90
N ILE A 45 16.63 -12.35 20.98
CA ILE A 45 17.63 -13.26 20.45
C ILE A 45 17.53 -13.24 18.92
N GLU A 46 18.45 -13.93 18.26
CA GLU A 46 18.37 -14.13 16.82
C GLU A 46 17.89 -15.57 16.60
N LEU A 47 16.60 -15.71 16.31
CA LEU A 47 15.95 -17.02 16.24
C LEU A 47 15.73 -17.41 14.78
N HIS A 48 16.22 -18.59 14.40
CA HIS A 48 15.91 -19.20 13.12
C HIS A 48 15.24 -20.54 13.39
N VAL A 49 14.38 -20.99 12.46
CA VAL A 49 13.76 -22.31 12.55
C VAL A 49 14.18 -23.12 11.34
N LYS A 50 14.66 -24.33 11.60
CA LYS A 50 14.92 -25.32 10.55
C LYS A 50 13.62 -26.06 10.28
N THR A 51 13.01 -25.83 9.12
CA THR A 51 11.64 -26.29 8.87
C THR A 51 11.71 -27.63 8.14
N GLU A 52 11.77 -28.70 8.92
CA GLU A 52 11.87 -30.05 8.41
C GLU A 52 10.55 -30.59 7.87
N GLY A 53 9.45 -29.85 8.04
CA GLY A 53 8.16 -30.24 7.48
C GLY A 53 8.07 -30.15 5.97
N VAL A 54 9.07 -29.58 5.29
CA VAL A 54 9.04 -29.55 3.83
C VAL A 54 9.84 -30.69 3.23
N ASN A 55 10.35 -31.61 4.07
CA ASN A 55 10.86 -32.89 3.57
C ASN A 55 9.73 -33.64 2.87
N PRO A 56 10.07 -34.61 2.01
CA PRO A 56 9.04 -35.27 1.18
C PRO A 56 7.88 -35.90 1.96
N THR A 57 8.11 -36.59 3.07
CA THR A 57 6.96 -37.06 3.85
C THR A 57 6.62 -36.14 5.00
N GLY A 58 7.19 -34.92 5.02
CA GLY A 58 6.76 -33.91 5.97
C GLY A 58 7.40 -33.97 7.34
N SER A 59 8.53 -34.67 7.48
CA SER A 59 9.25 -34.67 8.75
C SER A 59 10.71 -34.95 8.47
N PHE A 60 11.55 -34.70 9.49
CA PHE A 60 12.98 -34.96 9.40
C PHE A 60 13.29 -36.45 9.30
N LYS A 61 12.32 -37.31 9.60
CA LYS A 61 12.58 -38.75 9.53
C LYS A 61 13.07 -39.17 8.15
N ASP A 62 12.71 -38.42 7.09
CA ASP A 62 13.19 -38.76 5.75
C ASP A 62 14.70 -38.81 5.67
N ARG A 63 15.40 -37.97 6.45
CA ARG A 63 16.86 -37.97 6.41
C ARG A 63 17.43 -39.33 6.81
N GLY A 64 16.99 -39.85 7.95
CA GLY A 64 17.47 -41.16 8.36
C GLY A 64 16.93 -42.28 7.52
N MET A 65 15.67 -42.16 7.06
CA MET A 65 15.04 -43.28 6.37
C MET A 65 15.65 -43.51 4.99
N VAL A 66 15.99 -42.45 4.26
CA VAL A 66 16.59 -42.68 2.95
C VAL A 66 17.87 -43.48 3.11
N MET A 67 18.64 -43.19 4.16
CA MET A 67 19.89 -43.91 4.41
C MET A 67 19.61 -45.34 4.83
N ALA A 68 18.72 -45.51 5.82
CA ALA A 68 18.41 -46.86 6.31
C ALA A 68 17.87 -47.76 5.20
N VAL A 69 16.93 -47.25 4.40
CA VAL A 69 16.30 -48.09 3.38
C VAL A 69 17.28 -48.39 2.25
N ALA A 70 18.10 -47.40 1.88
CA ALA A 70 19.09 -47.65 0.84
C ALA A 70 20.09 -48.72 1.28
N LYS A 71 20.55 -48.64 2.54
CA LYS A 71 21.46 -49.64 3.05
C LYS A 71 20.76 -50.98 3.24
N ALA A 72 19.49 -50.98 3.70
CA ALA A 72 18.74 -52.23 3.81
C ALA A 72 18.63 -52.95 2.48
N LYS A 73 18.36 -52.19 1.40
CA LYS A 73 18.29 -52.78 0.08
C LYS A 73 19.67 -53.25 -0.40
N GLU A 74 20.69 -52.42 -0.16
CA GLU A 74 22.05 -52.79 -0.55
C GLU A 74 22.46 -54.10 0.11
N GLU A 75 22.09 -54.26 1.38
CA GLU A 75 22.51 -55.42 2.15
C GLU A 75 21.61 -56.63 1.95
N GLY A 76 20.66 -56.56 1.00
CA GLY A 76 19.98 -57.77 0.57
C GLY A 76 18.65 -58.07 1.24
N ASN A 77 18.08 -57.13 1.98
CA ASN A 77 16.75 -57.31 2.52
C ASN A 77 15.70 -56.94 1.46
N ASP A 78 14.47 -57.36 1.71
CA ASP A 78 13.34 -56.95 0.87
C ASP A 78 12.17 -56.39 1.66
N THR A 79 12.24 -56.40 3.00
CA THR A 79 11.15 -55.98 3.87
C THR A 79 11.74 -55.17 5.01
N ILE A 80 11.07 -54.08 5.37
CA ILE A 80 11.50 -53.26 6.49
C ILE A 80 10.35 -53.15 7.48
N MET A 81 10.69 -52.80 8.74
CA MET A 81 9.69 -52.65 9.78
C MET A 81 10.12 -51.56 10.75
N CYS A 82 9.15 -50.82 11.29
CA CYS A 82 9.43 -49.92 12.39
C CYS A 82 8.19 -49.75 13.26
N ALA A 83 8.43 -49.39 14.52
CA ALA A 83 7.42 -48.83 15.41
C ALA A 83 7.42 -47.30 15.30
N SER A 84 6.25 -46.70 15.40
CA SER A 84 6.23 -45.27 15.15
C SER A 84 5.08 -44.59 15.87
N THR A 85 5.33 -43.34 16.27
CA THR A 85 4.22 -42.44 16.58
C THR A 85 3.64 -41.80 15.32
N GLY A 86 4.12 -42.18 14.14
CA GLY A 86 3.54 -41.75 12.89
C GLY A 86 4.49 -41.18 11.86
N ASN A 87 5.53 -40.46 12.29
CA ASN A 87 6.37 -39.87 11.25
C ASN A 87 7.40 -40.86 10.71
N THR A 88 7.95 -41.73 11.55
CA THR A 88 8.91 -42.73 11.07
C THR A 88 8.22 -43.76 10.17
N SER A 89 7.00 -44.16 10.52
CA SER A 89 6.25 -45.10 9.68
C SER A 89 5.88 -44.49 8.34
N ALA A 90 5.52 -43.21 8.32
CA ALA A 90 5.25 -42.56 7.03
C ALA A 90 6.49 -42.54 6.16
N ALA A 91 7.65 -42.20 6.74
CA ALA A 91 8.88 -42.17 5.98
C ALA A 91 9.25 -43.57 5.49
N ALA A 92 9.16 -44.57 6.38
CA ALA A 92 9.52 -45.93 5.99
C ALA A 92 8.65 -46.40 4.83
N ALA A 93 7.35 -46.11 4.90
CA ALA A 93 6.42 -46.55 3.87
C ALA A 93 6.74 -45.90 2.53
N ALA A 94 7.01 -44.58 2.52
CA ALA A 94 7.31 -43.89 1.27
C ALA A 94 8.60 -44.41 0.63
N TYR A 95 9.67 -44.49 1.41
CA TYR A 95 10.94 -44.97 0.86
C TYR A 95 10.89 -46.46 0.50
N ALA A 96 10.13 -47.28 1.23
CA ALA A 96 9.97 -48.67 0.81
C ALA A 96 9.27 -48.77 -0.54
N ALA A 97 8.22 -47.96 -0.75
CA ALA A 97 7.53 -48.00 -2.04
C ALA A 97 8.46 -47.55 -3.15
N ARG A 98 9.21 -46.48 -2.90
CA ARG A 98 10.17 -45.97 -3.88
C ARG A 98 11.23 -47.02 -4.20
N ALA A 99 11.65 -47.78 -3.19
CA ALA A 99 12.76 -48.73 -3.33
C ALA A 99 12.31 -50.13 -3.75
N ASN A 100 11.00 -50.35 -3.86
CA ASN A 100 10.39 -51.65 -4.19
C ASN A 100 10.60 -52.67 -3.08
N MET A 101 10.40 -52.25 -1.84
CA MET A 101 10.48 -53.14 -0.70
C MET A 101 9.15 -53.14 0.02
N LYS A 102 8.86 -54.22 0.73
CA LYS A 102 7.68 -54.33 1.58
C LYS A 102 7.93 -53.58 2.88
N CYS A 103 6.87 -53.03 3.46
CA CYS A 103 6.96 -52.22 4.65
C CYS A 103 5.88 -52.62 5.65
N ILE A 104 6.27 -52.86 6.90
CA ILE A 104 5.35 -53.19 7.97
C ILE A 104 5.58 -52.20 9.10
N VAL A 105 4.50 -51.64 9.65
CA VAL A 105 4.65 -50.65 10.70
C VAL A 105 3.71 -51.00 11.85
N ILE A 106 4.19 -50.76 13.07
CA ILE A 106 3.41 -50.98 14.29
C ILE A 106 3.22 -49.64 14.95
N ILE A 107 1.96 -49.27 15.21
CA ILE A 107 1.63 -47.94 15.70
C ILE A 107 0.74 -48.03 16.93
N PRO A 108 0.74 -47.02 17.81
CA PRO A 108 -0.11 -47.06 18.99
C PRO A 108 -1.51 -46.59 18.65
N ASN A 109 -2.47 -47.51 18.74
CA ASN A 109 -3.86 -47.26 18.36
C ASN A 109 -4.39 -45.98 18.97
N GLY A 110 -5.00 -45.15 18.13
CA GLY A 110 -5.56 -43.90 18.61
C GLY A 110 -4.54 -42.87 19.08
N LYS A 111 -3.26 -43.07 18.81
CA LYS A 111 -2.23 -42.16 19.32
C LYS A 111 -1.25 -41.76 18.22
N ILE A 112 -1.68 -41.79 16.97
CA ILE A 112 -0.92 -41.17 15.89
C ILE A 112 -1.85 -40.24 15.11
N ALA A 113 -1.27 -39.17 14.60
CA ALA A 113 -2.04 -38.09 13.99
C ALA A 113 -2.65 -38.54 12.67
N PHE A 114 -3.78 -37.91 12.33
CA PHE A 114 -4.56 -38.26 11.14
C PHE A 114 -3.72 -38.24 9.87
N GLY A 115 -2.90 -37.19 9.70
CA GLY A 115 -2.12 -37.08 8.47
C GLY A 115 -1.10 -38.20 8.34
N LYS A 116 -0.47 -38.56 9.45
CA LYS A 116 0.49 -39.66 9.43
C LYS A 116 -0.18 -40.98 9.08
N LEU A 117 -1.39 -41.19 9.58
CA LEU A 117 -2.10 -42.41 9.23
C LEU A 117 -2.42 -42.42 7.74
N ALA A 118 -2.89 -41.30 7.20
CA ALA A 118 -3.22 -41.24 5.79
C ALA A 118 -2.02 -41.58 4.91
N GLN A 119 -0.82 -41.12 5.30
CA GLN A 119 0.37 -41.42 4.52
C GLN A 119 0.67 -42.92 4.52
N ALA A 120 0.64 -43.53 5.71
CA ALA A 120 0.98 -44.95 5.81
C ALA A 120 0.05 -45.78 4.97
N VAL A 121 -1.25 -45.45 5.00
CA VAL A 121 -2.21 -46.14 4.14
C VAL A 121 -1.88 -45.89 2.67
N MET A 122 -1.61 -44.64 2.30
CA MET A 122 -1.42 -44.34 0.88
C MET A 122 -0.13 -44.96 0.34
N TYR A 123 0.95 -44.89 1.12
CA TYR A 123 2.20 -45.42 0.61
C TYR A 123 2.23 -46.94 0.54
N GLY A 124 1.27 -47.62 1.16
CA GLY A 124 1.12 -49.04 0.98
C GLY A 124 1.75 -49.91 2.05
N ALA A 125 1.93 -49.39 3.26
CA ALA A 125 2.44 -50.20 4.34
C ALA A 125 1.40 -51.20 4.80
N GLU A 126 1.88 -52.33 5.35
CA GLU A 126 1.04 -53.17 6.17
C GLU A 126 1.06 -52.61 7.58
N ILE A 127 -0.09 -52.17 8.08
CA ILE A 127 -0.19 -51.38 9.30
C ILE A 127 -0.79 -52.22 10.40
N ILE A 128 -0.04 -52.39 11.50
CA ILE A 128 -0.49 -53.11 12.69
C ILE A 128 -0.64 -52.11 13.83
N ALA A 129 -1.83 -52.08 14.44
CA ALA A 129 -2.10 -51.20 15.55
C ALA A 129 -2.21 -52.01 16.86
N ILE A 130 -1.65 -51.46 17.93
CA ILE A 130 -1.71 -52.11 19.24
C ILE A 130 -2.36 -51.13 20.22
N ASP A 131 -2.95 -51.68 21.27
CA ASP A 131 -3.49 -50.77 22.28
C ASP A 131 -2.42 -50.29 23.25
N GLY A 132 -1.20 -50.80 23.13
CA GLY A 132 -0.08 -50.26 23.87
C GLY A 132 0.41 -48.94 23.28
N ASN A 133 1.46 -48.39 23.90
CA ASN A 133 2.02 -47.12 23.45
C ASN A 133 3.20 -47.37 22.49
N PHE A 134 3.86 -46.28 22.07
CA PHE A 134 5.02 -46.41 21.21
C PHE A 134 6.06 -47.34 21.82
N ASP A 135 6.33 -47.18 23.12
CA ASP A 135 7.39 -47.97 23.76
C ASP A 135 7.10 -49.46 23.66
N ASP A 136 5.83 -49.84 23.87
CA ASP A 136 5.41 -51.22 23.64
C ASP A 136 5.71 -51.64 22.22
N ALA A 137 5.32 -50.81 21.26
CA ALA A 137 5.53 -51.14 19.86
C ALA A 137 7.00 -51.35 19.55
N LEU A 138 7.86 -50.46 20.05
CA LEU A 138 9.29 -50.58 19.76
C LEU A 138 9.85 -51.91 20.26
N LYS A 139 9.52 -52.29 21.50
CA LYS A 139 9.94 -53.57 22.04
C LYS A 139 9.55 -54.73 21.12
N ILE A 140 8.29 -54.72 20.66
CA ILE A 140 7.81 -55.79 19.79
C ILE A 140 8.54 -55.77 18.45
N VAL A 141 8.74 -54.58 17.89
CA VAL A 141 9.38 -54.49 16.57
C VAL A 141 10.82 -54.99 16.64
N ARG A 142 11.56 -54.59 17.68
CA ARG A 142 12.95 -55.01 17.78
C ARG A 142 13.04 -56.53 17.97
N SER A 143 12.13 -57.10 18.76
CA SER A 143 12.08 -58.55 18.93
C SER A 143 11.89 -59.25 17.58
N ILE A 144 10.96 -58.76 16.77
CA ILE A 144 10.61 -59.41 15.51
C ILE A 144 11.76 -59.33 14.51
N CYS A 145 12.38 -58.16 14.37
CA CYS A 145 13.50 -58.05 13.43
C CYS A 145 14.71 -58.86 13.89
N GLU A 146 14.85 -59.07 15.20
CA GLU A 146 15.86 -60.02 15.68
C GLU A 146 15.52 -61.45 15.27
N LYS A 147 14.24 -61.78 15.17
CA LYS A 147 13.81 -63.15 14.93
C LYS A 147 13.34 -63.40 13.49
N SER A 148 13.66 -62.51 12.57
CA SER A 148 13.24 -62.64 11.18
C SER A 148 14.25 -61.94 10.29
N PRO A 149 14.17 -62.15 8.98
CA PRO A 149 15.04 -61.38 8.06
C PRO A 149 14.52 -59.99 7.72
N ILE A 150 13.51 -59.49 8.44
CA ILE A 150 12.98 -58.15 8.21
C ILE A 150 13.92 -57.12 8.81
N ALA A 151 14.24 -56.07 8.03
CA ALA A 151 15.21 -55.07 8.45
C ALA A 151 14.57 -54.02 9.34
N LEU A 152 15.15 -53.79 10.51
CA LEU A 152 14.67 -52.77 11.44
C LEU A 152 15.12 -51.38 11.00
N VAL A 153 14.18 -50.45 10.86
CA VAL A 153 14.51 -49.11 10.41
C VAL A 153 14.12 -48.04 11.43
N ASN A 154 13.93 -48.45 12.68
CA ASN A 154 13.87 -47.47 13.76
C ASN A 154 15.25 -46.84 13.98
N SER A 155 15.28 -45.80 14.81
CA SER A 155 16.49 -45.01 15.01
C SER A 155 17.63 -45.77 15.65
N VAL A 156 17.38 -46.95 16.24
CA VAL A 156 18.47 -47.75 16.76
C VAL A 156 19.33 -48.30 15.63
N ASN A 157 18.76 -48.50 14.45
CA ASN A 157 19.54 -48.71 13.24
C ASN A 157 20.49 -47.52 13.06
N PRO A 158 21.81 -47.73 13.07
CA PRO A 158 22.73 -46.58 13.04
C PRO A 158 22.69 -45.80 11.74
N TYR A 159 22.29 -46.41 10.63
CA TYR A 159 22.17 -45.65 9.39
C TYR A 159 21.14 -44.52 9.51
N ARG A 160 20.15 -44.66 10.40
CA ARG A 160 19.19 -43.60 10.64
C ARG A 160 19.89 -42.34 11.18
N LEU A 161 20.74 -42.52 12.18
CA LEU A 161 21.40 -41.36 12.76
C LEU A 161 22.44 -40.77 11.81
N GLU A 162 23.07 -41.61 10.97
CA GLU A 162 23.97 -41.09 9.95
C GLU A 162 23.25 -40.17 8.96
N GLY A 163 22.04 -40.58 8.53
CA GLY A 163 21.27 -39.70 7.66
C GLY A 163 20.81 -38.45 8.38
N GLN A 164 20.39 -38.59 9.64
CA GLN A 164 19.81 -37.44 10.34
C GLN A 164 20.84 -36.39 10.73
N LYS A 165 22.13 -36.76 10.83
CA LYS A 165 23.15 -35.78 11.21
C LYS A 165 23.34 -34.71 10.14
N THR A 166 22.90 -34.96 8.90
CA THR A 166 23.08 -33.98 7.84
C THR A 166 22.32 -32.70 8.13
N ALA A 167 21.30 -32.77 8.98
CA ALA A 167 20.56 -31.56 9.33
C ALA A 167 21.47 -30.57 10.06
N ALA A 168 22.42 -31.07 10.86
CA ALA A 168 23.36 -30.16 11.51
C ALA A 168 24.32 -29.56 10.49
N PHE A 169 24.76 -30.37 9.51
CA PHE A 169 25.59 -29.82 8.43
C PHE A 169 24.87 -28.66 7.76
N GLU A 170 23.63 -28.89 7.35
CA GLU A 170 22.88 -27.87 6.62
C GLU A 170 22.73 -26.60 7.44
N VAL A 171 22.39 -26.72 8.73
CA VAL A 171 22.25 -25.54 9.59
C VAL A 171 23.53 -24.70 9.58
N CYS A 172 24.68 -25.36 9.71
CA CYS A 172 25.95 -24.61 9.67
C CYS A 172 26.12 -23.89 8.33
N GLU A 173 25.81 -24.56 7.23
CA GLU A 173 25.98 -23.96 5.91
C GLU A 173 25.00 -22.83 5.67
N GLN A 174 23.76 -22.98 6.14
CA GLN A 174 22.74 -21.97 5.89
C GLN A 174 22.90 -20.76 6.79
N LEU A 175 23.38 -20.96 8.02
CA LEU A 175 23.66 -19.84 8.92
C LEU A 175 25.02 -19.19 8.65
N GLY A 176 25.94 -19.91 8.03
CA GLY A 176 27.28 -19.43 7.81
C GLY A 176 28.23 -19.74 8.94
N GLU A 177 27.75 -20.42 9.98
CA GLU A 177 28.47 -20.74 11.19
C GLU A 177 27.54 -21.61 12.03
N ALA A 178 28.12 -22.30 13.02
CA ALA A 178 27.29 -23.01 13.97
C ALA A 178 26.57 -22.02 14.88
N PRO A 179 25.33 -22.29 15.26
CA PRO A 179 24.61 -21.42 16.19
C PRO A 179 25.13 -21.59 17.61
N ASP A 180 24.81 -20.61 18.47
CA ASP A 180 25.09 -20.75 19.90
C ASP A 180 24.29 -21.88 20.51
N VAL A 181 23.03 -22.03 20.10
CA VAL A 181 22.13 -23.00 20.71
C VAL A 181 21.39 -23.73 19.61
N LEU A 182 21.33 -25.04 19.69
CA LEU A 182 20.45 -25.86 18.86
C LEU A 182 19.34 -26.37 19.79
N ALA A 183 18.12 -25.88 19.58
CA ALA A 183 16.95 -26.26 20.36
C ALA A 183 16.13 -27.29 19.58
N ILE A 184 15.70 -28.35 20.25
CA ILE A 184 15.23 -29.53 19.51
C ILE A 184 14.28 -30.34 20.38
N PRO A 185 13.20 -30.90 19.82
CA PRO A 185 12.34 -31.79 20.60
C PRO A 185 13.06 -33.11 20.85
N VAL A 186 12.69 -33.74 21.96
CA VAL A 186 13.24 -35.04 22.30
C VAL A 186 12.08 -35.99 22.51
N GLY A 187 12.00 -37.03 21.69
CA GLY A 187 11.10 -38.13 21.94
C GLY A 187 11.91 -39.38 22.24
N ASN A 188 12.32 -40.08 21.19
CA ASN A 188 13.19 -41.26 21.32
C ASN A 188 14.67 -40.88 21.41
N ALA A 189 14.98 -39.59 21.36
CA ALA A 189 16.28 -38.96 21.56
C ALA A 189 17.30 -39.24 20.45
N GLY A 190 16.93 -39.90 19.36
CA GLY A 190 17.88 -40.09 18.27
C GLY A 190 18.30 -38.79 17.61
N ASN A 191 17.38 -37.83 17.48
CA ASN A 191 17.66 -36.64 16.67
C ASN A 191 18.68 -35.73 17.36
N ILE A 192 18.53 -35.47 18.65
CA ILE A 192 19.51 -34.64 19.33
C ILE A 192 20.89 -35.29 19.29
N SER A 193 20.94 -36.63 19.36
CA SER A 193 22.21 -37.34 19.25
C SER A 193 22.83 -37.14 17.87
N ALA A 194 22.00 -37.19 16.82
CA ALA A 194 22.50 -37.04 15.45
C ALA A 194 23.00 -35.63 15.18
N TYR A 195 22.24 -34.61 15.59
CA TYR A 195 22.71 -33.24 15.45
C TYR A 195 24.08 -33.05 16.12
N TRP A 196 24.20 -33.52 17.37
CA TRP A 196 25.47 -33.36 18.08
C TRP A 196 26.59 -34.07 17.34
N LYS A 197 26.36 -35.31 16.92
CA LYS A 197 27.36 -36.01 16.10
C LYS A 197 27.71 -35.18 14.87
N GLY A 198 26.71 -34.61 14.23
CA GLY A 198 26.96 -33.75 13.07
C GLY A 198 27.79 -32.52 13.40
N PHE A 199 27.45 -31.82 14.49
CA PHE A 199 28.21 -30.63 14.83
C PHE A 199 29.67 -30.96 15.14
N LYS A 200 29.92 -32.09 15.80
CA LYS A 200 31.31 -32.47 16.10
C LYS A 200 32.09 -32.77 14.82
N GLU A 201 31.48 -33.52 13.89
CA GLU A 201 32.17 -33.84 12.65
C GLU A 201 32.46 -32.58 11.85
N TYR A 202 31.53 -31.63 11.82
CA TYR A 202 31.74 -30.39 11.09
C TYR A 202 32.78 -29.52 11.79
N HIS A 203 32.76 -29.50 13.12
CA HIS A 203 33.81 -28.85 13.89
C HIS A 203 35.19 -29.38 13.50
N GLU A 204 35.33 -30.70 13.39
CA GLU A 204 36.64 -31.29 13.10
C GLU A 204 37.07 -31.03 11.66
N LYS A 205 36.15 -31.08 10.72
CA LYS A 205 36.50 -30.97 9.31
C LYS A 205 36.50 -29.54 8.79
N ASN A 206 35.67 -28.66 9.32
CA ASN A 206 35.50 -27.32 8.78
C ASN A 206 35.70 -26.20 9.80
N GLY A 207 35.95 -26.51 11.06
CA GLY A 207 36.25 -25.48 12.02
C GLY A 207 35.07 -24.73 12.60
N THR A 208 33.85 -25.15 12.32
CA THR A 208 32.70 -24.54 12.97
C THR A 208 32.71 -24.82 14.47
N SER A 209 32.01 -23.97 15.22
CA SER A 209 32.00 -24.07 16.67
C SER A 209 30.99 -25.13 17.13
N LEU A 210 30.91 -25.34 18.44
CA LEU A 210 30.09 -26.42 18.99
C LEU A 210 28.89 -25.81 19.70
N PRO A 211 27.67 -25.98 19.18
CA PRO A 211 26.51 -25.39 19.85
C PRO A 211 26.21 -26.09 21.17
N LYS A 212 25.53 -25.36 22.06
CA LYS A 212 24.90 -26.00 23.20
C LYS A 212 23.63 -26.71 22.72
N MET A 213 23.55 -28.01 23.02
CA MET A 213 22.41 -28.83 22.61
C MET A 213 21.33 -28.71 23.67
N ARG A 214 20.16 -28.18 23.29
CA ARG A 214 19.10 -27.89 24.25
C ARG A 214 17.84 -28.66 23.82
N GLY A 215 17.64 -29.82 24.45
CA GLY A 215 16.55 -30.70 24.12
C GLY A 215 15.37 -30.51 25.05
N PHE A 216 14.18 -30.76 24.52
CA PHE A 216 12.95 -30.54 25.29
C PHE A 216 11.99 -31.72 25.11
N GLU A 217 11.72 -32.41 26.21
CA GLU A 217 10.67 -33.42 26.28
C GLU A 217 9.35 -32.77 26.70
N ALA A 218 8.24 -33.41 26.30
CA ALA A 218 6.96 -33.04 26.88
C ALA A 218 6.91 -33.49 28.33
N GLU A 219 6.47 -32.59 29.22
CA GLU A 219 6.46 -32.89 30.66
C GLU A 219 5.87 -34.27 30.96
N GLY A 220 4.79 -34.64 30.28
CA GLY A 220 4.18 -35.94 30.55
C GLY A 220 4.98 -37.13 30.09
N SER A 221 6.04 -36.94 29.30
CA SER A 221 6.87 -38.04 28.81
C SER A 221 8.35 -37.75 29.06
N ALA A 222 8.68 -36.93 30.06
CA ALA A 222 10.05 -36.44 30.25
C ALA A 222 10.90 -37.44 31.02
N ALA A 223 11.07 -38.62 30.42
CA ALA A 223 11.77 -39.71 31.08
C ALA A 223 13.21 -39.31 31.40
N ILE A 224 13.87 -38.59 30.48
CA ILE A 224 15.26 -38.22 30.70
C ILE A 224 15.37 -37.16 31.80
N VAL A 225 14.43 -36.20 31.83
CA VAL A 225 14.47 -35.15 32.85
C VAL A 225 14.23 -35.73 34.24
N ARG A 226 13.28 -36.67 34.35
CA ARG A 226 12.99 -37.35 35.61
C ARG A 226 14.04 -38.40 35.94
N ASN A 227 14.91 -38.74 35.00
CA ASN A 227 15.89 -39.83 35.17
C ASN A 227 15.18 -41.14 35.51
N GLU A 228 13.99 -41.34 34.93
CA GLU A 228 13.24 -42.56 35.16
C GLU A 228 12.42 -42.91 33.93
N VAL A 229 12.37 -44.20 33.60
CA VAL A 229 11.45 -44.70 32.60
C VAL A 229 10.02 -44.37 33.02
N ILE A 230 9.24 -43.85 32.09
CA ILE A 230 7.83 -43.54 32.32
C ILE A 230 7.01 -44.63 31.65
N GLU A 231 6.24 -45.37 32.47
CA GLU A 231 5.52 -46.53 31.96
C GLU A 231 4.26 -46.15 31.20
N ASN A 232 3.67 -45.00 31.51
CA ASN A 232 2.47 -44.51 30.84
C ASN A 232 2.68 -43.06 30.43
N PRO A 233 3.57 -42.81 29.46
CA PRO A 233 3.81 -41.43 29.03
C PRO A 233 2.54 -40.80 28.49
N GLU A 234 2.42 -39.50 28.69
CA GLU A 234 1.26 -38.79 28.16
C GLU A 234 1.74 -37.49 27.54
N THR A 235 0.95 -36.98 26.60
CA THR A 235 1.07 -35.63 26.04
C THR A 235 0.19 -35.52 24.81
N ILE A 236 -0.42 -34.34 24.61
CA ILE A 236 -1.19 -34.10 23.39
C ILE A 236 -0.28 -34.11 22.17
N ALA A 237 1.02 -33.90 22.37
CA ALA A 237 2.00 -33.90 21.27
C ALA A 237 2.43 -35.33 21.03
N THR A 238 1.57 -36.08 20.32
CA THR A 238 1.73 -37.53 20.25
C THR A 238 3.00 -37.95 19.55
N ALA A 239 3.61 -37.06 18.75
CA ALA A 239 4.89 -37.38 18.12
C ALA A 239 5.94 -37.80 19.15
N ILE A 240 5.92 -37.19 20.34
CA ILE A 240 6.99 -37.37 21.32
C ILE A 240 6.46 -38.00 22.60
N ARG A 241 5.40 -38.79 22.47
CA ARG A 241 4.76 -39.50 23.59
C ARG A 241 5.49 -40.82 23.83
N ILE A 242 6.67 -40.69 24.44
CA ILE A 242 7.67 -41.75 24.49
C ILE A 242 8.33 -41.72 25.86
N GLY A 243 8.21 -42.81 26.60
CA GLY A 243 8.67 -42.79 27.98
C GLY A 243 9.92 -43.58 28.27
N ASN A 244 10.53 -44.22 27.28
CA ASN A 244 11.80 -44.94 27.44
C ASN A 244 12.66 -44.74 26.21
N PRO A 245 13.20 -43.53 26.01
CA PRO A 245 13.90 -43.22 24.75
C PRO A 245 15.04 -44.18 24.49
N ALA A 246 15.08 -44.71 23.26
CA ALA A 246 16.10 -45.70 22.90
C ALA A 246 17.50 -45.09 22.82
N SER A 247 17.63 -43.78 22.60
CA SER A 247 18.93 -43.13 22.54
C SER A 247 19.18 -42.26 23.76
N TRP A 248 18.57 -42.64 24.89
CA TRP A 248 18.76 -41.97 26.17
C TRP A 248 20.23 -41.62 26.47
N ASP A 249 21.13 -42.61 26.40
CA ASP A 249 22.50 -42.35 26.83
C ASP A 249 23.24 -41.42 25.87
N LYS A 250 23.05 -41.60 24.55
CA LYS A 250 23.64 -40.68 23.58
C LYS A 250 23.14 -39.25 23.80
N ALA A 251 21.85 -39.09 24.12
CA ALA A 251 21.29 -37.75 24.31
C ALA A 251 21.83 -37.07 25.55
N VAL A 252 21.93 -37.81 26.66
CA VAL A 252 22.55 -37.26 27.85
C VAL A 252 24.00 -36.91 27.57
N LYS A 253 24.71 -37.78 26.84
CA LYS A 253 26.08 -37.45 26.45
C LYS A 253 26.13 -36.18 25.60
N ALA A 254 25.21 -36.04 24.64
CA ALA A 254 25.20 -34.82 23.83
C ALA A 254 25.03 -33.57 24.70
N ALA A 255 24.09 -33.63 25.64
CA ALA A 255 23.88 -32.48 26.53
C ALA A 255 25.13 -32.20 27.33
N GLU A 256 25.77 -33.24 27.84
CA GLU A 256 26.94 -33.05 28.69
C GLU A 256 28.13 -32.56 27.88
N GLU A 257 28.44 -33.23 26.77
CA GLU A 257 29.60 -32.84 26.00
C GLU A 257 29.46 -31.43 25.43
N SER A 258 28.22 -30.99 25.13
CA SER A 258 27.99 -29.69 24.52
C SER A 258 27.79 -28.57 25.53
N ASN A 259 27.78 -28.87 26.83
CA ASN A 259 27.39 -27.91 27.86
C ASN A 259 25.95 -27.45 27.65
N GLY A 260 25.10 -28.36 27.19
CA GLY A 260 23.69 -28.12 27.01
C GLY A 260 22.84 -28.73 28.10
N LYS A 261 21.65 -29.18 27.74
CA LYS A 261 20.69 -29.57 28.77
C LYS A 261 19.49 -30.22 28.11
N ILE A 262 18.93 -31.23 28.76
CA ILE A 262 17.63 -31.75 28.41
C ILE A 262 16.64 -31.26 29.45
N ASP A 263 15.61 -30.57 28.99
CA ASP A 263 14.63 -29.89 29.80
C ASP A 263 13.28 -30.45 29.42
N GLU A 264 12.22 -29.92 30.05
CA GLU A 264 10.86 -30.34 29.77
C GLU A 264 9.98 -29.12 29.56
N VAL A 265 8.90 -29.29 28.82
CA VAL A 265 7.93 -28.23 28.58
C VAL A 265 6.54 -28.83 28.80
N THR A 266 5.64 -28.05 29.38
CA THR A 266 4.28 -28.55 29.57
C THR A 266 3.52 -28.56 28.25
N ASP A 267 2.41 -29.30 28.23
CA ASP A 267 1.53 -29.27 27.07
C ASP A 267 1.02 -27.86 26.80
N ASP A 268 0.70 -27.10 27.85
CA ASP A 268 0.23 -25.73 27.62
C ASP A 268 1.34 -24.87 27.02
N GLU A 269 2.59 -25.10 27.44
CA GLU A 269 3.70 -24.37 26.84
C GLU A 269 3.87 -24.75 25.37
N ILE A 270 3.76 -26.04 25.07
CA ILE A 270 3.85 -26.52 23.69
C ILE A 270 2.75 -25.90 22.84
N LEU A 271 1.51 -25.91 23.35
CA LEU A 271 0.39 -25.43 22.53
C LEU A 271 0.47 -23.92 22.31
N HIS A 272 1.02 -23.19 23.27
CA HIS A 272 1.21 -21.77 23.08
C HIS A 272 2.22 -21.51 21.97
N ALA A 273 3.35 -22.21 21.99
CA ALA A 273 4.36 -22.02 20.95
C ALA A 273 3.83 -22.45 19.60
N TYR A 274 3.04 -23.52 19.60
CA TYR A 274 2.36 -24.02 18.40
C TYR A 274 1.55 -22.91 17.72
N GLN A 275 0.72 -22.21 18.49
CA GLN A 275 -0.07 -21.14 17.90
C GLN A 275 0.78 -19.91 17.62
N LEU A 276 1.75 -19.65 18.49
CA LEU A 276 2.58 -18.45 18.37
C LEU A 276 3.25 -18.35 17.00
N ILE A 277 3.98 -19.39 16.61
CA ILE A 277 4.76 -19.26 15.38
C ILE A 277 3.86 -19.19 14.17
N ALA A 278 2.71 -19.87 14.20
CA ALA A 278 1.79 -19.79 13.06
C ALA A 278 1.16 -18.41 12.94
N ARG A 279 0.71 -17.85 14.08
CA ARG A 279 0.02 -16.55 14.07
C ARG A 279 0.97 -15.40 13.79
N GLU A 280 2.17 -15.44 14.35
CA GLU A 280 3.08 -14.31 14.24
C GLU A 280 4.05 -14.44 13.08
N GLU A 281 4.40 -15.64 12.65
CA GLU A 281 5.40 -15.78 11.60
C GLU A 281 4.93 -16.54 10.37
N GLY A 282 3.70 -17.04 10.34
CA GLY A 282 3.25 -17.80 9.19
C GLY A 282 3.91 -19.16 9.05
N VAL A 283 4.40 -19.74 10.13
CA VAL A 283 5.08 -21.02 10.10
C VAL A 283 4.26 -22.00 10.92
N PHE A 284 3.86 -23.11 10.28
CA PHE A 284 2.94 -24.08 10.87
C PHE A 284 3.65 -25.42 11.05
N ALA A 285 3.92 -25.80 12.29
CA ALA A 285 4.53 -27.08 12.59
C ALA A 285 3.66 -27.88 13.55
N GLU A 286 3.81 -29.21 13.52
CA GLU A 286 2.99 -30.06 14.38
C GLU A 286 3.36 -29.83 15.85
N PRO A 287 2.45 -30.19 16.78
CA PRO A 287 2.69 -29.84 18.20
C PRO A 287 4.02 -30.32 18.75
N GLY A 288 4.40 -31.57 18.49
CA GLY A 288 5.64 -32.09 19.05
C GLY A 288 6.86 -31.27 18.62
N SER A 289 6.83 -30.78 17.38
CA SER A 289 7.89 -29.90 16.88
C SER A 289 8.00 -28.63 17.70
N CYS A 290 6.87 -28.09 18.15
CA CYS A 290 6.89 -26.82 18.86
C CYS A 290 7.42 -26.93 20.28
N ALA A 291 7.79 -28.13 20.73
CA ALA A 291 8.53 -28.23 21.99
C ALA A 291 9.82 -27.44 21.94
N SER A 292 10.46 -27.37 20.76
CA SER A 292 11.72 -26.64 20.68
C SER A 292 11.50 -25.14 20.87
N ILE A 293 10.43 -24.61 20.26
CA ILE A 293 10.12 -23.19 20.43
C ILE A 293 9.67 -22.89 21.85
N ALA A 294 8.77 -23.73 22.38
CA ALA A 294 8.40 -23.62 23.79
C ALA A 294 9.64 -23.66 24.68
N GLY A 295 10.59 -24.53 24.35
CA GLY A 295 11.82 -24.60 25.11
C GLY A 295 12.64 -23.33 25.02
N VAL A 296 12.65 -22.69 23.86
CA VAL A 296 13.36 -21.42 23.72
C VAL A 296 12.70 -20.35 24.55
N LEU A 297 11.37 -20.27 24.52
CA LEU A 297 10.70 -19.25 25.33
C LEU A 297 10.99 -19.44 26.81
N LYS A 298 10.94 -20.69 27.29
CA LYS A 298 11.22 -20.97 28.70
C LYS A 298 12.65 -20.57 29.07
N GLN A 299 13.63 -20.89 28.23
CA GLN A 299 15.00 -20.65 28.65
C GLN A 299 15.50 -19.26 28.31
N VAL A 300 14.86 -18.57 27.37
CA VAL A 300 15.12 -17.14 27.21
C VAL A 300 14.62 -16.39 28.44
N LYS A 301 13.43 -16.75 28.93
CA LYS A 301 12.87 -16.15 30.14
C LYS A 301 13.81 -16.31 31.33
N SER A 302 14.37 -17.50 31.52
CA SER A 302 15.20 -17.77 32.68
C SER A 302 16.62 -17.23 32.54
N GLY A 303 17.05 -16.85 31.34
CA GLY A 303 18.43 -16.50 31.09
C GLY A 303 19.34 -17.65 30.68
N GLU A 304 18.85 -18.89 30.70
CA GLU A 304 19.68 -20.01 30.26
C GLU A 304 20.04 -19.90 28.79
N ILE A 305 19.22 -19.21 28.01
CA ILE A 305 19.60 -18.75 26.67
C ILE A 305 19.85 -17.26 26.77
N PRO A 306 21.10 -16.81 26.76
CA PRO A 306 21.37 -15.37 26.94
C PRO A 306 20.78 -14.56 25.81
N LYS A 307 20.31 -13.36 26.15
CA LYS A 307 19.92 -12.38 25.15
C LYS A 307 21.04 -12.23 24.11
N GLY A 308 20.65 -12.02 22.86
CA GLY A 308 21.59 -11.90 21.77
C GLY A 308 22.09 -13.20 21.18
N SER A 309 21.74 -14.34 21.76
CA SER A 309 22.18 -15.63 21.23
C SER A 309 21.62 -15.85 19.83
N LYS A 310 22.39 -16.54 18.99
CA LYS A 310 21.92 -17.03 17.71
C LYS A 310 21.41 -18.44 17.92
N VAL A 311 20.09 -18.62 17.78
CA VAL A 311 19.42 -19.84 18.18
C VAL A 311 18.74 -20.44 16.97
N VAL A 312 18.92 -21.75 16.79
CA VAL A 312 18.21 -22.52 15.78
C VAL A 312 17.29 -23.49 16.51
N ALA A 313 15.99 -23.36 16.27
CA ALA A 313 15.00 -24.31 16.76
C ALA A 313 14.59 -25.22 15.62
N VAL A 314 14.65 -26.53 15.86
CA VAL A 314 14.27 -27.51 14.83
C VAL A 314 12.77 -27.70 14.86
N LEU A 315 12.12 -27.45 13.73
CA LEU A 315 10.67 -27.69 13.58
C LEU A 315 10.54 -29.00 12.80
N THR A 316 10.37 -30.08 13.56
CA THR A 316 10.63 -31.42 13.07
C THR A 316 9.57 -31.92 12.10
N GLY A 317 8.35 -31.40 12.17
CA GLY A 317 7.25 -31.97 11.42
C GLY A 317 6.27 -30.91 10.94
N ASN A 318 5.67 -31.20 9.78
CA ASN A 318 4.71 -30.33 9.13
C ASN A 318 3.44 -30.23 9.97
N GLY A 319 2.93 -29.00 10.14
CA GLY A 319 1.68 -28.83 10.86
C GLY A 319 0.52 -29.60 10.26
N LEU A 320 0.55 -29.85 8.94
CA LEU A 320 -0.48 -30.63 8.28
C LEU A 320 -0.54 -32.08 8.77
N LYS A 321 0.49 -32.55 9.47
CA LYS A 321 0.44 -33.90 10.05
C LYS A 321 -0.74 -34.07 11.00
N ASP A 322 -1.13 -33.03 11.71
CA ASP A 322 -2.07 -33.15 12.83
C ASP A 322 -3.14 -32.07 12.75
N PRO A 323 -4.08 -32.20 11.81
CA PRO A 323 -5.13 -31.18 11.71
C PRO A 323 -6.08 -31.16 12.90
N ASN A 324 -6.23 -32.26 13.63
CA ASN A 324 -7.19 -32.27 14.73
C ASN A 324 -6.80 -31.31 15.86
N THR A 325 -5.54 -31.37 16.31
CA THR A 325 -5.11 -30.45 17.36
C THR A 325 -5.34 -29.00 16.93
N ALA A 326 -4.98 -28.68 15.69
CA ALA A 326 -5.13 -27.31 15.19
C ALA A 326 -6.56 -26.82 15.38
N VAL A 327 -7.54 -27.59 14.92
CA VAL A 327 -8.92 -27.12 15.01
C VAL A 327 -9.46 -27.26 16.43
N ASP A 328 -8.98 -28.27 17.17
CA ASP A 328 -9.49 -28.50 18.52
C ASP A 328 -9.13 -27.38 19.47
N ILE A 329 -7.94 -26.79 19.33
CA ILE A 329 -7.45 -25.89 20.37
C ILE A 329 -7.68 -24.43 19.98
N SER A 330 -7.71 -24.16 18.69
CA SER A 330 -7.66 -22.79 18.24
C SER A 330 -9.00 -22.10 18.44
N GLU A 331 -8.92 -20.88 18.96
CA GLU A 331 -10.07 -20.03 19.23
C GLU A 331 -10.68 -19.50 17.95
N ILE A 332 -9.97 -19.59 16.83
CA ILE A 332 -10.46 -19.09 15.54
C ILE A 332 -11.35 -20.17 14.92
N LYS A 333 -12.58 -19.80 14.60
CA LYS A 333 -13.49 -20.75 13.97
C LYS A 333 -14.16 -20.10 12.78
N PRO A 334 -14.49 -20.89 11.75
CA PRO A 334 -15.26 -20.34 10.62
C PRO A 334 -16.65 -19.91 11.07
N VAL A 335 -17.02 -18.69 10.75
CA VAL A 335 -18.37 -18.18 10.97
C VAL A 335 -19.15 -18.36 9.67
N THR A 336 -20.36 -18.87 9.76
CA THR A 336 -21.16 -19.23 8.58
C THR A 336 -22.13 -18.10 8.28
N LEU A 337 -22.09 -17.59 7.06
CA LEU A 337 -22.86 -16.44 6.63
C LEU A 337 -23.64 -16.79 5.38
N PRO A 338 -24.76 -16.11 5.12
CA PRO A 338 -25.49 -16.37 3.88
C PRO A 338 -24.67 -15.89 2.69
N THR A 339 -24.92 -16.51 1.54
CA THR A 339 -24.20 -16.18 0.31
C THR A 339 -24.79 -14.86 -0.19
N ASN A 340 -24.37 -13.80 0.46
CA ASN A 340 -24.96 -12.48 0.24
C ASN A 340 -23.89 -11.45 0.54
N GLU A 341 -23.53 -10.67 -0.49
CA GLU A 341 -22.43 -9.73 -0.34
C GLU A 341 -22.68 -8.73 0.78
N ASP A 342 -23.93 -8.26 0.91
CA ASP A 342 -24.22 -7.23 1.91
C ASP A 342 -24.06 -7.75 3.33
N SER A 343 -24.56 -8.96 3.61
CA SER A 343 -24.38 -9.55 4.93
C SER A 343 -22.89 -9.72 5.24
N ILE A 344 -22.13 -10.25 4.28
CA ILE A 344 -20.71 -10.53 4.51
C ILE A 344 -19.96 -9.24 4.77
N LEU A 345 -20.15 -8.23 3.89
CA LEU A 345 -19.49 -6.95 4.08
C LEU A 345 -19.87 -6.33 5.41
N GLU A 346 -21.15 -6.44 5.79
CA GLU A 346 -21.57 -5.94 7.10
C GLU A 346 -20.85 -6.66 8.22
N TYR A 347 -20.73 -7.99 8.12
CA TYR A 347 -19.97 -8.74 9.12
C TYR A 347 -18.51 -8.32 9.14
N VAL A 348 -17.90 -8.19 7.97
CA VAL A 348 -16.51 -7.74 7.87
C VAL A 348 -16.31 -6.43 8.60
N LYS A 349 -17.21 -5.46 8.39
CA LYS A 349 -17.03 -4.16 9.02
C LYS A 349 -17.40 -4.17 10.50
N GLY A 350 -18.38 -4.99 10.88
CA GLY A 350 -18.80 -5.03 12.27
C GLY A 350 -18.16 -6.14 13.07
N ALA A 351 -16.84 -6.25 12.98
CA ALA A 351 -16.09 -7.33 13.61
C ALA A 351 -14.59 -7.09 13.46
N ALA B 2 -23.54 22.82 -4.12
CA ALA B 2 -22.28 22.18 -4.52
C ALA B 2 -21.41 21.81 -3.32
N SER B 3 -21.94 20.94 -2.44
CA SER B 3 -21.27 20.66 -1.18
C SER B 3 -19.95 19.94 -1.41
N TRP B 4 -18.94 20.28 -0.62
CA TRP B 4 -17.62 19.69 -0.77
C TRP B 4 -16.92 19.62 0.58
N LYS B 5 -16.57 18.42 1.02
CA LYS B 5 -15.99 18.24 2.35
C LYS B 5 -14.55 17.77 2.32
N GLY B 6 -13.94 17.64 1.15
CA GLY B 6 -12.57 17.18 1.02
C GLY B 6 -12.50 15.79 0.39
N LEU B 7 -11.26 15.35 0.16
CA LEU B 7 -11.05 14.17 -0.69
C LEU B 7 -11.46 12.90 0.02
N ILE B 8 -11.18 12.80 1.32
CA ILE B 8 -11.38 11.54 2.03
C ILE B 8 -12.85 11.18 2.07
N HIS B 9 -13.73 12.18 2.19
CA HIS B 9 -15.16 11.91 2.15
C HIS B 9 -15.66 11.67 0.73
N GLN B 10 -15.28 12.54 -0.20
CA GLN B 10 -15.90 12.54 -1.52
C GLN B 10 -15.46 11.36 -2.37
N TYR B 11 -14.21 10.91 -2.22
CA TYR B 11 -13.70 9.81 -3.03
C TYR B 11 -13.38 8.58 -2.18
N LYS B 12 -14.10 8.41 -1.07
CA LYS B 12 -13.86 7.30 -0.13
C LYS B 12 -13.76 5.96 -0.83
N GLU B 13 -14.62 5.71 -1.82
CA GLU B 13 -14.65 4.42 -2.49
C GLU B 13 -13.36 4.12 -3.26
N PHE B 14 -12.58 5.15 -3.61
CA PHE B 14 -11.38 4.97 -4.40
C PHE B 14 -10.10 5.11 -3.57
N LEU B 15 -10.22 5.21 -2.26
CA LEU B 15 -9.10 5.54 -1.41
C LEU B 15 -8.96 4.50 -0.31
N PRO B 16 -7.76 4.35 0.26
CA PRO B 16 -7.59 3.43 1.41
C PRO B 16 -8.13 4.03 2.71
N VAL B 17 -9.45 4.24 2.76
CA VAL B 17 -10.09 4.89 3.90
C VAL B 17 -11.15 3.94 4.47
N THR B 18 -11.09 3.75 5.79
CA THR B 18 -12.15 3.05 6.53
C THR B 18 -12.62 3.87 7.71
N ASP B 19 -13.44 3.25 8.57
CA ASP B 19 -13.89 3.91 9.80
C ASP B 19 -12.72 4.24 10.72
N GLN B 20 -11.62 3.49 10.65
CA GLN B 20 -10.43 3.82 11.42
C GLN B 20 -9.74 5.09 10.95
N THR B 21 -10.01 5.52 9.73
CA THR B 21 -9.26 6.66 9.20
C THR B 21 -9.78 7.95 9.81
N PRO B 22 -8.91 8.79 10.37
CA PRO B 22 -9.33 10.11 10.84
C PRO B 22 -9.98 10.91 9.72
N ALA B 23 -10.99 11.70 10.09
CA ALA B 23 -11.68 12.58 9.14
C ALA B 23 -10.88 13.87 8.92
N LEU B 24 -9.68 13.72 8.39
CA LEU B 24 -8.79 14.85 8.18
C LEU B 24 -9.16 15.57 6.89
N THR B 25 -9.34 16.89 6.95
CA THR B 25 -9.68 17.64 5.75
C THR B 25 -9.33 19.12 5.93
N LEU B 26 -8.80 19.71 4.87
CA LEU B 26 -8.80 21.16 4.67
C LEU B 26 -9.66 21.53 3.47
N HIS B 27 -10.58 20.64 3.09
CA HIS B 27 -11.50 20.82 1.97
C HIS B 27 -10.75 20.90 0.64
N GLU B 28 -9.59 20.25 0.57
CA GLU B 28 -8.79 20.18 -0.64
C GLU B 28 -9.54 19.46 -1.77
N GLY B 29 -9.05 19.67 -2.98
CA GLY B 29 -9.66 19.04 -4.14
C GLY B 29 -10.83 19.85 -4.69
N ASN B 30 -11.49 19.27 -5.69
CA ASN B 30 -12.61 19.92 -6.38
C ASN B 30 -12.18 21.26 -6.97
N THR B 31 -10.99 21.28 -7.58
CA THR B 31 -10.48 22.56 -8.04
C THR B 31 -10.98 22.88 -9.44
N PRO B 32 -11.05 24.16 -9.78
CA PRO B 32 -11.55 24.57 -11.10
C PRO B 32 -10.81 23.92 -12.26
N LEU B 33 -11.57 23.64 -13.32
CA LEU B 33 -11.02 23.30 -14.63
C LEU B 33 -11.48 24.40 -15.58
N ILE B 34 -10.56 25.27 -15.96
CA ILE B 34 -10.89 26.55 -16.59
C ILE B 34 -10.58 26.48 -18.08
N HIS B 35 -11.58 26.74 -18.91
CA HIS B 35 -11.36 26.82 -20.35
C HIS B 35 -10.57 28.07 -20.69
N LEU B 36 -9.59 27.93 -21.59
CA LEU B 36 -8.77 29.05 -22.05
C LEU B 36 -9.19 29.38 -23.48
N PRO B 37 -10.20 30.24 -23.68
CA PRO B 37 -10.72 30.44 -25.04
C PRO B 37 -9.77 31.18 -25.96
N LYS B 38 -9.01 32.15 -25.45
CA LYS B 38 -8.10 32.89 -26.32
C LYS B 38 -6.90 32.06 -26.73
N LEU B 39 -6.32 31.31 -25.79
CA LEU B 39 -5.18 30.49 -26.14
C LEU B 39 -5.61 29.32 -27.01
N SER B 40 -6.80 28.76 -26.75
CA SER B 40 -7.36 27.72 -27.60
C SER B 40 -7.43 28.17 -29.06
N GLU B 41 -7.87 29.41 -29.27
CA GLU B 41 -8.01 29.93 -30.63
C GLU B 41 -6.65 30.11 -31.29
N GLN B 42 -5.71 30.74 -30.59
CA GLN B 42 -4.39 30.95 -31.16
C GLN B 42 -3.74 29.63 -31.55
N LEU B 43 -3.86 28.62 -30.69
CA LEU B 43 -3.20 27.34 -30.93
C LEU B 43 -4.01 26.40 -31.80
N GLY B 44 -5.31 26.63 -31.95
CA GLY B 44 -6.11 25.70 -32.72
C GLY B 44 -6.41 24.41 -31.99
N ILE B 45 -6.51 24.47 -30.67
CA ILE B 45 -6.86 23.33 -29.85
C ILE B 45 -7.96 23.76 -28.89
N GLU B 46 -8.49 22.81 -28.13
CA GLU B 46 -9.37 23.10 -27.00
C GLU B 46 -8.58 22.82 -25.73
N LEU B 47 -8.20 23.90 -25.04
CA LEU B 47 -7.27 23.84 -23.91
C LEU B 47 -7.97 24.31 -22.65
N HIS B 48 -7.98 23.45 -21.63
CA HIS B 48 -8.39 23.79 -20.28
C HIS B 48 -7.19 23.65 -19.35
N VAL B 49 -7.23 24.38 -18.24
CA VAL B 49 -6.21 24.26 -17.20
C VAL B 49 -6.86 23.83 -15.88
N LYS B 50 -6.32 22.77 -15.29
CA LYS B 50 -6.68 22.34 -13.94
C LYS B 50 -5.91 23.20 -12.95
N THR B 51 -6.60 24.14 -12.28
CA THR B 51 -5.93 25.17 -11.46
C THR B 51 -5.79 24.66 -10.03
N GLU B 52 -4.68 23.99 -9.77
CA GLU B 52 -4.48 23.37 -8.46
C GLU B 52 -4.00 24.35 -7.39
N GLY B 53 -3.71 25.59 -7.77
CA GLY B 53 -3.32 26.64 -6.83
C GLY B 53 -4.43 27.06 -5.87
N VAL B 54 -5.67 26.65 -6.12
CA VAL B 54 -6.76 26.96 -5.21
C VAL B 54 -6.95 25.91 -4.12
N ASN B 55 -6.09 24.87 -4.08
CA ASN B 55 -6.04 23.98 -2.94
C ASN B 55 -5.63 24.77 -1.69
N PRO B 56 -5.90 24.24 -0.49
CA PRO B 56 -5.70 25.06 0.72
C PRO B 56 -4.30 25.59 0.94
N THR B 57 -3.25 24.79 0.70
CA THR B 57 -1.89 25.36 0.77
C THR B 57 -1.40 25.85 -0.58
N GLY B 58 -2.25 25.86 -1.61
CA GLY B 58 -1.89 26.45 -2.88
C GLY B 58 -1.16 25.56 -3.86
N SER B 59 -1.23 24.24 -3.71
CA SER B 59 -0.65 23.34 -4.70
C SER B 59 -1.39 22.02 -4.67
N PHE B 60 -1.24 21.23 -5.74
CA PHE B 60 -1.83 19.90 -5.77
C PHE B 60 -1.29 18.97 -4.68
N LYS B 61 -0.21 19.34 -3.99
CA LYS B 61 0.34 18.47 -2.94
C LYS B 61 -0.67 18.15 -1.86
N ASP B 62 -1.67 19.02 -1.65
CA ASP B 62 -2.67 18.77 -0.62
C ASP B 62 -3.41 17.47 -0.86
N ARG B 63 -3.62 17.09 -2.12
CA ARG B 63 -4.36 15.87 -2.43
C ARG B 63 -3.65 14.66 -1.87
N GLY B 64 -2.33 14.58 -2.08
CA GLY B 64 -1.59 13.46 -1.56
C GLY B 64 -1.36 13.59 -0.06
N MET B 65 -1.15 14.83 0.41
CA MET B 65 -0.79 15.02 1.81
C MET B 65 -1.95 14.73 2.74
N VAL B 66 -3.19 15.02 2.34
CA VAL B 66 -4.28 14.71 3.26
C VAL B 66 -4.35 13.19 3.45
N MET B 67 -4.14 12.43 2.38
CA MET B 67 -4.17 10.97 2.50
C MET B 67 -2.99 10.49 3.33
N ALA B 68 -1.78 10.98 3.03
CA ALA B 68 -0.60 10.47 3.73
C ALA B 68 -0.68 10.77 5.22
N VAL B 69 -1.12 11.97 5.59
CA VAL B 69 -1.12 12.35 7.00
C VAL B 69 -2.24 11.64 7.74
N ALA B 70 -3.42 11.49 7.11
CA ALA B 70 -4.48 10.73 7.76
C ALA B 70 -4.08 9.28 8.01
N LYS B 71 -3.37 8.65 7.07
CA LYS B 71 -2.94 7.28 7.29
C LYS B 71 -1.83 7.20 8.33
N ALA B 72 -0.90 8.17 8.33
CA ALA B 72 0.13 8.21 9.36
C ALA B 72 -0.48 8.32 10.76
N LYS B 73 -1.46 9.21 10.91
CA LYS B 73 -2.15 9.36 12.18
C LYS B 73 -2.95 8.11 12.54
N GLU B 74 -3.60 7.50 11.53
CA GLU B 74 -4.32 6.25 11.73
C GLU B 74 -3.41 5.18 12.29
N GLU B 75 -2.16 5.14 11.83
CA GLU B 75 -1.21 4.14 12.30
C GLU B 75 -0.66 4.44 13.68
N GLY B 76 -0.96 5.59 14.24
CA GLY B 76 -0.49 5.93 15.56
C GLY B 76 0.78 6.77 15.57
N ASN B 77 1.24 7.25 14.43
CA ASN B 77 2.37 8.15 14.38
C ASN B 77 2.03 9.49 15.01
N ASP B 78 3.06 10.16 15.53
CA ASP B 78 2.90 11.53 15.99
C ASP B 78 3.75 12.52 15.22
N THR B 79 4.61 12.06 14.31
CA THR B 79 5.54 12.92 13.59
C THR B 79 5.59 12.48 12.13
N ILE B 80 5.67 13.46 11.23
CA ILE B 80 5.91 13.19 9.81
C ILE B 80 7.15 13.97 9.37
N MET B 81 7.71 13.53 8.25
CA MET B 81 8.90 14.18 7.69
C MET B 81 8.86 14.09 6.16
N CYS B 82 9.39 15.13 5.51
CA CYS B 82 9.58 15.08 4.07
C CYS B 82 10.73 16.00 3.66
N ALA B 83 11.32 15.70 2.50
CA ALA B 83 12.14 16.65 1.77
C ALA B 83 11.25 17.38 0.78
N SER B 84 11.60 18.63 0.46
CA SER B 84 10.70 19.39 -0.40
C SER B 84 11.41 20.54 -1.11
N THR B 85 10.95 20.83 -2.32
CA THR B 85 11.25 22.10 -2.96
C THR B 85 10.29 23.20 -2.51
N GLY B 86 9.45 22.92 -1.52
CA GLY B 86 8.61 23.95 -0.92
C GLY B 86 7.14 23.62 -0.82
N ASN B 87 6.56 22.99 -1.84
CA ASN B 87 5.12 22.79 -1.82
C ASN B 87 4.71 21.55 -1.02
N THR B 88 5.49 20.48 -1.12
CA THR B 88 5.19 19.31 -0.30
C THR B 88 5.38 19.63 1.17
N SER B 89 6.43 20.41 1.51
CA SER B 89 6.62 20.79 2.91
C SER B 89 5.52 21.73 3.39
N ALA B 90 5.03 22.63 2.52
CA ALA B 90 3.95 23.49 2.98
C ALA B 90 2.70 22.68 3.28
N ALA B 91 2.41 21.69 2.43
CA ALA B 91 1.25 20.84 2.64
C ALA B 91 1.43 19.97 3.89
N ALA B 92 2.58 19.31 4.03
CA ALA B 92 2.86 18.52 5.22
C ALA B 92 2.67 19.35 6.48
N ALA B 93 3.20 20.58 6.50
CA ALA B 93 3.11 21.40 7.72
C ALA B 93 1.66 21.73 8.07
N ALA B 94 0.85 22.07 7.05
CA ALA B 94 -0.53 22.44 7.32
C ALA B 94 -1.35 21.25 7.80
N TYR B 95 -1.22 20.10 7.12
CA TYR B 95 -2.01 18.94 7.55
C TYR B 95 -1.53 18.41 8.90
N ALA B 96 -0.24 18.51 9.18
CA ALA B 96 0.26 18.09 10.50
C ALA B 96 -0.33 18.97 11.60
N ALA B 97 -0.35 20.28 11.37
CA ALA B 97 -0.95 21.18 12.34
C ALA B 97 -2.42 20.84 12.55
N ARG B 98 -3.14 20.59 11.45
CA ARG B 98 -4.55 20.23 11.56
C ARG B 98 -4.73 18.91 12.30
N ALA B 99 -3.87 17.92 12.03
CA ALA B 99 -3.96 16.61 12.65
C ALA B 99 -3.26 16.52 14.01
N ASN B 100 -2.75 17.63 14.53
CA ASN B 100 -2.00 17.65 15.78
C ASN B 100 -0.78 16.74 15.72
N MET B 101 0.05 16.93 14.71
CA MET B 101 1.26 16.14 14.54
C MET B 101 2.47 17.05 14.34
N LYS B 102 3.63 16.59 14.83
CA LYS B 102 4.87 17.29 14.57
C LYS B 102 5.31 17.06 13.13
N CYS B 103 5.98 18.04 12.55
CA CYS B 103 6.32 18.00 11.14
C CYS B 103 7.74 18.49 10.94
N ILE B 104 8.60 17.62 10.38
CA ILE B 104 9.99 17.97 10.05
C ILE B 104 10.12 18.03 8.55
N VAL B 105 10.72 19.11 8.04
CA VAL B 105 10.92 19.27 6.60
C VAL B 105 12.37 19.62 6.35
N ILE B 106 12.97 19.00 5.33
CA ILE B 106 14.33 19.31 4.91
C ILE B 106 14.29 19.96 3.54
N ILE B 107 14.75 21.20 3.46
CA ILE B 107 14.64 21.98 2.23
C ILE B 107 16.02 22.40 1.73
N PRO B 108 16.21 22.57 0.43
CA PRO B 108 17.51 23.04 -0.08
C PRO B 108 17.65 24.54 0.16
N ASN B 109 18.74 24.92 0.83
CA ASN B 109 18.96 26.32 1.15
C ASN B 109 18.91 27.18 -0.10
N GLY B 110 18.20 28.29 -0.01
CA GLY B 110 18.11 29.23 -1.10
C GLY B 110 17.37 28.75 -2.33
N LYS B 111 16.71 27.59 -2.26
CA LYS B 111 16.12 27.04 -3.46
C LYS B 111 14.66 26.64 -3.26
N ILE B 112 13.94 27.31 -2.35
CA ILE B 112 12.48 27.25 -2.33
C ILE B 112 11.94 28.67 -2.32
N ALA B 113 10.75 28.83 -2.87
CA ALA B 113 10.19 30.16 -3.09
C ALA B 113 9.76 30.81 -1.78
N PHE B 114 9.69 32.14 -1.80
CA PHE B 114 9.44 32.93 -0.58
C PHE B 114 8.08 32.60 0.03
N GLY B 115 7.05 32.41 -0.80
CA GLY B 115 5.74 32.07 -0.26
C GLY B 115 5.72 30.71 0.45
N LYS B 116 6.50 29.76 -0.07
CA LYS B 116 6.55 28.42 0.53
C LYS B 116 7.27 28.43 1.87
N LEU B 117 8.35 29.21 1.96
CA LEU B 117 9.02 29.38 3.25
C LEU B 117 8.07 29.98 4.29
N ALA B 118 7.35 31.05 3.91
CA ALA B 118 6.39 31.67 4.82
C ALA B 118 5.35 30.67 5.32
N GLN B 119 4.87 29.79 4.44
CA GLN B 119 3.90 28.77 4.85
C GLN B 119 4.50 27.82 5.90
N ALA B 120 5.68 27.26 5.61
CA ALA B 120 6.26 26.30 6.54
C ALA B 120 6.50 26.94 7.90
N VAL B 121 6.94 28.20 7.88
CA VAL B 121 7.15 28.94 9.12
C VAL B 121 5.81 29.15 9.85
N MET B 122 4.80 29.59 9.12
CA MET B 122 3.51 29.90 9.74
C MET B 122 2.84 28.66 10.33
N TYR B 123 2.93 27.52 9.63
CA TYR B 123 2.26 26.31 10.10
C TYR B 123 3.02 25.58 11.21
N GLY B 124 4.26 25.96 11.50
CA GLY B 124 4.95 25.43 12.66
C GLY B 124 5.82 24.22 12.43
N ALA B 125 6.24 23.96 11.20
CA ALA B 125 7.14 22.84 10.95
C ALA B 125 8.51 23.13 11.54
N GLU B 126 9.23 22.06 11.90
CA GLU B 126 10.64 22.19 12.23
C GLU B 126 11.41 22.15 10.92
N ILE B 127 11.96 23.30 10.51
CA ILE B 127 12.53 23.47 9.18
C ILE B 127 14.04 23.26 9.26
N ILE B 128 14.55 22.36 8.42
CA ILE B 128 15.98 22.08 8.34
C ILE B 128 16.44 22.37 6.91
N ALA B 129 17.33 23.35 6.75
CA ALA B 129 17.88 23.69 5.45
C ALA B 129 19.26 23.06 5.29
N ILE B 130 19.54 22.57 4.09
CA ILE B 130 20.85 21.98 3.79
C ILE B 130 21.44 22.69 2.59
N ASP B 131 22.78 22.65 2.50
CA ASP B 131 23.49 23.17 1.33
C ASP B 131 23.17 22.41 0.05
N GLY B 132 22.75 21.15 0.16
CA GLY B 132 22.45 20.37 -1.02
C GLY B 132 21.16 20.81 -1.69
N ASN B 133 20.78 20.04 -2.71
CA ASN B 133 19.55 20.28 -3.45
C ASN B 133 18.47 19.33 -2.96
N PHE B 134 17.31 19.34 -3.64
CA PHE B 134 16.21 18.49 -3.21
C PHE B 134 16.62 17.01 -3.21
N ASP B 135 17.43 16.60 -4.18
CA ASP B 135 17.82 15.21 -4.28
C ASP B 135 18.65 14.79 -3.06
N ASP B 136 19.60 15.64 -2.66
CA ASP B 136 20.34 15.38 -1.42
C ASP B 136 19.39 15.28 -0.23
N ALA B 137 18.41 16.19 -0.14
CA ALA B 137 17.51 16.18 0.99
C ALA B 137 16.63 14.93 1.00
N LEU B 138 16.14 14.51 -0.17
CA LEU B 138 15.30 13.31 -0.23
C LEU B 138 16.07 12.06 0.18
N LYS B 139 17.32 11.94 -0.25
CA LYS B 139 18.15 10.82 0.18
C LYS B 139 18.20 10.74 1.70
N ILE B 140 18.61 11.83 2.36
CA ILE B 140 18.72 11.83 3.82
C ILE B 140 17.39 11.45 4.46
N VAL B 141 16.29 12.07 4.00
CA VAL B 141 15.01 11.91 4.66
C VAL B 141 14.55 10.46 4.59
N ARG B 142 14.71 9.81 3.44
CA ARG B 142 14.30 8.41 3.33
C ARG B 142 15.19 7.52 4.19
N SER B 143 16.47 7.84 4.29
CA SER B 143 17.37 7.13 5.19
C SER B 143 16.91 7.26 6.65
N ILE B 144 16.66 8.49 7.09
CA ILE B 144 16.22 8.72 8.47
C ILE B 144 14.95 7.91 8.76
N CYS B 145 13.95 8.03 7.89
CA CYS B 145 12.67 7.38 8.14
C CYS B 145 12.76 5.86 8.05
N GLU B 146 13.83 5.31 7.49
CA GLU B 146 13.99 3.86 7.50
C GLU B 146 14.18 3.36 8.92
N LYS B 147 14.98 4.07 9.72
CA LYS B 147 15.33 3.62 11.06
C LYS B 147 14.80 4.56 12.13
N SER B 148 13.60 5.10 11.94
CA SER B 148 13.02 5.99 12.94
C SER B 148 11.51 5.77 12.97
N PRO B 149 10.86 6.14 14.09
CA PRO B 149 9.39 6.05 14.13
C PRO B 149 8.74 7.32 13.59
N ILE B 150 9.29 7.84 12.51
CA ILE B 150 8.77 9.04 11.85
C ILE B 150 8.21 8.62 10.50
N ALA B 151 6.96 9.01 10.23
CA ALA B 151 6.30 8.65 8.99
C ALA B 151 6.77 9.55 7.86
N LEU B 152 7.27 8.94 6.79
CA LEU B 152 7.72 9.67 5.62
C LEU B 152 6.52 10.03 4.74
N VAL B 153 6.38 11.31 4.38
CA VAL B 153 5.24 11.73 3.56
C VAL B 153 5.67 12.27 2.20
N ASN B 154 6.88 11.92 1.74
CA ASN B 154 7.24 12.16 0.35
C ASN B 154 6.46 11.22 -0.57
N SER B 155 6.49 11.52 -1.88
CA SER B 155 5.65 10.80 -2.84
C SER B 155 6.00 9.32 -2.98
N VAL B 156 7.16 8.86 -2.50
CA VAL B 156 7.39 7.41 -2.48
C VAL B 156 6.43 6.71 -1.51
N ASN B 157 5.79 7.45 -0.61
CA ASN B 157 4.69 6.95 0.20
C ASN B 157 3.49 6.68 -0.69
N PRO B 158 2.97 5.46 -0.74
CA PRO B 158 1.91 5.16 -1.70
C PRO B 158 0.63 5.93 -1.47
N TYR B 159 0.37 6.37 -0.25
CA TYR B 159 -0.86 7.12 0.00
C TYR B 159 -0.84 8.47 -0.70
N ARG B 160 0.35 9.00 -1.00
CA ARG B 160 0.44 10.27 -1.72
C ARG B 160 -0.16 10.13 -3.12
N LEU B 161 0.20 9.05 -3.82
CA LEU B 161 -0.31 8.82 -5.16
C LEU B 161 -1.79 8.49 -5.15
N GLU B 162 -2.28 7.81 -4.10
CA GLU B 162 -3.72 7.55 -3.99
C GLU B 162 -4.50 8.85 -3.92
N GLY B 163 -4.05 9.79 -3.08
CA GLY B 163 -4.75 11.06 -3.01
C GLY B 163 -4.62 11.84 -4.31
N GLN B 164 -3.45 11.80 -4.93
CA GLN B 164 -3.20 12.65 -6.09
C GLN B 164 -3.89 12.15 -7.35
N LYS B 165 -4.23 10.86 -7.43
CA LYS B 165 -4.95 10.37 -8.60
C LYS B 165 -6.34 11.00 -8.73
N THR B 166 -6.90 11.52 -7.63
CA THR B 166 -8.25 12.08 -7.70
C THR B 166 -8.36 13.25 -8.66
N ALA B 167 -7.24 13.93 -8.95
CA ALA B 167 -7.28 15.00 -9.94
C ALA B 167 -7.71 14.48 -11.30
N ALA B 168 -7.23 13.29 -11.68
CA ALA B 168 -7.66 12.68 -12.93
C ALA B 168 -9.16 12.40 -12.92
N PHE B 169 -9.69 11.90 -11.79
CA PHE B 169 -11.13 11.70 -11.67
C PHE B 169 -11.88 13.01 -11.91
N GLU B 170 -11.43 14.07 -11.25
CA GLU B 170 -12.11 15.36 -11.37
C GLU B 170 -12.09 15.86 -12.81
N VAL B 171 -10.95 15.75 -13.49
CA VAL B 171 -10.85 16.19 -14.88
C VAL B 171 -11.88 15.46 -15.74
N CYS B 172 -11.98 14.14 -15.59
CA CYS B 172 -12.97 13.38 -16.35
C CYS B 172 -14.39 13.90 -16.08
N GLU B 173 -14.74 14.07 -14.81
CA GLU B 173 -16.07 14.55 -14.45
C GLU B 173 -16.30 15.97 -14.95
N GLN B 174 -15.29 16.83 -14.83
CA GLN B 174 -15.47 18.23 -15.20
C GLN B 174 -15.51 18.42 -16.72
N LEU B 175 -14.76 17.62 -17.47
CA LEU B 175 -14.82 17.69 -18.92
C LEU B 175 -15.99 16.90 -19.49
N GLY B 176 -16.56 15.98 -18.72
CA GLY B 176 -17.52 15.03 -19.23
C GLY B 176 -16.92 13.87 -20.00
N GLU B 177 -15.60 13.84 -20.14
CA GLU B 177 -14.86 12.81 -20.87
C GLU B 177 -13.41 12.96 -20.48
N ALA B 178 -12.62 11.92 -20.75
CA ALA B 178 -11.19 12.08 -20.60
C ALA B 178 -10.66 12.97 -21.73
N PRO B 179 -9.64 13.78 -21.49
CA PRO B 179 -9.09 14.62 -22.56
C PRO B 179 -8.20 13.78 -23.48
N ASP B 180 -7.91 14.37 -24.65
CA ASP B 180 -6.98 13.72 -25.58
C ASP B 180 -5.57 13.69 -25.01
N VAL B 181 -5.14 14.79 -24.40
CA VAL B 181 -3.78 14.98 -23.90
C VAL B 181 -3.87 15.50 -22.46
N LEU B 182 -3.03 14.99 -21.57
CA LEU B 182 -2.84 15.62 -20.26
C LEU B 182 -1.42 16.16 -20.17
N ALA B 183 -1.29 17.48 -20.23
CA ALA B 183 0.01 18.11 -20.08
C ALA B 183 0.25 18.42 -18.61
N ILE B 184 1.46 18.14 -18.13
CA ILE B 184 1.74 18.17 -16.71
C ILE B 184 3.25 18.37 -16.46
N PRO B 185 3.64 19.19 -15.50
CA PRO B 185 5.07 19.29 -15.16
C PRO B 185 5.57 18.00 -14.54
N VAL B 186 6.86 17.76 -14.70
CA VAL B 186 7.53 16.61 -14.12
C VAL B 186 8.71 17.11 -13.29
N GLY B 187 8.64 16.88 -11.98
CA GLY B 187 9.77 17.12 -11.10
C GLY B 187 10.24 15.79 -10.54
N ASN B 188 9.63 15.37 -9.43
CA ASN B 188 9.92 14.07 -8.83
C ASN B 188 9.15 12.93 -9.48
N ALA B 189 8.24 13.25 -10.41
CA ALA B 189 7.52 12.37 -11.34
C ALA B 189 6.34 11.64 -10.71
N GLY B 190 5.98 11.91 -9.46
CA GLY B 190 4.84 11.24 -8.85
C GLY B 190 3.50 11.66 -9.42
N ASN B 191 3.36 12.93 -9.80
CA ASN B 191 2.05 13.41 -10.21
C ASN B 191 1.61 12.81 -11.55
N ILE B 192 2.50 12.80 -12.54
CA ILE B 192 2.13 12.17 -13.81
C ILE B 192 1.78 10.70 -13.60
N SER B 193 2.51 10.03 -12.69
CA SER B 193 2.16 8.65 -12.36
C SER B 193 0.78 8.56 -11.73
N ALA B 194 0.45 9.50 -10.83
CA ALA B 194 -0.84 9.48 -10.15
C ALA B 194 -1.99 9.70 -11.13
N TYR B 195 -1.83 10.67 -12.03
CA TYR B 195 -2.86 10.95 -13.03
C TYR B 195 -3.10 9.75 -13.94
N TRP B 196 -2.04 9.09 -14.38
CA TRP B 196 -2.21 7.93 -15.25
C TRP B 196 -2.91 6.79 -14.50
N LYS B 197 -2.53 6.59 -13.24
CA LYS B 197 -3.27 5.63 -12.41
C LYS B 197 -4.74 6.02 -12.34
N GLY B 198 -5.03 7.31 -12.09
CA GLY B 198 -6.41 7.74 -12.02
C GLY B 198 -7.17 7.48 -13.31
N PHE B 199 -6.56 7.79 -14.45
CA PHE B 199 -7.25 7.61 -15.73
C PHE B 199 -7.53 6.14 -16.00
N LYS B 200 -6.52 5.30 -15.81
CA LYS B 200 -6.72 3.86 -15.97
C LYS B 200 -7.85 3.36 -15.07
N GLU B 201 -7.91 3.85 -13.83
CA GLU B 201 -8.94 3.36 -12.90
C GLU B 201 -10.32 3.86 -13.30
N TYR B 202 -10.43 5.10 -13.80
CA TYR B 202 -11.72 5.55 -14.31
C TYR B 202 -12.08 4.87 -15.62
N HIS B 203 -11.07 4.55 -16.44
CA HIS B 203 -11.32 3.74 -17.63
C HIS B 203 -11.96 2.41 -17.25
N GLU B 204 -11.36 1.70 -16.28
CA GLU B 204 -11.88 0.41 -15.83
C GLU B 204 -13.30 0.53 -15.27
N LYS B 205 -13.62 1.62 -14.59
CA LYS B 205 -14.88 1.73 -13.87
C LYS B 205 -15.97 2.44 -14.66
N ASN B 206 -15.66 3.53 -15.34
CA ASN B 206 -16.67 4.33 -16.03
C ASN B 206 -16.53 4.32 -17.54
N GLY B 207 -15.55 3.61 -18.08
CA GLY B 207 -15.40 3.50 -19.52
C GLY B 207 -14.84 4.71 -20.23
N THR B 208 -14.22 5.65 -19.51
CA THR B 208 -13.62 6.81 -20.16
C THR B 208 -12.37 6.41 -20.92
N SER B 209 -11.99 7.23 -21.90
CA SER B 209 -10.84 6.90 -22.71
C SER B 209 -9.54 7.15 -21.93
N LEU B 210 -8.42 6.78 -22.56
CA LEU B 210 -7.10 6.89 -21.96
C LEU B 210 -6.33 8.03 -22.59
N PRO B 211 -6.13 9.15 -21.89
CA PRO B 211 -5.41 10.27 -22.49
C PRO B 211 -3.94 9.95 -22.72
N LYS B 212 -3.32 10.72 -23.60
CA LYS B 212 -1.87 10.70 -23.75
C LYS B 212 -1.24 11.48 -22.62
N MET B 213 -0.34 10.84 -21.87
CA MET B 213 0.35 11.53 -20.80
C MET B 213 1.56 12.25 -21.38
N ARG B 214 1.56 13.58 -21.28
CA ARG B 214 2.62 14.43 -21.84
C ARG B 214 3.26 15.21 -20.72
N GLY B 215 4.35 14.69 -20.17
CA GLY B 215 5.06 15.35 -19.10
C GLY B 215 6.18 16.24 -19.63
N PHE B 216 6.52 17.26 -18.85
CA PHE B 216 7.53 18.22 -19.25
C PHE B 216 8.41 18.56 -18.06
N GLU B 217 9.70 18.25 -18.19
CA GLU B 217 10.73 18.66 -17.26
C GLU B 217 11.36 19.98 -17.70
N ALA B 218 11.92 20.69 -16.74
CA ALA B 218 12.79 21.81 -17.07
C ALA B 218 14.09 21.28 -17.69
N GLU B 219 14.50 21.87 -18.81
CA GLU B 219 15.70 21.46 -19.52
C GLU B 219 16.87 21.18 -18.58
N GLY B 220 17.17 22.12 -17.69
CA GLY B 220 18.30 21.92 -16.79
C GLY B 220 18.11 20.84 -15.74
N SER B 221 16.94 20.21 -15.68
CA SER B 221 16.70 19.11 -14.75
C SER B 221 16.03 17.93 -15.43
N ALA B 222 16.21 17.78 -16.74
CA ALA B 222 15.42 16.82 -17.51
C ALA B 222 16.10 15.44 -17.48
N ALA B 223 16.15 14.86 -16.28
CA ALA B 223 16.88 13.62 -16.08
C ALA B 223 16.25 12.48 -16.85
N ILE B 224 14.92 12.42 -16.86
CA ILE B 224 14.22 11.39 -17.64
C ILE B 224 14.48 11.58 -19.13
N VAL B 225 14.43 12.83 -19.61
CA VAL B 225 14.66 13.11 -21.03
C VAL B 225 16.08 12.70 -21.41
N ARG B 226 17.07 13.15 -20.64
CA ARG B 226 18.45 12.75 -20.89
C ARG B 226 18.70 11.28 -20.63
N ASN B 227 17.78 10.59 -19.94
CA ASN B 227 17.98 9.22 -19.48
C ASN B 227 19.28 9.12 -18.68
N GLU B 228 19.47 10.06 -17.77
CA GLU B 228 20.64 10.07 -16.91
C GLU B 228 20.36 10.95 -15.69
N VAL B 229 20.77 10.46 -14.51
CA VAL B 229 20.67 11.26 -13.30
C VAL B 229 21.46 12.54 -13.49
N ILE B 230 20.85 13.66 -13.13
CA ILE B 230 21.50 14.97 -13.20
C ILE B 230 21.97 15.32 -11.78
N GLU B 231 23.29 15.36 -11.59
CA GLU B 231 23.85 15.61 -10.26
C GLU B 231 23.73 17.07 -9.84
N ASN B 232 23.72 18.01 -10.79
CA ASN B 232 23.53 19.42 -10.50
C ASN B 232 22.39 19.95 -11.36
N PRO B 233 21.15 19.59 -11.02
CA PRO B 233 20.01 20.13 -11.76
C PRO B 233 19.87 21.63 -11.55
N GLU B 234 19.44 22.31 -12.60
CA GLU B 234 19.19 23.74 -12.53
C GLU B 234 17.93 24.09 -13.29
N THR B 235 17.31 25.20 -12.87
CA THR B 235 16.15 25.83 -13.49
C THR B 235 15.63 26.92 -12.57
N ILE B 236 15.10 27.99 -13.16
CA ILE B 236 14.48 29.04 -12.36
C ILE B 236 13.17 28.56 -11.72
N ALA B 237 12.56 27.51 -12.29
CA ALA B 237 11.35 26.93 -11.73
C ALA B 237 11.77 25.96 -10.63
N THR B 238 12.05 26.52 -9.45
CA THR B 238 12.65 25.74 -8.37
C THR B 238 11.74 24.61 -7.87
N ALA B 239 10.44 24.69 -8.14
CA ALA B 239 9.55 23.59 -7.82
C ALA B 239 10.05 22.27 -8.41
N ILE B 240 10.58 22.31 -9.63
CA ILE B 240 10.90 21.09 -10.36
C ILE B 240 12.40 20.96 -10.59
N ARG B 241 13.20 21.57 -9.70
CA ARG B 241 14.65 21.49 -9.75
C ARG B 241 15.10 20.16 -9.13
N ILE B 242 14.88 19.08 -9.89
CA ILE B 242 14.98 17.71 -9.38
C ILE B 242 15.66 16.86 -10.45
N GLY B 243 16.84 16.32 -10.11
CA GLY B 243 17.68 15.61 -11.05
C GLY B 243 17.66 14.10 -10.95
N ASN B 244 16.89 13.54 -10.02
CA ASN B 244 16.81 12.10 -9.83
C ASN B 244 15.40 11.74 -9.37
N PRO B 245 14.41 11.84 -10.27
CA PRO B 245 13.02 11.70 -9.85
C PRO B 245 12.74 10.32 -9.25
N ALA B 246 12.15 10.32 -8.05
CA ALA B 246 11.93 9.07 -7.33
C ALA B 246 10.88 8.20 -7.98
N SER B 247 10.02 8.76 -8.83
CA SER B 247 9.02 7.96 -9.54
C SER B 247 9.36 7.81 -11.02
N TRP B 248 10.64 7.96 -11.36
CA TRP B 248 11.14 7.84 -12.72
C TRP B 248 10.56 6.66 -13.48
N ASP B 249 10.62 5.45 -12.90
CA ASP B 249 10.18 4.27 -13.61
C ASP B 249 8.68 4.28 -13.83
N LYS B 250 7.93 4.70 -12.81
CA LYS B 250 6.48 4.84 -12.95
C LYS B 250 6.12 5.86 -14.02
N ALA B 251 6.85 6.98 -14.06
CA ALA B 251 6.53 8.04 -15.02
C ALA B 251 6.82 7.59 -16.45
N VAL B 252 7.92 6.85 -16.64
CA VAL B 252 8.21 6.31 -17.95
C VAL B 252 7.10 5.34 -18.38
N LYS B 253 6.76 4.40 -17.49
CA LYS B 253 5.69 3.44 -17.79
C LYS B 253 4.39 4.16 -18.15
N ALA B 254 4.08 5.26 -17.46
CA ALA B 254 2.88 6.00 -17.80
C ALA B 254 2.97 6.57 -19.20
N ALA B 255 4.17 7.04 -19.59
CA ALA B 255 4.34 7.60 -20.93
C ALA B 255 4.19 6.53 -22.00
N GLU B 256 4.82 5.37 -21.78
CA GLU B 256 4.72 4.29 -22.75
C GLU B 256 3.30 3.73 -22.82
N GLU B 257 2.71 3.37 -21.67
CA GLU B 257 1.36 2.81 -21.67
C GLU B 257 0.31 3.75 -22.26
N SER B 258 0.54 5.06 -22.24
CA SER B 258 -0.44 6.02 -22.73
C SER B 258 -0.14 6.54 -24.12
N ASN B 259 0.89 5.99 -24.79
CA ASN B 259 1.35 6.54 -26.06
C ASN B 259 1.68 8.01 -25.91
N GLY B 260 2.21 8.36 -24.73
CA GLY B 260 2.63 9.71 -24.43
C GLY B 260 4.13 9.89 -24.54
N LYS B 261 4.63 10.91 -23.87
CA LYS B 261 6.02 11.31 -23.99
C LYS B 261 6.38 12.16 -22.78
N ILE B 262 7.59 12.00 -22.28
CA ILE B 262 8.16 12.94 -21.33
C ILE B 262 9.17 13.78 -22.09
N ASP B 263 8.93 15.09 -22.12
CA ASP B 263 9.62 16.08 -22.92
C ASP B 263 10.22 17.13 -21.98
N GLU B 264 10.97 18.06 -22.54
CA GLU B 264 11.60 19.11 -21.76
C GLU B 264 11.27 20.46 -22.37
N VAL B 265 11.41 21.51 -21.56
CA VAL B 265 11.19 22.88 -21.99
C VAL B 265 12.24 23.75 -21.34
N THR B 266 12.73 24.75 -22.08
CA THR B 266 13.74 25.64 -21.52
C THR B 266 13.10 26.60 -20.52
N ASP B 267 13.97 27.21 -19.70
CA ASP B 267 13.51 28.23 -18.75
C ASP B 267 12.85 29.40 -19.47
N ASP B 268 13.30 29.75 -20.67
CA ASP B 268 12.67 30.85 -21.38
C ASP B 268 11.29 30.45 -21.88
N GLU B 269 11.14 29.21 -22.38
CA GLU B 269 9.82 28.70 -22.72
C GLU B 269 8.91 28.70 -21.49
N ILE B 270 9.46 28.29 -20.34
CA ILE B 270 8.69 28.28 -19.09
C ILE B 270 8.23 29.70 -18.74
N LEU B 271 9.17 30.65 -18.75
CA LEU B 271 8.83 32.02 -18.38
C LEU B 271 7.91 32.67 -19.41
N HIS B 272 8.04 32.32 -20.69
CA HIS B 272 7.12 32.87 -21.66
C HIS B 272 5.70 32.40 -21.37
N ALA B 273 5.51 31.09 -21.18
CA ALA B 273 4.20 30.58 -20.82
C ALA B 273 3.70 31.16 -19.50
N TYR B 274 4.63 31.46 -18.59
CA TYR B 274 4.30 32.03 -17.29
C TYR B 274 3.66 33.40 -17.43
N GLN B 275 4.25 34.27 -18.24
CA GLN B 275 3.66 35.58 -18.50
C GLN B 275 2.42 35.48 -19.39
N LEU B 276 2.41 34.52 -20.31
CA LEU B 276 1.37 34.48 -21.33
C LEU B 276 0.01 34.14 -20.74
N ILE B 277 -0.06 33.16 -19.81
CA ILE B 277 -1.40 32.81 -19.33
C ILE B 277 -1.91 33.89 -18.39
N ALA B 278 -1.02 34.60 -17.70
CA ALA B 278 -1.47 35.64 -16.79
C ALA B 278 -1.99 36.87 -17.55
N ARG B 279 -1.25 37.32 -18.56
CA ARG B 279 -1.66 38.51 -19.31
C ARG B 279 -2.89 38.24 -20.17
N GLU B 280 -2.96 37.05 -20.76
CA GLU B 280 -4.00 36.75 -21.73
C GLU B 280 -5.29 36.22 -21.09
N GLU B 281 -5.18 35.35 -20.09
CA GLU B 281 -6.35 34.67 -19.56
C GLU B 281 -6.64 34.99 -18.12
N GLY B 282 -5.77 35.74 -17.43
CA GLY B 282 -6.00 36.08 -16.05
C GLY B 282 -5.73 34.95 -15.07
N VAL B 283 -4.95 33.95 -15.48
CA VAL B 283 -4.62 32.80 -14.65
C VAL B 283 -3.13 32.89 -14.32
N PHE B 284 -2.82 32.95 -13.03
CA PHE B 284 -1.46 33.16 -12.51
C PHE B 284 -1.01 31.87 -11.78
N ALA B 285 -0.10 31.12 -12.40
CA ALA B 285 0.46 29.92 -11.77
C ALA B 285 1.95 30.13 -11.52
N GLU B 286 2.50 29.37 -10.58
CA GLU B 286 3.91 29.52 -10.25
C GLU B 286 4.76 28.98 -11.41
N PRO B 287 6.01 29.44 -11.53
CA PRO B 287 6.75 29.12 -12.78
C PRO B 287 6.84 27.64 -13.09
N GLY B 288 7.09 26.78 -12.11
CA GLY B 288 7.15 25.35 -12.38
C GLY B 288 5.87 24.81 -13.00
N SER B 289 4.72 25.34 -12.59
CA SER B 289 3.45 24.87 -13.15
C SER B 289 3.35 25.15 -14.64
N CYS B 290 3.95 26.25 -15.09
CA CYS B 290 3.81 26.67 -16.48
C CYS B 290 4.67 25.87 -17.46
N ALA B 291 5.51 24.95 -16.95
CA ALA B 291 6.12 23.98 -17.84
C ALA B 291 5.07 23.21 -18.62
N SER B 292 3.87 23.04 -18.05
CA SER B 292 2.83 22.32 -18.78
C SER B 292 2.30 23.15 -19.94
N ILE B 293 2.10 24.45 -19.73
CA ILE B 293 1.68 25.33 -20.83
C ILE B 293 2.81 25.47 -21.85
N ALA B 294 4.04 25.68 -21.36
CA ALA B 294 5.18 25.74 -22.27
C ALA B 294 5.25 24.51 -23.14
N GLY B 295 4.99 23.34 -22.55
CA GLY B 295 5.04 22.11 -23.32
C GLY B 295 3.96 22.04 -24.36
N VAL B 296 2.76 22.57 -24.05
CA VAL B 296 1.68 22.58 -25.02
C VAL B 296 2.07 23.40 -26.24
N LEU B 297 2.55 24.63 -26.03
CA LEU B 297 3.01 25.45 -27.16
C LEU B 297 4.06 24.71 -27.98
N LYS B 298 5.01 24.08 -27.30
CA LYS B 298 6.08 23.36 -27.98
C LYS B 298 5.52 22.24 -28.87
N GLN B 299 4.61 21.43 -28.32
CA GLN B 299 4.12 20.26 -29.03
C GLN B 299 2.95 20.56 -29.96
N VAL B 300 2.31 21.72 -29.82
CA VAL B 300 1.41 22.19 -30.86
C VAL B 300 2.22 22.72 -32.04
N LYS B 301 3.25 23.52 -31.75
CA LYS B 301 4.10 24.07 -32.81
C LYS B 301 4.82 22.96 -33.55
N SER B 302 5.04 21.81 -32.91
CA SER B 302 5.69 20.70 -33.56
C SER B 302 4.70 19.71 -34.16
N GLY B 303 3.42 19.85 -33.89
CA GLY B 303 2.45 18.90 -34.37
C GLY B 303 2.34 17.62 -33.56
N GLU B 304 3.07 17.50 -32.44
CA GLU B 304 2.86 16.37 -31.55
C GLU B 304 1.50 16.44 -30.85
N ILE B 305 0.93 17.64 -30.70
CA ILE B 305 -0.47 17.78 -30.33
C ILE B 305 -1.21 18.23 -31.58
N PRO B 306 -1.96 17.35 -32.25
CA PRO B 306 -2.63 17.75 -33.49
C PRO B 306 -3.71 18.77 -33.23
N LYS B 307 -3.95 19.62 -34.23
CA LYS B 307 -5.00 20.63 -34.14
C LYS B 307 -6.33 19.96 -33.83
N GLY B 308 -7.16 20.64 -33.04
CA GLY B 308 -8.43 20.09 -32.62
C GLY B 308 -8.38 19.17 -31.42
N SER B 309 -7.20 18.93 -30.84
CA SER B 309 -7.09 18.11 -29.65
C SER B 309 -7.75 18.78 -28.46
N LYS B 310 -8.38 17.99 -27.59
CA LYS B 310 -8.86 18.45 -26.30
C LYS B 310 -7.77 18.20 -25.26
N VAL B 311 -7.18 19.28 -24.73
CA VAL B 311 -5.99 19.22 -23.90
C VAL B 311 -6.30 19.82 -22.52
N VAL B 312 -5.90 19.12 -21.46
CA VAL B 312 -5.93 19.63 -20.10
C VAL B 312 -4.49 19.76 -19.61
N ALA B 313 -4.10 20.96 -19.22
CA ALA B 313 -2.77 21.23 -18.68
C ALA B 313 -2.90 21.54 -17.21
N VAL B 314 -2.08 20.91 -16.39
CA VAL B 314 -2.21 21.03 -14.94
C VAL B 314 -1.37 22.21 -14.46
N LEU B 315 -2.04 23.20 -13.86
CA LEU B 315 -1.32 24.31 -13.22
C LEU B 315 -1.19 23.93 -11.75
N THR B 316 -0.02 23.38 -11.43
CA THR B 316 0.20 22.65 -10.17
C THR B 316 0.26 23.56 -8.96
N GLY B 317 0.63 24.82 -9.11
CA GLY B 317 0.86 25.67 -7.96
C GLY B 317 0.42 27.10 -8.20
N ASN B 318 0.05 27.77 -7.10
CA ASN B 318 -0.44 29.14 -7.12
C ASN B 318 0.68 30.14 -7.45
N GLY B 319 0.35 31.14 -8.26
CA GLY B 319 1.32 32.18 -8.55
C GLY B 319 1.88 32.84 -7.32
N LEU B 320 1.07 32.96 -6.27
CA LEU B 320 1.53 33.63 -5.05
C LEU B 320 2.67 32.89 -4.36
N LYS B 321 2.91 31.61 -4.70
CA LYS B 321 4.05 30.87 -4.13
C LYS B 321 5.38 31.59 -4.38
N ASP B 322 5.52 32.28 -5.51
CA ASP B 322 6.82 32.78 -5.98
C ASP B 322 6.70 34.22 -6.48
N PRO B 323 6.60 35.17 -5.55
CA PRO B 323 6.51 36.58 -5.97
C PRO B 323 7.78 37.11 -6.62
N ASN B 324 8.95 36.58 -6.25
CA ASN B 324 10.19 37.12 -6.78
C ASN B 324 10.28 36.97 -8.29
N THR B 325 9.95 35.79 -8.80
CA THR B 325 10.05 35.59 -10.24
C THR B 325 9.10 36.52 -10.98
N ALA B 326 7.90 36.75 -10.43
CA ALA B 326 6.93 37.63 -11.07
C ALA B 326 7.50 39.02 -11.28
N VAL B 327 7.94 39.66 -10.20
CA VAL B 327 8.44 41.03 -10.33
C VAL B 327 9.77 41.07 -11.06
N ASP B 328 10.56 40.00 -10.99
CA ASP B 328 11.91 40.05 -11.55
C ASP B 328 11.90 39.99 -13.07
N ILE B 329 10.97 39.24 -13.67
CA ILE B 329 11.01 39.06 -15.11
C ILE B 329 10.13 40.05 -15.86
N SER B 330 9.26 40.76 -15.17
CA SER B 330 8.25 41.56 -15.84
C SER B 330 8.80 42.96 -16.11
N GLU B 331 8.76 43.36 -17.39
CA GLU B 331 9.14 44.73 -17.74
C GLU B 331 8.17 45.75 -17.17
N ILE B 332 6.96 45.33 -16.79
CA ILE B 332 5.95 46.22 -16.21
C ILE B 332 6.39 46.65 -14.82
N LYS B 333 6.92 47.88 -14.71
CA LYS B 333 7.36 48.42 -13.43
C LYS B 333 6.39 49.50 -12.95
N PRO B 334 6.03 49.48 -11.67
CA PRO B 334 5.20 50.57 -11.12
C PRO B 334 5.91 51.91 -11.22
N VAL B 335 5.22 52.89 -11.78
CA VAL B 335 5.72 54.27 -11.85
C VAL B 335 5.10 55.04 -10.68
N THR B 336 5.92 55.82 -9.98
CA THR B 336 5.47 56.59 -8.84
C THR B 336 5.19 58.04 -9.26
N LEU B 337 4.09 58.59 -8.76
CA LEU B 337 3.58 59.90 -9.14
C LEU B 337 3.22 60.70 -7.90
N PRO B 338 3.19 62.03 -8.01
CA PRO B 338 2.70 62.83 -6.89
C PRO B 338 1.25 62.48 -6.59
N THR B 339 0.85 62.74 -5.33
CA THR B 339 -0.52 62.51 -4.91
C THR B 339 -1.42 63.64 -5.40
N ASN B 340 -1.44 63.79 -6.73
CA ASN B 340 -2.14 64.87 -7.42
C ASN B 340 -2.87 64.31 -8.62
N GLU B 341 -4.15 64.67 -8.74
CA GLU B 341 -5.00 64.06 -9.77
C GLU B 341 -4.56 64.45 -11.17
N ASP B 342 -4.10 65.69 -11.35
CA ASP B 342 -3.68 66.15 -12.67
C ASP B 342 -2.49 65.36 -13.19
N SER B 343 -1.50 65.12 -12.33
CA SER B 343 -0.33 64.35 -12.75
C SER B 343 -0.72 62.93 -13.15
N ILE B 344 -1.46 62.24 -12.29
CA ILE B 344 -1.89 60.88 -12.59
C ILE B 344 -2.71 60.85 -13.87
N LEU B 345 -3.64 61.80 -14.01
CA LEU B 345 -4.37 61.97 -15.25
C LEU B 345 -3.42 62.07 -16.44
N GLU B 346 -2.57 63.11 -16.43
CA GLU B 346 -1.64 63.34 -17.53
C GLU B 346 -0.91 62.07 -17.93
N TYR B 347 -0.38 61.34 -16.95
CA TYR B 347 0.32 60.09 -17.24
C TYR B 347 -0.60 59.08 -17.92
N VAL B 348 -1.85 58.96 -17.44
CA VAL B 348 -2.78 57.98 -17.99
C VAL B 348 -2.99 58.22 -19.49
N LYS B 349 -3.17 59.48 -19.89
CA LYS B 349 -3.25 59.80 -21.30
C LYS B 349 -1.86 59.71 -21.94
N GLY B 350 -1.78 58.99 -23.06
CA GLY B 350 -0.51 58.75 -23.73
C GLY B 350 -0.63 58.45 -25.22
N ALA C 2 22.02 -25.74 -3.16
CA ALA C 2 22.75 -24.49 -2.97
C ALA C 2 22.13 -23.71 -1.80
N SER C 3 21.94 -22.41 -2.01
CA SER C 3 21.26 -21.55 -1.06
C SER C 3 19.96 -21.03 -1.71
N TRP C 4 18.96 -20.78 -0.87
CA TRP C 4 17.65 -20.39 -1.39
C TRP C 4 16.97 -19.45 -0.42
N LYS C 5 16.65 -18.23 -0.88
CA LYS C 5 16.06 -17.21 -0.02
C LYS C 5 14.67 -16.77 -0.49
N GLY C 6 14.00 -17.56 -1.32
CA GLY C 6 12.66 -17.22 -1.77
C GLY C 6 12.63 -16.62 -3.14
N LEU C 7 11.43 -16.48 -3.68
CA LEU C 7 11.26 -16.17 -5.10
C LEU C 7 11.56 -14.72 -5.41
N ILE C 8 11.16 -13.79 -4.53
CA ILE C 8 11.44 -12.37 -4.76
C ILE C 8 12.93 -12.18 -4.98
N HIS C 9 13.75 -12.72 -4.08
CA HIS C 9 15.19 -12.57 -4.21
C HIS C 9 15.70 -13.26 -5.47
N GLN C 10 15.32 -14.52 -5.68
CA GLN C 10 15.97 -15.31 -6.72
C GLN C 10 15.52 -14.90 -8.12
N TYR C 11 14.26 -14.48 -8.30
CA TYR C 11 13.77 -14.17 -9.64
C TYR C 11 13.43 -12.68 -9.80
N LYS C 12 14.02 -11.82 -8.96
CA LYS C 12 13.88 -10.38 -9.01
C LYS C 12 13.77 -9.81 -10.42
N GLU C 13 14.70 -10.18 -11.29
CA GLU C 13 14.78 -9.58 -12.62
C GLU C 13 13.56 -9.88 -13.50
N PHE C 14 12.77 -10.90 -13.17
CA PHE C 14 11.56 -11.24 -13.89
C PHE C 14 10.30 -10.77 -13.17
N LEU C 15 10.45 -10.09 -12.05
CA LEU C 15 9.32 -9.79 -11.19
C LEU C 15 9.15 -8.28 -11.05
N PRO C 16 7.92 -7.80 -10.90
CA PRO C 16 7.71 -6.35 -10.77
C PRO C 16 8.08 -5.89 -9.36
N VAL C 17 9.38 -5.94 -9.07
CA VAL C 17 9.91 -5.70 -7.74
C VAL C 17 10.71 -4.42 -7.78
N THR C 18 10.38 -3.47 -6.89
CA THR C 18 11.06 -2.20 -6.76
C THR C 18 11.94 -2.24 -5.51
N ASP C 19 12.69 -1.16 -5.30
CA ASP C 19 13.38 -1.08 -4.02
C ASP C 19 12.43 -0.79 -2.87
N GLN C 20 11.18 -0.46 -3.17
CA GLN C 20 10.14 -0.31 -2.15
C GLN C 20 9.42 -1.62 -1.82
N THR C 21 9.66 -2.69 -2.56
CA THR C 21 8.92 -3.93 -2.32
C THR C 21 9.44 -4.60 -1.06
N PRO C 22 8.60 -4.91 -0.07
CA PRO C 22 9.10 -5.57 1.14
C PRO C 22 9.70 -6.94 0.81
N ALA C 23 10.71 -7.31 1.61
CA ALA C 23 11.49 -8.53 1.40
C ALA C 23 10.76 -9.74 2.00
N LEU C 24 9.55 -9.95 1.53
CA LEU C 24 8.67 -10.98 2.06
C LEU C 24 9.11 -12.36 1.53
N THR C 25 9.32 -13.31 2.44
CA THR C 25 9.62 -14.67 2.00
C THR C 25 9.28 -15.67 3.11
N LEU C 26 8.82 -16.84 2.68
CA LEU C 26 8.80 -18.05 3.51
C LEU C 26 9.67 -19.12 2.89
N HIS C 27 10.61 -18.69 2.03
CA HIS C 27 11.50 -19.57 1.27
C HIS C 27 10.75 -20.46 0.28
N GLU C 28 9.65 -19.96 -0.26
CA GLU C 28 8.86 -20.67 -1.25
C GLU C 28 9.65 -20.86 -2.55
N GLY C 29 9.20 -21.80 -3.37
CA GLY C 29 9.86 -22.08 -4.63
C GLY C 29 11.00 -23.08 -4.49
N ASN C 30 11.70 -23.28 -5.61
CA ASN C 30 12.84 -24.20 -5.67
C ASN C 30 12.42 -25.62 -5.29
N THR C 31 11.25 -26.01 -5.73
CA THR C 31 10.75 -27.31 -5.33
C THR C 31 11.31 -28.42 -6.23
N PRO C 32 11.37 -29.65 -5.72
CA PRO C 32 11.96 -30.76 -6.49
C PRO C 32 11.23 -31.05 -7.79
N LEU C 33 12.01 -31.43 -8.79
CA LEU C 33 11.53 -32.09 -10.00
C LEU C 33 12.02 -33.54 -9.87
N ILE C 34 11.07 -34.47 -9.69
CA ILE C 34 11.39 -35.85 -9.35
C ILE C 34 11.06 -36.74 -10.54
N HIS C 35 12.07 -37.42 -11.06
CA HIS C 35 11.88 -38.41 -12.11
C HIS C 35 11.12 -39.61 -11.54
N LEU C 36 10.15 -40.11 -12.29
CA LEU C 36 9.40 -41.28 -11.85
C LEU C 36 9.76 -42.48 -12.73
N PRO C 37 10.84 -43.21 -12.42
CA PRO C 37 11.34 -44.21 -13.37
C PRO C 37 10.43 -45.39 -13.58
N LYS C 38 9.64 -45.80 -12.58
CA LYS C 38 8.76 -46.95 -12.78
C LYS C 38 7.55 -46.58 -13.63
N LEU C 39 6.85 -45.50 -13.29
CA LEU C 39 5.75 -45.06 -14.13
C LEU C 39 6.23 -44.73 -15.54
N SER C 40 7.38 -44.09 -15.66
CA SER C 40 7.97 -43.85 -16.98
C SER C 40 8.06 -45.14 -17.77
N GLU C 41 8.62 -46.19 -17.15
CA GLU C 41 8.77 -47.46 -17.84
C GLU C 41 7.44 -48.04 -18.28
N GLN C 42 6.44 -48.01 -17.39
CA GLN C 42 5.14 -48.59 -17.71
C GLN C 42 4.42 -47.80 -18.80
N LEU C 43 4.67 -46.49 -18.90
CA LEU C 43 3.97 -45.66 -19.87
C LEU C 43 4.72 -45.47 -21.19
N GLY C 44 6.02 -45.71 -21.23
CA GLY C 44 6.77 -45.45 -22.45
C GLY C 44 7.12 -44.00 -22.66
N ILE C 45 7.10 -43.19 -21.61
CA ILE C 45 7.51 -41.79 -21.66
C ILE C 45 8.54 -41.55 -20.57
N GLU C 46 9.18 -40.38 -20.61
CA GLU C 46 10.03 -39.90 -19.53
C GLU C 46 9.22 -38.91 -18.71
N LEU C 47 8.79 -39.32 -17.53
CA LEU C 47 7.85 -38.57 -16.73
C LEU C 47 8.53 -38.06 -15.47
N HIS C 48 8.41 -36.75 -15.23
CA HIS C 48 8.88 -36.11 -14.00
C HIS C 48 7.69 -35.40 -13.37
N VAL C 49 7.75 -35.23 -12.06
CA VAL C 49 6.71 -34.50 -11.32
C VAL C 49 7.35 -33.31 -10.61
N LYS C 50 6.74 -32.15 -10.77
CA LYS C 50 7.10 -30.94 -10.05
C LYS C 50 6.30 -30.94 -8.76
N THR C 51 6.97 -31.16 -7.62
CA THR C 51 6.29 -31.48 -6.38
C THR C 51 6.12 -30.18 -5.57
N GLU C 52 5.04 -29.45 -5.88
CA GLU C 52 4.79 -28.16 -5.25
C GLU C 52 4.27 -28.29 -3.83
N GLY C 53 4.02 -29.51 -3.36
CA GLY C 53 3.60 -29.75 -2.00
C GLY C 53 4.63 -29.39 -0.96
N VAL C 54 5.90 -29.25 -1.36
CA VAL C 54 6.92 -28.90 -0.36
C VAL C 54 7.14 -27.39 -0.24
N ASN C 55 6.34 -26.56 -0.93
CA ASN C 55 6.26 -25.14 -0.63
C ASN C 55 5.82 -24.93 0.82
N PRO C 56 6.09 -23.74 1.42
CA PRO C 56 5.84 -23.57 2.86
C PRO C 56 4.44 -23.91 3.35
N THR C 57 3.39 -23.59 2.60
CA THR C 57 2.05 -23.98 3.03
C THR C 57 1.52 -25.18 2.28
N GLY C 58 2.39 -25.90 1.58
CA GLY C 58 2.01 -27.17 1.00
C GLY C 58 1.37 -27.12 -0.36
N SER C 59 1.44 -25.99 -1.07
CA SER C 59 0.92 -25.92 -2.44
C SER C 59 1.63 -24.83 -3.22
N PHE C 60 1.45 -24.86 -4.55
CA PHE C 60 2.05 -23.84 -5.42
C PHE C 60 1.50 -22.44 -5.17
N LYS C 61 0.37 -22.30 -4.48
CA LYS C 61 -0.19 -20.98 -4.26
C LYS C 61 0.80 -20.04 -3.60
N ASP C 62 1.76 -20.58 -2.84
CA ASP C 62 2.77 -19.73 -2.21
C ASP C 62 3.54 -18.90 -3.21
N ARG C 63 3.70 -19.39 -4.45
CA ARG C 63 4.46 -18.65 -5.45
C ARG C 63 3.78 -17.34 -5.78
N GLY C 64 2.48 -17.38 -6.01
CA GLY C 64 1.74 -16.20 -6.37
C GLY C 64 1.50 -15.35 -5.15
N MET C 65 1.28 -16.01 -4.02
CA MET C 65 0.86 -15.28 -2.83
C MET C 65 1.99 -14.43 -2.27
N VAL C 66 3.24 -14.91 -2.35
CA VAL C 66 4.32 -14.09 -1.84
C VAL C 66 4.43 -12.80 -2.64
N MET C 67 4.22 -12.87 -3.95
CA MET C 67 4.26 -11.66 -4.78
C MET C 67 3.05 -10.78 -4.53
N ALA C 68 1.85 -11.37 -4.51
CA ALA C 68 0.63 -10.57 -4.32
C ALA C 68 0.63 -9.87 -2.97
N VAL C 69 1.08 -10.55 -1.91
CA VAL C 69 1.06 -9.94 -0.59
C VAL C 69 2.17 -8.91 -0.44
N ALA C 70 3.37 -9.19 -0.97
CA ALA C 70 4.42 -8.17 -0.94
C ALA C 70 3.96 -6.90 -1.67
N LYS C 71 3.43 -7.05 -2.87
CA LYS C 71 2.97 -5.88 -3.60
C LYS C 71 1.81 -5.19 -2.89
N ALA C 72 0.91 -5.96 -2.28
CA ALA C 72 -0.20 -5.34 -1.56
C ALA C 72 0.31 -4.46 -0.42
N LYS C 73 1.32 -4.94 0.31
CA LYS C 73 1.86 -4.13 1.39
C LYS C 73 2.57 -2.90 0.85
N GLU C 74 3.31 -3.06 -0.26
CA GLU C 74 4.03 -1.94 -0.86
C GLU C 74 3.06 -0.83 -1.25
N GLU C 75 1.89 -1.20 -1.75
CA GLU C 75 0.92 -0.23 -2.23
C GLU C 75 0.06 0.35 -1.12
N GLY C 76 0.29 -0.02 0.14
CA GLY C 76 -0.33 0.63 1.28
C GLY C 76 -1.46 -0.12 1.96
N ASN C 77 -1.71 -1.37 1.59
CA ASN C 77 -2.79 -2.15 2.16
C ASN C 77 -2.44 -2.69 3.55
N ASP C 78 -3.47 -2.88 4.38
CA ASP C 78 -3.32 -3.60 5.63
C ASP C 78 -4.17 -4.85 5.69
N THR C 79 -4.96 -5.14 4.67
CA THR C 79 -5.86 -6.29 4.66
C THR C 79 -5.84 -6.90 3.28
N ILE C 80 -5.92 -8.23 3.23
CA ILE C 80 -6.06 -8.96 1.97
C ILE C 80 -7.27 -9.85 2.11
N MET C 81 -7.83 -10.23 0.97
CA MET C 81 -9.00 -11.09 0.97
C MET C 81 -8.94 -12.04 -0.21
N CYS C 82 -9.46 -13.25 -0.02
CA CYS C 82 -9.60 -14.13 -1.17
C CYS C 82 -10.73 -15.12 -0.92
N ALA C 83 -11.31 -15.61 -2.01
CA ALA C 83 -12.11 -16.82 -2.00
C ALA C 83 -11.21 -18.01 -2.24
N SER C 84 -11.58 -19.18 -1.71
CA SER C 84 -10.67 -20.30 -1.88
C SER C 84 -11.36 -21.64 -1.66
N THR C 85 -10.91 -22.64 -2.41
CA THR C 85 -11.16 -24.04 -2.06
C THR C 85 -10.18 -24.55 -1.02
N GLY C 86 -9.29 -23.68 -0.55
CA GLY C 86 -8.50 -24.04 0.62
C GLY C 86 -7.03 -23.72 0.53
N ASN C 87 -6.42 -23.87 -0.66
CA ASN C 87 -4.97 -23.70 -0.69
C ASN C 87 -4.60 -22.22 -0.82
N THR C 88 -5.35 -21.47 -1.62
CA THR C 88 -5.08 -20.05 -1.73
C THR C 88 -5.31 -19.35 -0.39
N SER C 89 -6.36 -19.76 0.34
CA SER C 89 -6.59 -19.16 1.66
C SER C 89 -5.48 -19.51 2.65
N ALA C 90 -4.95 -20.74 2.60
CA ALA C 90 -3.86 -21.10 3.50
C ALA C 90 -2.64 -20.26 3.21
N ALA C 91 -2.28 -20.16 1.93
CA ALA C 91 -1.16 -19.30 1.54
C ALA C 91 -1.40 -17.86 1.94
N ALA C 92 -2.60 -17.32 1.62
CA ALA C 92 -2.92 -15.94 1.98
C ALA C 92 -2.76 -15.73 3.48
N ALA C 93 -3.26 -16.67 4.27
CA ALA C 93 -3.20 -16.52 5.72
C ALA C 93 -1.77 -16.54 6.23
N ALA C 94 -0.94 -17.45 5.72
CA ALA C 94 0.45 -17.53 6.19
C ALA C 94 1.21 -16.25 5.84
N TYR C 95 1.12 -15.82 4.58
CA TYR C 95 1.90 -14.64 4.18
C TYR C 95 1.40 -13.38 4.84
N ALA C 96 0.08 -13.27 5.07
CA ALA C 96 -0.46 -12.14 5.81
C ALA C 96 0.09 -12.08 7.23
N ALA C 97 0.07 -13.24 7.91
CA ALA C 97 0.69 -13.32 9.24
C ALA C 97 2.15 -12.86 9.18
N ARG C 98 2.90 -13.38 8.23
CA ARG C 98 4.31 -13.03 8.09
C ARG C 98 4.50 -11.55 7.76
N ALA C 99 3.59 -10.96 6.99
CA ALA C 99 3.70 -9.57 6.58
C ALA C 99 2.98 -8.61 7.51
N ASN C 100 2.48 -9.09 8.65
CA ASN C 100 1.73 -8.25 9.60
C ASN C 100 0.48 -7.66 8.97
N MET C 101 -0.25 -8.45 8.20
CA MET C 101 -1.50 -7.98 7.62
C MET C 101 -2.69 -8.82 8.08
N LYS C 102 -3.87 -8.21 8.03
CA LYS C 102 -5.11 -8.93 8.23
C LYS C 102 -5.45 -9.74 6.98
N CYS C 103 -6.09 -10.88 7.19
CA CYS C 103 -6.46 -11.76 6.09
C CYS C 103 -7.90 -12.22 6.28
N ILE C 104 -8.74 -11.98 5.28
CA ILE C 104 -10.12 -12.45 5.27
C ILE C 104 -10.26 -13.45 4.14
N VAL C 105 -10.79 -14.63 4.43
CA VAL C 105 -10.98 -15.65 3.41
C VAL C 105 -12.43 -16.10 3.42
N ILE C 106 -12.97 -16.35 2.23
CA ILE C 106 -14.34 -16.84 2.06
C ILE C 106 -14.24 -18.22 1.44
N ILE C 107 -14.74 -19.22 2.16
CA ILE C 107 -14.63 -20.59 1.68
C ILE C 107 -16.01 -21.24 1.58
N PRO C 108 -16.18 -22.23 0.72
CA PRO C 108 -17.45 -22.96 0.62
C PRO C 108 -17.58 -23.97 1.76
N ASN C 109 -18.64 -23.81 2.55
CA ASN C 109 -18.91 -24.68 3.69
C ASN C 109 -18.80 -26.14 3.30
N GLY C 110 -18.02 -26.90 4.08
CA GLY C 110 -17.89 -28.34 3.88
C GLY C 110 -17.18 -28.78 2.62
N LYS C 111 -16.60 -27.86 1.85
CA LYS C 111 -15.95 -28.23 0.60
C LYS C 111 -14.49 -27.81 0.55
N ILE C 112 -13.84 -27.66 1.70
CA ILE C 112 -12.38 -27.55 1.72
C ILE C 112 -11.82 -28.66 2.59
N ALA C 113 -10.68 -29.20 2.17
CA ALA C 113 -10.01 -30.30 2.86
C ALA C 113 -9.64 -29.91 4.29
N PHE C 114 -9.60 -30.93 5.16
CA PHE C 114 -9.39 -30.74 6.60
C PHE C 114 -8.05 -30.08 6.92
N GLY C 115 -6.99 -30.45 6.20
CA GLY C 115 -5.69 -29.83 6.44
C GLY C 115 -5.67 -28.36 6.07
N LYS C 116 -6.42 -27.99 5.02
CA LYS C 116 -6.51 -26.58 4.62
C LYS C 116 -7.26 -25.75 5.64
N LEU C 117 -8.30 -26.32 6.24
CA LEU C 117 -9.01 -25.64 7.30
C LEU C 117 -8.13 -25.45 8.52
N ALA C 118 -7.38 -26.48 8.91
CA ALA C 118 -6.47 -26.37 10.04
C ALA C 118 -5.45 -25.25 9.82
N GLN C 119 -4.97 -25.11 8.58
CA GLN C 119 -4.02 -24.03 8.27
C GLN C 119 -4.65 -22.66 8.46
N ALA C 120 -5.83 -22.44 7.88
CA ALA C 120 -6.46 -21.12 7.96
C ALA C 120 -6.70 -20.72 9.39
N VAL C 121 -7.15 -21.68 10.20
CA VAL C 121 -7.39 -21.42 11.61
C VAL C 121 -6.07 -21.07 12.32
N MET C 122 -5.02 -21.85 12.06
CA MET C 122 -3.76 -21.67 12.78
C MET C 122 -3.05 -20.39 12.37
N TYR C 123 -3.05 -20.08 11.07
CA TYR C 123 -2.40 -18.86 10.61
C TYR C 123 -3.18 -17.60 11.00
N GLY C 124 -4.41 -17.73 11.49
CA GLY C 124 -5.12 -16.60 12.04
C GLY C 124 -6.01 -15.83 11.10
N ALA C 125 -6.50 -16.45 10.04
CA ALA C 125 -7.39 -15.76 9.12
C ALA C 125 -8.77 -15.54 9.75
N GLU C 126 -9.41 -14.46 9.34
CA GLU C 126 -10.85 -14.30 9.53
C GLU C 126 -11.56 -15.16 8.49
N ILE C 127 -12.11 -16.28 8.94
CA ILE C 127 -12.65 -17.30 8.03
C ILE C 127 -14.17 -17.13 7.94
N ILE C 128 -14.66 -16.85 6.73
CA ILE C 128 -16.09 -16.75 6.49
C ILE C 128 -16.50 -17.93 5.60
N ALA C 129 -17.40 -18.77 6.11
CA ALA C 129 -17.90 -19.91 5.34
C ALA C 129 -19.31 -19.60 4.83
N ILE C 130 -19.55 -19.92 3.56
CA ILE C 130 -20.85 -19.66 2.95
C ILE C 130 -21.47 -20.98 2.51
N ASP C 131 -22.80 -20.99 2.43
CA ASP C 131 -23.50 -22.16 1.91
C ASP C 131 -23.24 -22.41 0.43
N GLY C 132 -22.73 -21.42 -0.30
CA GLY C 132 -22.46 -21.58 -1.72
C GLY C 132 -21.12 -22.24 -2.00
N ASN C 133 -20.75 -22.23 -3.28
CA ASN C 133 -19.54 -22.92 -3.72
C ASN C 133 -18.43 -21.90 -3.94
N PHE C 134 -17.29 -22.34 -4.49
CA PHE C 134 -16.17 -21.44 -4.69
C PHE C 134 -16.56 -20.29 -5.62
N ASP C 135 -17.27 -20.62 -6.71
CA ASP C 135 -17.61 -19.61 -7.69
C ASP C 135 -18.48 -18.52 -7.06
N ASP C 136 -19.41 -18.91 -6.16
CA ASP C 136 -20.19 -17.93 -5.41
C ASP C 136 -19.29 -17.07 -4.53
N ALA C 137 -18.28 -17.68 -3.89
CA ALA C 137 -17.43 -16.91 -2.98
C ALA C 137 -16.56 -15.93 -3.76
N LEU C 138 -16.03 -16.36 -4.90
CA LEU C 138 -15.20 -15.47 -5.72
C LEU C 138 -16.00 -14.28 -6.23
N LYS C 139 -17.25 -14.53 -6.66
CA LYS C 139 -18.10 -13.43 -7.10
C LYS C 139 -18.25 -12.39 -5.99
N ILE C 140 -18.49 -12.85 -4.77
CA ILE C 140 -18.65 -11.95 -3.62
C ILE C 140 -17.35 -11.23 -3.32
N VAL C 141 -16.23 -11.97 -3.30
CA VAL C 141 -14.95 -11.36 -2.94
C VAL C 141 -14.57 -10.28 -3.95
N ARG C 142 -14.70 -10.57 -5.24
CA ARG C 142 -14.36 -9.59 -6.26
C ARG C 142 -15.24 -8.35 -6.15
N SER C 143 -16.54 -8.56 -5.98
CA SER C 143 -17.46 -7.44 -5.80
C SER C 143 -17.04 -6.58 -4.62
N ILE C 144 -16.73 -7.22 -3.49
CA ILE C 144 -16.35 -6.49 -2.28
C ILE C 144 -15.08 -5.68 -2.51
N CYS C 145 -14.08 -6.28 -3.15
CA CYS C 145 -12.80 -5.58 -3.29
C CYS C 145 -12.85 -4.47 -4.34
N GLU C 146 -13.91 -4.38 -5.13
CA GLU C 146 -14.04 -3.28 -6.06
C GLU C 146 -14.27 -1.94 -5.35
N LYS C 147 -14.87 -1.97 -4.17
CA LYS C 147 -15.30 -0.77 -3.48
C LYS C 147 -14.70 -0.58 -2.10
N SER C 148 -13.99 -1.55 -1.57
CA SER C 148 -13.42 -1.45 -0.23
C SER C 148 -11.91 -1.44 -0.29
N PRO C 149 -11.24 -0.87 0.73
CA PRO C 149 -9.76 -0.82 0.73
C PRO C 149 -9.14 -2.13 1.20
N ILE C 150 -9.51 -3.21 0.51
CA ILE C 150 -9.03 -4.55 0.81
C ILE C 150 -8.41 -5.08 -0.47
N ALA C 151 -7.19 -5.58 -0.37
CA ALA C 151 -6.47 -6.07 -1.55
C ALA C 151 -6.97 -7.47 -1.92
N LEU C 152 -7.47 -7.61 -3.14
CA LEU C 152 -7.87 -8.92 -3.63
C LEU C 152 -6.61 -9.73 -3.97
N VAL C 153 -6.44 -10.90 -3.35
CA VAL C 153 -5.27 -11.71 -3.69
C VAL C 153 -5.64 -13.04 -4.35
N ASN C 154 -6.84 -13.13 -4.92
CA ASN C 154 -7.14 -14.21 -5.87
C ASN C 154 -6.38 -13.98 -7.18
N SER C 155 -6.38 -15.01 -8.03
CA SER C 155 -5.49 -15.07 -9.17
C SER C 155 -5.85 -14.09 -10.28
N VAL C 156 -6.97 -13.38 -10.16
CA VAL C 156 -7.21 -12.27 -11.06
C VAL C 156 -6.32 -11.08 -10.75
N ASN C 157 -5.67 -11.09 -9.58
CA ASN C 157 -4.58 -10.15 -9.28
C ASN C 157 -3.39 -10.55 -10.12
N PRO C 158 -2.94 -9.70 -11.05
CA PRO C 158 -1.84 -10.09 -11.94
C PRO C 158 -0.57 -10.52 -11.23
N TYR C 159 -0.34 -10.05 -10.00
CA TYR C 159 0.88 -10.37 -9.28
C TYR C 159 0.93 -11.84 -8.90
N ARG C 160 -0.25 -12.46 -8.73
CA ARG C 160 -0.30 -13.90 -8.52
C ARG C 160 0.33 -14.65 -9.68
N LEU C 161 -0.03 -14.30 -10.93
CA LEU C 161 0.55 -14.97 -12.08
C LEU C 161 2.02 -14.62 -12.26
N GLU C 162 2.42 -13.41 -11.89
CA GLU C 162 3.84 -13.07 -11.96
C GLU C 162 4.67 -14.01 -11.08
N GLY C 163 4.18 -14.29 -9.86
CA GLY C 163 4.93 -15.19 -9.00
C GLY C 163 4.84 -16.64 -9.45
N GLN C 164 3.67 -17.05 -9.91
CA GLN C 164 3.44 -18.45 -10.28
C GLN C 164 4.20 -18.85 -11.54
N LYS C 165 4.50 -17.92 -12.45
CA LYS C 165 5.24 -18.27 -13.65
C LYS C 165 6.64 -18.80 -13.33
N THR C 166 7.17 -18.50 -12.14
CA THR C 166 8.51 -18.96 -11.80
C THR C 166 8.64 -20.46 -11.81
N ALA C 167 7.52 -21.18 -11.61
CA ALA C 167 7.57 -22.63 -11.66
C ALA C 167 8.07 -23.13 -13.01
N ALA C 168 7.65 -22.49 -14.09
CA ALA C 168 8.13 -22.91 -15.40
C ALA C 168 9.62 -22.64 -15.57
N PHE C 169 10.12 -21.49 -15.08
CA PHE C 169 11.56 -21.23 -15.06
C PHE C 169 12.32 -22.37 -14.40
N GLU C 170 11.84 -22.79 -13.21
CA GLU C 170 12.54 -23.85 -12.46
C GLU C 170 12.53 -25.15 -13.25
N VAL C 171 11.37 -25.52 -13.80
CA VAL C 171 11.27 -26.76 -14.58
C VAL C 171 12.35 -26.80 -15.66
N CYS C 172 12.53 -25.69 -16.36
CA CYS C 172 13.52 -25.62 -17.44
C CYS C 172 14.94 -25.81 -16.91
N GLU C 173 15.27 -25.14 -15.80
CA GLU C 173 16.60 -25.28 -15.21
C GLU C 173 16.82 -26.66 -14.63
N GLN C 174 15.78 -27.26 -14.05
CA GLN C 174 15.95 -28.57 -13.42
C GLN C 174 15.99 -29.68 -14.46
N LEU C 175 15.24 -29.53 -15.55
CA LEU C 175 15.28 -30.53 -16.59
C LEU C 175 16.45 -30.34 -17.54
N GLY C 176 17.02 -29.13 -17.61
CA GLY C 176 18.03 -28.82 -18.58
C GLY C 176 17.48 -28.35 -19.90
N GLU C 177 16.16 -28.34 -20.04
CA GLU C 177 15.45 -27.94 -21.24
C GLU C 177 13.98 -27.88 -20.84
N ALA C 178 13.18 -27.21 -21.65
CA ALA C 178 11.73 -27.27 -21.45
C ALA C 178 11.23 -28.65 -21.86
N PRO C 179 10.22 -29.21 -21.19
CA PRO C 179 9.70 -30.52 -21.60
C PRO C 179 8.85 -30.40 -22.85
N ASP C 180 8.53 -31.56 -23.45
CA ASP C 180 7.57 -31.58 -24.56
C ASP C 180 6.17 -31.23 -24.10
N VAL C 181 5.81 -31.64 -22.89
CA VAL C 181 4.45 -31.50 -22.38
C VAL C 181 4.54 -31.05 -20.93
N LEU C 182 3.72 -30.06 -20.57
CA LEU C 182 3.46 -29.67 -19.19
C LEU C 182 2.02 -30.06 -18.89
N ALA C 183 1.84 -31.08 -18.05
CA ALA C 183 0.54 -31.56 -17.62
C ALA C 183 0.19 -30.93 -16.28
N ILE C 184 -1.02 -30.38 -16.18
CA ILE C 184 -1.33 -29.54 -15.03
C ILE C 184 -2.83 -29.59 -14.71
N PRO C 185 -3.24 -29.61 -13.44
CA PRO C 185 -4.66 -29.50 -13.13
C PRO C 185 -5.15 -28.11 -13.49
N VAL C 186 -6.45 -28.02 -13.78
CA VAL C 186 -7.09 -26.76 -14.07
C VAL C 186 -8.32 -26.64 -13.17
N GLY C 187 -8.33 -25.63 -12.30
CA GLY C 187 -9.51 -25.36 -11.51
C GLY C 187 -10.03 -23.99 -11.89
N ASN C 188 -9.36 -22.95 -11.41
CA ASN C 188 -9.68 -21.58 -11.78
C ASN C 188 -8.84 -21.06 -12.94
N ALA C 189 -7.88 -21.86 -13.42
CA ALA C 189 -7.11 -21.68 -14.65
C ALA C 189 -5.99 -20.65 -14.57
N GLY C 190 -5.70 -20.09 -13.40
CA GLY C 190 -4.56 -19.20 -13.31
C GLY C 190 -3.24 -19.90 -13.54
N ASN C 191 -3.08 -21.11 -12.99
CA ASN C 191 -1.75 -21.73 -12.99
C ASN C 191 -1.30 -22.11 -14.40
N ILE C 192 -2.20 -22.69 -15.20
CA ILE C 192 -1.78 -23.07 -16.55
C ILE C 192 -1.45 -21.83 -17.35
N SER C 193 -2.16 -20.72 -17.11
CA SER C 193 -1.81 -19.47 -17.75
C SER C 193 -0.45 -19.00 -17.28
N ALA C 194 -0.14 -19.22 -16.00
CA ALA C 194 1.11 -18.73 -15.45
C ALA C 194 2.29 -19.50 -16.02
N TYR C 195 2.18 -20.82 -16.12
CA TYR C 195 3.27 -21.62 -16.67
C TYR C 195 3.55 -21.20 -18.11
N TRP C 196 2.50 -21.03 -18.92
CA TRP C 196 2.72 -20.68 -20.31
C TRP C 196 3.39 -19.32 -20.43
N LYS C 197 2.93 -18.34 -19.66
CA LYS C 197 3.60 -17.05 -19.58
C LYS C 197 5.08 -17.24 -19.22
N GLY C 198 5.34 -18.08 -18.21
CA GLY C 198 6.71 -18.40 -17.86
C GLY C 198 7.50 -18.99 -19.02
N PHE C 199 6.90 -19.97 -19.71
CA PHE C 199 7.63 -20.62 -20.80
C PHE C 199 7.87 -19.68 -21.97
N LYS C 200 6.97 -18.75 -22.24
CA LYS C 200 7.22 -17.80 -23.31
C LYS C 200 8.35 -16.85 -22.92
N GLU C 201 8.37 -16.39 -21.67
CA GLU C 201 9.43 -15.49 -21.22
C GLU C 201 10.78 -16.16 -21.30
N TYR C 202 10.87 -17.40 -20.80
CA TYR C 202 12.15 -18.12 -20.79
C TYR C 202 12.62 -18.42 -22.21
N HIS C 203 11.67 -18.69 -23.11
CA HIS C 203 12.00 -18.83 -24.53
C HIS C 203 12.66 -17.56 -25.07
N GLU C 204 12.06 -16.41 -24.78
CA GLU C 204 12.59 -15.16 -25.34
C GLU C 204 13.94 -14.80 -24.74
N LYS C 205 14.11 -14.99 -23.44
CA LYS C 205 15.33 -14.60 -22.76
C LYS C 205 16.41 -15.66 -22.80
N ASN C 206 16.06 -16.94 -22.74
CA ASN C 206 17.06 -18.00 -22.60
C ASN C 206 17.02 -19.06 -23.69
N GLY C 207 16.15 -18.93 -24.68
CA GLY C 207 16.13 -19.83 -25.82
C GLY C 207 15.50 -21.19 -25.60
N THR C 208 14.89 -21.42 -24.44
CA THR C 208 14.25 -22.71 -24.21
C THR C 208 13.02 -22.85 -25.12
N SER C 209 12.61 -24.08 -25.36
CA SER C 209 11.50 -24.37 -26.26
C SER C 209 10.16 -24.23 -25.53
N LEU C 210 9.08 -24.39 -26.29
CA LEU C 210 7.74 -24.12 -25.77
C LEU C 210 6.96 -25.42 -25.59
N PRO C 211 6.75 -25.89 -24.37
CA PRO C 211 6.00 -27.14 -24.18
C PRO C 211 4.57 -26.98 -24.68
N LYS C 212 3.94 -28.11 -24.94
CA LYS C 212 2.49 -28.13 -25.09
C LYS C 212 1.84 -28.09 -23.71
N MET C 213 0.95 -27.12 -23.51
CA MET C 213 0.24 -26.99 -22.24
C MET C 213 -0.96 -27.93 -22.24
N ARG C 214 -0.95 -28.92 -21.37
CA ARG C 214 -2.00 -29.92 -21.33
C ARG C 214 -2.68 -29.84 -19.97
N GLY C 215 -3.85 -29.20 -19.92
CA GLY C 215 -4.57 -28.98 -18.68
C GLY C 215 -5.67 -30.01 -18.52
N PHE C 216 -5.99 -30.33 -17.26
CA PHE C 216 -7.00 -31.32 -16.94
C PHE C 216 -7.93 -30.80 -15.86
N GLU C 217 -9.21 -30.66 -16.20
CA GLU C 217 -10.26 -30.40 -15.23
C GLU C 217 -10.85 -31.71 -14.74
N ALA C 218 -11.44 -31.69 -13.55
CA ALA C 218 -12.26 -32.82 -13.14
C ALA C 218 -13.58 -32.78 -13.93
N GLU C 219 -14.05 -33.96 -14.34
CA GLU C 219 -15.18 -34.05 -15.26
C GLU C 219 -16.42 -33.34 -14.72
N GLY C 220 -16.68 -33.46 -13.41
CA GLY C 220 -17.83 -32.80 -12.82
C GLY C 220 -17.69 -31.30 -12.70
N SER C 221 -16.53 -30.75 -13.01
CA SER C 221 -16.29 -29.31 -12.92
C SER C 221 -15.64 -28.79 -14.21
N ALA C 222 -15.79 -29.52 -15.31
CA ALA C 222 -15.04 -29.26 -16.54
C ALA C 222 -15.72 -28.20 -17.40
N ALA C 223 -15.82 -26.99 -16.84
CA ALA C 223 -16.48 -25.87 -17.52
C ALA C 223 -15.83 -25.55 -18.86
N ILE C 224 -14.50 -25.56 -18.91
CA ILE C 224 -13.80 -25.20 -20.13
C ILE C 224 -14.03 -26.25 -21.21
N VAL C 225 -13.90 -27.53 -20.84
CA VAL C 225 -14.15 -28.61 -21.80
C VAL C 225 -15.60 -28.53 -22.29
N ARG C 226 -16.55 -28.34 -21.37
CA ARG C 226 -17.98 -28.32 -21.70
C ARG C 226 -18.47 -27.02 -22.33
N ASN C 227 -17.64 -25.97 -22.37
CA ASN C 227 -18.06 -24.66 -22.85
C ASN C 227 -19.33 -24.18 -22.14
N GLU C 228 -19.30 -24.21 -20.82
CA GLU C 228 -20.46 -23.74 -20.08
C GLU C 228 -20.06 -23.45 -18.64
N VAL C 229 -20.64 -22.40 -18.09
CA VAL C 229 -20.54 -22.15 -16.66
C VAL C 229 -21.31 -23.24 -15.94
N ILE C 230 -20.62 -24.02 -15.12
CA ILE C 230 -21.29 -25.10 -14.39
C ILE C 230 -21.80 -24.53 -13.08
N GLU C 231 -23.13 -24.47 -12.94
CA GLU C 231 -23.74 -23.89 -11.75
C GLU C 231 -23.52 -24.76 -10.52
N ASN C 232 -23.40 -26.07 -10.71
CA ASN C 232 -23.24 -27.02 -9.60
C ASN C 232 -22.03 -27.91 -9.86
N PRO C 233 -20.81 -27.35 -9.83
CA PRO C 233 -19.63 -28.18 -10.07
C PRO C 233 -19.49 -29.23 -8.98
N GLU C 234 -19.03 -30.41 -9.37
CA GLU C 234 -18.83 -31.50 -8.43
C GLU C 234 -17.49 -32.16 -8.71
N THR C 235 -16.90 -32.73 -7.65
CA THR C 235 -15.74 -33.63 -7.71
C THR C 235 -15.24 -33.89 -6.31
N ILE C 236 -14.78 -35.12 -6.05
CA ILE C 236 -14.09 -35.43 -4.81
C ILE C 236 -12.80 -34.63 -4.65
N ALA C 237 -12.23 -34.15 -5.76
CA ALA C 237 -11.02 -33.33 -5.73
C ALA C 237 -11.44 -31.88 -5.48
N THR C 238 -11.79 -31.59 -4.23
CA THR C 238 -12.41 -30.32 -3.93
C THR C 238 -11.51 -29.13 -4.26
N ALA C 239 -10.21 -29.35 -4.41
CA ALA C 239 -9.33 -28.26 -4.82
C ALA C 239 -9.76 -27.65 -6.14
N ILE C 240 -10.27 -28.47 -7.06
CA ILE C 240 -10.56 -28.00 -8.41
C ILE C 240 -12.05 -28.08 -8.71
N ARG C 241 -12.87 -28.00 -7.65
CA ARG C 241 -14.33 -28.00 -7.76
C ARG C 241 -14.79 -26.59 -8.09
N ILE C 242 -14.63 -26.22 -9.37
CA ILE C 242 -14.71 -24.83 -9.77
C ILE C 242 -15.38 -24.77 -11.14
N GLY C 243 -16.52 -24.07 -11.22
CA GLY C 243 -17.34 -24.12 -12.42
C GLY C 243 -17.36 -22.88 -13.30
N ASN C 244 -16.70 -21.80 -12.89
CA ASN C 244 -16.56 -20.60 -13.72
C ASN C 244 -15.14 -20.06 -13.59
N PRO C 245 -14.16 -20.73 -14.19
CA PRO C 245 -12.75 -20.33 -14.00
C PRO C 245 -12.50 -18.89 -14.41
N ALA C 246 -11.96 -18.11 -13.48
CA ALA C 246 -11.74 -16.69 -13.71
C ALA C 246 -10.69 -16.42 -14.78
N SER C 247 -9.80 -17.38 -15.05
CA SER C 247 -8.77 -17.21 -16.08
C SER C 247 -9.08 -18.05 -17.31
N TRP C 248 -10.36 -18.39 -17.50
CA TRP C 248 -10.81 -19.12 -18.67
C TRP C 248 -10.13 -18.70 -19.97
N ASP C 249 -10.20 -17.40 -20.29
CA ASP C 249 -9.74 -16.95 -21.60
C ASP C 249 -8.23 -17.05 -21.74
N LYS C 250 -7.48 -16.72 -20.67
CA LYS C 250 -6.03 -16.91 -20.70
C LYS C 250 -5.65 -18.37 -20.88
N ALA C 251 -6.41 -19.27 -20.24
CA ALA C 251 -6.05 -20.69 -20.29
C ALA C 251 -6.35 -21.29 -21.65
N VAL C 252 -7.47 -20.90 -22.27
CA VAL C 252 -7.74 -21.35 -23.63
C VAL C 252 -6.67 -20.82 -24.59
N LYS C 253 -6.27 -19.55 -24.40
CA LYS C 253 -5.21 -18.97 -25.19
C LYS C 253 -3.90 -19.73 -25.01
N ALA C 254 -3.57 -20.08 -23.75
CA ALA C 254 -2.35 -20.82 -23.48
C ALA C 254 -2.35 -22.19 -24.17
N ALA C 255 -3.47 -22.92 -24.10
CA ALA C 255 -3.51 -24.20 -24.80
C ALA C 255 -3.44 -24.01 -26.30
N GLU C 256 -4.00 -22.92 -26.81
CA GLU C 256 -3.99 -22.66 -28.25
C GLU C 256 -2.60 -22.23 -28.72
N GLU C 257 -2.00 -21.25 -28.05
CA GLU C 257 -0.68 -20.78 -28.43
C GLU C 257 0.37 -21.90 -28.33
N SER C 258 0.19 -22.82 -27.39
CA SER C 258 1.17 -23.87 -27.11
C SER C 258 0.91 -25.14 -27.89
N ASN C 259 -0.12 -25.17 -28.73
CA ASN C 259 -0.53 -26.41 -29.40
C ASN C 259 -0.89 -27.50 -28.38
N GLY C 260 -1.39 -27.10 -27.21
CA GLY C 260 -1.84 -28.00 -26.18
C GLY C 260 -3.34 -28.23 -26.23
N LYS C 261 -3.92 -28.46 -25.05
CA LYS C 261 -5.32 -28.86 -24.96
C LYS C 261 -5.74 -28.83 -23.51
N ILE C 262 -6.99 -28.45 -23.26
CA ILE C 262 -7.61 -28.60 -21.95
C ILE C 262 -8.59 -29.77 -22.04
N ASP C 263 -8.38 -30.76 -21.19
CA ASP C 263 -9.09 -32.03 -21.18
C ASP C 263 -9.75 -32.21 -19.81
N GLU C 264 -10.49 -33.31 -19.67
CA GLU C 264 -11.11 -33.66 -18.39
C GLU C 264 -10.73 -35.10 -18.03
N VAL C 265 -10.71 -35.37 -16.74
CA VAL C 265 -10.53 -36.72 -16.22
C VAL C 265 -11.62 -36.98 -15.18
N THR C 266 -12.04 -38.24 -15.10
CA THR C 266 -13.09 -38.57 -14.15
C THR C 266 -12.53 -38.66 -12.72
N ASP C 267 -13.45 -38.66 -11.76
CA ASP C 267 -13.05 -38.85 -10.37
C ASP C 267 -12.40 -40.21 -10.17
N ASP C 268 -12.88 -41.25 -10.86
CA ASP C 268 -12.22 -42.55 -10.71
C ASP C 268 -10.82 -42.52 -11.30
N GLU C 269 -10.65 -41.81 -12.42
CA GLU C 269 -9.32 -41.67 -12.99
C GLU C 269 -8.39 -40.89 -12.05
N ILE C 270 -8.89 -39.80 -11.47
CA ILE C 270 -8.12 -39.05 -10.47
C ILE C 270 -7.71 -39.94 -9.31
N LEU C 271 -8.67 -40.70 -8.76
CA LEU C 271 -8.37 -41.51 -7.59
C LEU C 271 -7.43 -42.66 -7.93
N HIS C 272 -7.53 -43.23 -9.12
CA HIS C 272 -6.56 -44.25 -9.53
C HIS C 272 -5.15 -43.66 -9.56
N ALA C 273 -4.98 -42.51 -10.20
CA ALA C 273 -3.68 -41.85 -10.25
C ALA C 273 -3.20 -41.47 -8.86
N TYR C 274 -4.14 -41.05 -8.01
CA TYR C 274 -3.85 -40.68 -6.62
C TYR C 274 -3.18 -41.82 -5.88
N GLN C 275 -3.78 -43.02 -5.95
CA GLN C 275 -3.20 -44.19 -5.30
C GLN C 275 -1.94 -44.66 -6.02
N LEU C 276 -1.91 -44.55 -7.34
CA LEU C 276 -0.82 -45.12 -8.12
C LEU C 276 0.52 -44.49 -7.77
N ILE C 277 0.60 -43.16 -7.76
CA ILE C 277 1.90 -42.53 -7.56
C ILE C 277 2.40 -42.76 -6.14
N ALA C 278 1.49 -42.80 -5.15
CA ALA C 278 1.90 -43.06 -3.77
C ALA C 278 2.42 -44.48 -3.63
N ARG C 279 1.69 -45.45 -4.18
CA ARG C 279 2.06 -46.85 -4.03
C ARG C 279 3.32 -47.17 -4.82
N GLU C 280 3.44 -46.64 -6.03
CA GLU C 280 4.48 -47.08 -6.95
C GLU C 280 5.75 -46.24 -6.89
N GLU C 281 5.64 -44.95 -6.60
CA GLU C 281 6.81 -44.08 -6.56
C GLU C 281 7.07 -43.45 -5.20
N GLY C 282 6.19 -43.65 -4.23
CA GLY C 282 6.38 -43.04 -2.93
C GLY C 282 6.11 -41.55 -2.89
N VAL C 283 5.34 -41.04 -3.85
CA VAL C 283 5.02 -39.61 -3.94
C VAL C 283 3.52 -39.43 -3.67
N PHE C 284 3.20 -38.57 -2.70
CA PHE C 284 1.84 -38.41 -2.17
C PHE C 284 1.40 -36.97 -2.43
N ALA C 285 0.37 -36.80 -3.27
CA ALA C 285 -0.16 -35.49 -3.61
C ALA C 285 -1.66 -35.51 -3.35
N GLU C 286 -2.27 -34.34 -3.20
CA GLU C 286 -3.71 -34.34 -2.92
C GLU C 286 -4.49 -34.70 -4.19
N PRO C 287 -5.76 -35.10 -4.05
CA PRO C 287 -6.50 -35.58 -5.24
C PRO C 287 -6.54 -34.60 -6.40
N GLY C 288 -6.81 -33.32 -6.15
CA GLY C 288 -6.82 -32.35 -7.24
C GLY C 288 -5.52 -32.32 -8.01
N SER C 289 -4.38 -32.46 -7.31
CA SER C 289 -3.08 -32.49 -7.98
C SER C 289 -2.99 -33.64 -8.96
N CYS C 290 -3.55 -34.79 -8.57
CA CYS C 290 -3.40 -36.00 -9.36
C CYS C 290 -4.25 -36.00 -10.61
N ALA C 291 -5.05 -34.96 -10.84
CA ALA C 291 -5.66 -34.81 -12.16
C ALA C 291 -4.59 -34.71 -13.24
N SER C 292 -3.43 -34.13 -12.92
CA SER C 292 -2.38 -34.03 -13.92
C SER C 292 -1.84 -35.42 -14.28
N ILE C 293 -1.61 -36.27 -13.27
CA ILE C 293 -1.18 -37.64 -13.53
C ILE C 293 -2.26 -38.43 -14.25
N ALA C 294 -3.51 -38.30 -13.80
CA ALA C 294 -4.62 -38.97 -14.47
C ALA C 294 -4.71 -38.54 -15.93
N GLY C 295 -4.45 -37.26 -16.20
CA GLY C 295 -4.49 -36.79 -17.57
C GLY C 295 -3.36 -37.33 -18.42
N VAL C 296 -2.15 -37.44 -17.84
CA VAL C 296 -1.04 -38.10 -18.54
C VAL C 296 -1.39 -39.52 -18.89
N LEU C 297 -1.96 -40.27 -17.93
CA LEU C 297 -2.36 -41.65 -18.22
C LEU C 297 -3.41 -41.70 -19.34
N LYS C 298 -4.43 -40.84 -19.24
CA LYS C 298 -5.46 -40.77 -20.28
C LYS C 298 -4.84 -40.50 -21.66
N GLN C 299 -3.96 -39.52 -21.76
CA GLN C 299 -3.46 -39.13 -23.07
C GLN C 299 -2.30 -39.98 -23.56
N VAL C 300 -1.58 -40.68 -22.68
CA VAL C 300 -0.69 -41.71 -23.19
C VAL C 300 -1.50 -42.83 -23.83
N LYS C 301 -2.57 -43.25 -23.14
CA LYS C 301 -3.44 -44.30 -23.66
C LYS C 301 -4.05 -43.91 -25.00
N SER C 302 -4.47 -42.65 -25.14
CA SER C 302 -5.06 -42.18 -26.38
C SER C 302 -4.04 -41.87 -27.46
N GLY C 303 -2.75 -41.82 -27.12
CA GLY C 303 -1.72 -41.40 -28.06
C GLY C 303 -1.53 -39.91 -28.19
N GLU C 304 -2.34 -39.10 -27.50
CA GLU C 304 -2.16 -37.66 -27.56
C GLU C 304 -0.85 -37.23 -26.90
N ILE C 305 -0.33 -38.04 -25.98
CA ILE C 305 1.05 -37.89 -25.53
C ILE C 305 1.80 -39.06 -26.12
N PRO C 306 2.54 -38.87 -27.22
CA PRO C 306 3.19 -40.00 -27.89
C PRO C 306 4.30 -40.62 -27.04
N LYS C 307 4.52 -41.91 -27.27
CA LYS C 307 5.60 -42.62 -26.62
C LYS C 307 6.91 -41.88 -26.86
N GLY C 308 7.76 -41.84 -25.83
CA GLY C 308 9.00 -41.12 -25.92
C GLY C 308 8.94 -39.67 -25.57
N SER C 309 7.75 -39.15 -25.26
CA SER C 309 7.61 -37.76 -24.85
C SER C 309 8.30 -37.50 -23.53
N LYS C 310 8.83 -36.28 -23.37
CA LYS C 310 9.38 -35.82 -22.10
C LYS C 310 8.31 -34.99 -21.40
N VAL C 311 7.80 -35.49 -20.28
CA VAL C 311 6.60 -34.96 -19.65
C VAL C 311 6.90 -34.52 -18.22
N VAL C 312 6.46 -33.31 -17.87
CA VAL C 312 6.47 -32.83 -16.50
C VAL C 312 5.02 -32.63 -16.06
N ALA C 313 4.59 -33.38 -15.05
CA ALA C 313 3.26 -33.20 -14.48
C ALA C 313 3.40 -32.43 -13.17
N VAL C 314 2.52 -31.45 -12.97
CA VAL C 314 2.60 -30.60 -11.79
C VAL C 314 1.77 -31.22 -10.67
N LEU C 315 2.43 -31.56 -9.56
CA LEU C 315 1.74 -32.06 -8.38
C LEU C 315 1.58 -30.84 -7.48
N THR C 316 0.39 -30.24 -7.54
CA THR C 316 0.15 -28.89 -7.05
C THR C 316 0.06 -28.80 -5.52
N GLY C 317 -0.30 -29.88 -4.83
CA GLY C 317 -0.56 -29.80 -3.40
C GLY C 317 -0.10 -31.03 -2.66
N ASN C 318 0.27 -30.82 -1.39
CA ASN C 318 0.76 -31.89 -0.53
C ASN C 318 -0.36 -32.86 -0.20
N GLY C 319 -0.05 -34.17 -0.22
CA GLY C 319 -1.04 -35.17 0.13
C GLY C 319 -1.64 -34.99 1.51
N LEU C 320 -0.85 -34.48 2.46
CA LEU C 320 -1.37 -34.21 3.80
C LEU C 320 -2.49 -33.17 3.83
N LYS C 321 -2.72 -32.44 2.74
CA LYS C 321 -3.82 -31.48 2.75
C LYS C 321 -5.16 -32.16 3.00
N ASP C 322 -5.33 -33.38 2.51
CA ASP C 322 -6.64 -34.05 2.48
C ASP C 322 -6.49 -35.46 3.04
N PRO C 323 -6.41 -35.59 4.37
CA PRO C 323 -6.30 -36.94 4.95
C PRO C 323 -7.55 -37.78 4.76
N ASN C 324 -8.73 -37.15 4.59
CA ASN C 324 -9.97 -37.93 4.55
C ASN C 324 -10.06 -38.80 3.30
N THR C 325 -9.79 -38.22 2.13
CA THR C 325 -9.84 -39.01 0.89
C THR C 325 -8.91 -40.20 0.98
N ALA C 326 -7.70 -39.97 1.50
CA ALA C 326 -6.70 -41.02 1.62
C ALA C 326 -7.26 -42.22 2.40
N VAL C 327 -7.84 -41.97 3.58
CA VAL C 327 -8.32 -43.12 4.35
C VAL C 327 -9.64 -43.64 3.80
N ASP C 328 -10.46 -42.80 3.17
CA ASP C 328 -11.76 -43.26 2.68
C ASP C 328 -11.61 -44.21 1.48
N ILE C 329 -10.71 -43.88 0.53
CA ILE C 329 -10.60 -44.69 -0.69
C ILE C 329 -9.80 -45.97 -0.43
N SER C 330 -9.03 -46.01 0.64
CA SER C 330 -8.07 -47.08 0.82
C SER C 330 -8.73 -48.24 1.54
N GLU C 331 -8.94 -49.33 0.80
CA GLU C 331 -9.37 -50.63 1.35
C GLU C 331 -8.36 -51.20 2.34
N ILE C 332 -7.16 -50.64 2.41
CA ILE C 332 -6.13 -51.05 3.37
C ILE C 332 -6.47 -50.51 4.76
N LYS C 333 -7.21 -51.31 5.55
CA LYS C 333 -7.48 -50.88 6.92
C LYS C 333 -6.39 -51.38 7.85
N PRO C 334 -6.00 -50.58 8.84
CA PRO C 334 -5.10 -51.08 9.88
C PRO C 334 -5.75 -52.23 10.64
N VAL C 335 -4.91 -53.12 11.18
CA VAL C 335 -5.38 -54.26 11.97
C VAL C 335 -4.89 -54.09 13.41
N THR C 336 -5.79 -54.27 14.36
CA THR C 336 -5.45 -54.23 15.78
C THR C 336 -5.10 -55.64 16.27
N LEU C 337 -3.91 -55.80 16.83
CA LEU C 337 -3.42 -57.07 17.32
C LEU C 337 -3.13 -56.97 18.80
N PRO C 338 -3.09 -58.09 19.52
CA PRO C 338 -2.71 -58.04 20.94
C PRO C 338 -1.31 -57.48 21.09
N THR C 339 -1.06 -56.84 22.23
CA THR C 339 0.27 -56.28 22.49
C THR C 339 1.17 -57.40 23.00
N ASN C 340 1.53 -58.28 22.05
CA ASN C 340 2.27 -59.50 22.32
C ASN C 340 3.20 -59.76 21.15
N GLU C 341 4.51 -59.87 21.41
CA GLU C 341 5.44 -60.04 20.30
C GLU C 341 5.28 -61.41 19.63
N ASP C 342 4.98 -62.45 20.40
CA ASP C 342 4.71 -63.76 19.80
C ASP C 342 3.48 -63.71 18.90
N SER C 343 2.39 -63.16 19.42
CA SER C 343 1.16 -63.11 18.66
C SER C 343 1.32 -62.30 17.38
N ILE C 344 2.11 -61.23 17.43
CA ILE C 344 2.28 -60.40 16.24
C ILE C 344 3.30 -61.03 15.29
N LEU C 345 4.31 -61.73 15.83
CA LEU C 345 5.27 -62.42 14.96
C LEU C 345 4.57 -63.43 14.05
N GLU C 346 3.76 -64.31 14.63
CA GLU C 346 3.09 -65.30 13.81
C GLU C 346 2.14 -64.65 12.82
N TYR C 347 1.52 -63.52 13.17
CA TYR C 347 0.66 -62.82 12.23
C TYR C 347 1.47 -62.25 11.06
N VAL C 348 2.67 -61.77 11.34
CA VAL C 348 3.52 -61.27 10.26
C VAL C 348 3.92 -62.43 9.35
N LYS C 349 4.27 -63.58 9.93
CA LYS C 349 4.72 -64.72 9.15
C LYS C 349 3.58 -65.35 8.35
N GLY C 350 2.36 -65.32 8.89
CA GLY C 350 1.22 -65.95 8.24
C GLY C 350 0.91 -65.36 6.88
N ALA D 2 -21.36 17.75 -9.80
CA ALA D 2 -21.61 19.08 -9.25
C ALA D 2 -20.51 20.07 -9.64
N SER D 3 -20.39 20.35 -10.93
CA SER D 3 -19.36 21.26 -11.42
C SER D 3 -19.77 22.72 -11.21
N TRP D 4 -18.81 23.51 -10.73
CA TRP D 4 -19.03 24.90 -10.34
C TRP D 4 -18.66 25.84 -11.48
N LYS D 5 -19.62 26.63 -11.96
CA LYS D 5 -19.44 27.40 -13.18
C LYS D 5 -19.14 28.88 -12.93
N GLY D 6 -19.01 29.29 -11.68
CA GLY D 6 -18.75 30.68 -11.39
C GLY D 6 -20.00 31.39 -10.87
N LEU D 7 -19.76 32.54 -10.24
CA LEU D 7 -20.79 33.20 -9.45
C LEU D 7 -21.95 33.71 -10.30
N ILE D 8 -21.64 34.32 -11.46
CA ILE D 8 -22.68 34.96 -12.25
C ILE D 8 -23.70 33.92 -12.69
N HIS D 9 -23.22 32.79 -13.17
CA HIS D 9 -24.09 31.68 -13.52
C HIS D 9 -24.84 31.16 -12.31
N GLN D 10 -24.11 30.82 -11.24
CA GLN D 10 -24.71 30.05 -10.16
C GLN D 10 -25.75 30.86 -9.39
N TYR D 11 -25.50 32.15 -9.19
CA TYR D 11 -26.42 33.02 -8.44
C TYR D 11 -27.15 34.01 -9.35
N LYS D 12 -27.46 33.59 -10.58
CA LYS D 12 -28.04 34.45 -11.60
C LYS D 12 -29.28 35.18 -11.11
N GLU D 13 -30.13 34.51 -10.32
CA GLU D 13 -31.39 35.14 -9.93
C GLU D 13 -31.24 36.18 -8.84
N PHE D 14 -30.05 36.31 -8.24
CA PHE D 14 -29.78 37.34 -7.25
C PHE D 14 -28.97 38.50 -7.81
N LEU D 15 -28.63 38.46 -9.10
CA LEU D 15 -27.68 39.39 -9.65
C LEU D 15 -28.27 40.17 -10.83
N PRO D 16 -27.80 41.40 -11.07
CA PRO D 16 -28.28 42.15 -12.24
C PRO D 16 -27.72 41.61 -13.53
N VAL D 17 -28.12 40.40 -13.91
CA VAL D 17 -27.56 39.70 -15.05
C VAL D 17 -28.61 39.65 -16.15
N THR D 18 -28.22 40.03 -17.36
CA THR D 18 -29.11 40.02 -18.50
C THR D 18 -28.67 38.94 -19.48
N ASP D 19 -29.40 38.85 -20.59
CA ASP D 19 -28.91 38.06 -21.72
C ASP D 19 -27.66 38.67 -22.31
N GLN D 20 -27.46 39.98 -22.13
CA GLN D 20 -26.32 40.68 -22.68
C GLN D 20 -25.08 40.59 -21.82
N THR D 21 -25.20 40.08 -20.59
CA THR D 21 -24.05 40.02 -19.69
C THR D 21 -23.06 38.98 -20.18
N PRO D 22 -21.81 39.36 -20.46
CA PRO D 22 -20.83 38.37 -20.91
C PRO D 22 -20.63 37.29 -19.85
N ALA D 23 -20.33 36.08 -20.32
CA ALA D 23 -20.19 34.93 -19.44
C ALA D 23 -18.77 34.88 -18.86
N LEU D 24 -18.43 35.93 -18.11
CA LEU D 24 -17.09 36.07 -17.57
C LEU D 24 -16.96 35.31 -16.25
N THR D 25 -15.93 34.47 -16.14
CA THR D 25 -15.69 33.72 -14.91
C THR D 25 -14.22 33.28 -14.81
N LEU D 26 -13.68 33.34 -13.60
CA LEU D 26 -12.48 32.60 -13.22
C LEU D 26 -12.80 31.49 -12.22
N HIS D 27 -14.07 31.08 -12.17
CA HIS D 27 -14.58 30.07 -11.26
C HIS D 27 -14.45 30.49 -9.80
N GLU D 28 -14.61 31.79 -9.56
CA GLU D 28 -14.64 32.36 -8.23
C GLU D 28 -15.89 31.89 -7.46
N GLY D 29 -15.85 32.10 -6.15
CA GLY D 29 -16.94 31.68 -5.29
C GLY D 29 -16.80 30.23 -4.84
N ASN D 30 -17.83 29.78 -4.10
CA ASN D 30 -17.92 28.40 -3.59
C ASN D 30 -16.66 28.02 -2.80
N THR D 31 -16.30 28.85 -1.93
CA THR D 31 -15.11 28.65 -1.12
C THR D 31 -15.46 27.90 0.17
N PRO D 32 -14.50 27.18 0.73
CA PRO D 32 -14.79 26.30 1.87
C PRO D 32 -15.24 27.05 3.11
N LEU D 33 -16.11 26.40 3.88
CA LEU D 33 -16.47 26.84 5.23
C LEU D 33 -15.92 25.75 6.15
N ILE D 34 -14.78 26.05 6.77
CA ILE D 34 -14.00 25.05 7.48
C ILE D 34 -14.29 25.15 8.97
N HIS D 35 -14.78 24.06 9.54
CA HIS D 35 -14.93 23.98 10.98
C HIS D 35 -13.56 23.97 11.64
N LEU D 36 -13.42 24.73 12.73
CA LEU D 36 -12.18 24.75 13.51
C LEU D 36 -12.46 24.06 14.83
N PRO D 37 -12.34 22.73 14.90
CA PRO D 37 -12.71 22.02 16.14
C PRO D 37 -11.87 22.37 17.34
N LYS D 38 -10.55 22.55 17.17
CA LYS D 38 -9.68 22.82 18.31
C LYS D 38 -9.94 24.22 18.88
N LEU D 39 -9.91 25.24 18.02
CA LEU D 39 -10.31 26.57 18.46
C LEU D 39 -11.71 26.60 19.05
N SER D 40 -12.64 25.84 18.46
CA SER D 40 -14.00 25.79 18.98
C SER D 40 -14.03 25.27 20.42
N GLU D 41 -13.35 24.15 20.67
CA GLU D 41 -13.27 23.61 22.03
C GLU D 41 -12.64 24.60 23.00
N GLN D 42 -11.59 25.29 22.57
CA GLN D 42 -10.91 26.21 23.47
C GLN D 42 -11.74 27.46 23.75
N LEU D 43 -12.57 27.88 22.81
CA LEU D 43 -13.31 29.13 22.95
C LEU D 43 -14.69 28.95 23.55
N GLY D 44 -15.26 27.74 23.50
CA GLY D 44 -16.60 27.53 23.99
C GLY D 44 -17.69 27.82 22.97
N ILE D 45 -17.34 27.93 21.69
CA ILE D 45 -18.28 28.23 20.62
C ILE D 45 -18.06 27.23 19.50
N GLU D 46 -18.96 27.26 18.52
CA GLU D 46 -18.82 26.45 17.30
C GLU D 46 -18.32 27.40 16.22
N LEU D 47 -17.01 27.35 15.96
CA LEU D 47 -16.34 28.33 15.09
C LEU D 47 -16.01 27.70 13.73
N HIS D 48 -16.52 28.33 12.67
CA HIS D 48 -16.17 28.02 11.29
C HIS D 48 -15.51 29.24 10.66
N VAL D 49 -14.68 29.02 9.64
CA VAL D 49 -14.05 30.11 8.88
C VAL D 49 -14.38 29.93 7.40
N LYS D 50 -14.89 31.01 6.80
CA LYS D 50 -15.07 31.10 5.36
C LYS D 50 -13.74 31.48 4.72
N THR D 51 -13.10 30.55 4.01
CA THR D 51 -11.71 30.76 3.56
C THR D 51 -11.75 31.32 2.15
N GLU D 52 -11.85 32.64 2.05
CA GLU D 52 -11.95 33.33 0.78
C GLU D 52 -10.62 33.37 0.03
N GLY D 53 -9.54 32.89 0.63
CA GLY D 53 -8.24 32.87 -0.04
C GLY D 53 -8.11 31.86 -1.15
N VAL D 54 -9.09 30.97 -1.32
CA VAL D 54 -8.98 30.02 -2.43
C VAL D 54 -9.76 30.52 -3.63
N ASN D 55 -10.29 31.76 -3.55
CA ASN D 55 -10.78 32.43 -4.74
C ASN D 55 -9.62 32.60 -5.74
N PRO D 56 -9.92 32.76 -7.03
CA PRO D 56 -8.84 32.69 -8.04
C PRO D 56 -7.68 33.63 -7.78
N THR D 57 -7.91 34.88 -7.39
CA THR D 57 -6.80 35.78 -7.11
C THR D 57 -6.49 35.83 -5.62
N GLY D 58 -7.10 34.94 -4.84
CA GLY D 58 -6.69 34.77 -3.46
C GLY D 58 -7.36 35.68 -2.47
N SER D 59 -8.49 36.29 -2.83
CA SER D 59 -9.25 37.09 -1.88
C SER D 59 -10.70 37.16 -2.32
N PHE D 60 -11.55 37.65 -1.41
CA PHE D 60 -12.97 37.75 -1.70
C PHE D 60 -13.31 38.80 -2.77
N LYS D 61 -12.36 39.67 -3.14
CA LYS D 61 -12.67 40.70 -4.12
C LYS D 61 -13.10 40.11 -5.45
N ASP D 62 -12.70 38.88 -5.75
CA ASP D 62 -13.12 38.24 -6.98
C ASP D 62 -14.64 38.18 -7.10
N ARG D 63 -15.34 38.06 -5.97
CA ARG D 63 -16.81 38.02 -6.02
C ARG D 63 -17.37 39.30 -6.61
N GLY D 64 -16.98 40.45 -6.07
CA GLY D 64 -17.44 41.71 -6.63
C GLY D 64 -16.85 41.99 -7.99
N MET D 65 -15.60 41.58 -8.22
CA MET D 65 -14.92 42.04 -9.41
C MET D 65 -15.47 41.37 -10.65
N VAL D 66 -15.84 40.09 -10.56
CA VAL D 66 -16.36 39.43 -11.75
C VAL D 66 -17.63 40.11 -12.20
N MET D 67 -18.43 40.60 -11.25
CA MET D 67 -19.69 41.24 -11.60
C MET D 67 -19.46 42.64 -12.17
N ALA D 68 -18.71 43.48 -11.46
CA ALA D 68 -18.37 44.80 -11.98
C ALA D 68 -17.77 44.73 -13.38
N VAL D 69 -16.82 43.83 -13.59
CA VAL D 69 -16.11 43.82 -14.87
C VAL D 69 -16.98 43.24 -15.98
N ALA D 70 -17.79 42.22 -15.69
CA ALA D 70 -18.77 41.76 -16.67
C ALA D 70 -19.73 42.88 -17.07
N LYS D 71 -20.18 43.67 -16.10
CA LYS D 71 -21.14 44.71 -16.44
C LYS D 71 -20.46 45.83 -17.22
N ALA D 72 -19.23 46.18 -16.82
CA ALA D 72 -18.48 47.18 -17.58
C ALA D 72 -18.34 46.76 -19.04
N LYS D 73 -18.00 45.50 -19.30
CA LYS D 73 -17.93 45.04 -20.69
C LYS D 73 -19.31 45.10 -21.36
N GLU D 74 -20.35 44.65 -20.65
CA GLU D 74 -21.71 44.71 -21.18
C GLU D 74 -22.09 46.14 -21.55
N GLU D 75 -21.65 47.11 -20.75
CA GLU D 75 -21.96 48.52 -20.99
C GLU D 75 -21.07 49.18 -22.03
N GLY D 76 -20.15 48.44 -22.65
CA GLY D 76 -19.34 48.98 -23.73
C GLY D 76 -18.00 49.54 -23.31
N ASN D 77 -17.65 49.48 -22.03
CA ASN D 77 -16.36 49.97 -21.57
C ASN D 77 -15.22 49.16 -22.16
N ASP D 78 -14.04 49.77 -22.21
CA ASP D 78 -12.83 49.05 -22.53
C ASP D 78 -11.74 49.22 -21.47
N THR D 79 -11.98 50.05 -20.45
CA THR D 79 -10.99 50.38 -19.45
C THR D 79 -11.64 50.42 -18.07
N ILE D 80 -10.96 49.87 -17.07
CA ILE D 80 -11.41 49.96 -15.67
C ILE D 80 -10.28 50.54 -14.83
N MET D 81 -10.67 51.09 -13.68
CA MET D 81 -9.73 51.72 -12.76
C MET D 81 -10.16 51.46 -11.33
N CYS D 82 -9.18 51.36 -10.44
CA CYS D 82 -9.48 51.29 -9.01
C CYS D 82 -8.26 51.71 -8.21
N ALA D 83 -8.52 52.23 -7.02
CA ALA D 83 -7.52 52.33 -5.97
C ALA D 83 -7.56 51.07 -5.11
N SER D 84 -6.42 50.72 -4.51
CA SER D 84 -6.36 49.43 -3.86
C SER D 84 -5.19 49.36 -2.90
N THR D 85 -5.41 48.64 -1.78
CA THR D 85 -4.32 48.17 -0.93
C THR D 85 -3.71 46.86 -1.43
N GLY D 86 -4.08 46.41 -2.64
CA GLY D 86 -3.46 45.27 -3.27
C GLY D 86 -4.45 44.24 -3.79
N ASN D 87 -5.50 43.93 -3.02
CA ASN D 87 -6.35 42.82 -3.42
C ASN D 87 -7.41 43.21 -4.44
N THR D 88 -8.02 44.39 -4.31
CA THR D 88 -8.92 44.84 -5.36
C THR D 88 -8.17 45.02 -6.68
N SER D 89 -6.96 45.59 -6.63
CA SER D 89 -6.18 45.76 -7.87
C SER D 89 -5.81 44.41 -8.46
N ALA D 90 -5.48 43.44 -7.61
CA ALA D 90 -5.16 42.10 -8.12
C ALA D 90 -6.36 41.50 -8.84
N ALA D 91 -7.54 41.53 -8.20
CA ALA D 91 -8.74 41.01 -8.85
C ALA D 91 -9.08 41.80 -10.11
N ALA D 92 -9.03 43.12 -10.02
CA ALA D 92 -9.31 43.97 -11.18
C ALA D 92 -8.40 43.60 -12.35
N ALA D 93 -7.11 43.45 -12.08
CA ALA D 93 -6.17 43.16 -13.16
C ALA D 93 -6.44 41.80 -13.78
N ALA D 94 -6.76 40.80 -12.95
CA ALA D 94 -7.00 39.46 -13.49
C ALA D 94 -8.24 39.43 -14.39
N TYR D 95 -9.36 39.96 -13.91
CA TYR D 95 -10.59 39.92 -14.71
C TYR D 95 -10.49 40.83 -15.93
N ALA D 96 -9.77 41.95 -15.81
CA ALA D 96 -9.55 42.80 -16.98
C ALA D 96 -8.75 42.06 -18.04
N ALA D 97 -7.72 41.32 -17.62
CA ALA D 97 -6.97 40.51 -18.58
C ALA D 97 -7.88 39.47 -19.22
N ARG D 98 -8.70 38.79 -18.42
CA ARG D 98 -9.55 37.76 -19.01
C ARG D 98 -10.59 38.36 -19.95
N ALA D 99 -11.07 39.56 -19.63
CA ALA D 99 -12.15 40.19 -20.37
C ALA D 99 -11.66 41.07 -21.53
N ASN D 100 -10.35 41.12 -21.77
CA ASN D 100 -9.74 41.92 -22.85
C ASN D 100 -9.93 43.41 -22.62
N MET D 101 -9.74 43.86 -21.38
CA MET D 101 -9.96 45.24 -21.00
C MET D 101 -8.72 45.84 -20.37
N LYS D 102 -8.54 47.14 -20.58
CA LYS D 102 -7.45 47.86 -19.93
C LYS D 102 -7.77 48.05 -18.45
N CYS D 103 -6.74 47.97 -17.63
CA CYS D 103 -6.89 48.08 -16.18
C CYS D 103 -5.85 49.04 -15.66
N ILE D 104 -6.30 50.10 -14.99
CA ILE D 104 -5.40 51.07 -14.36
C ILE D 104 -5.63 50.98 -12.85
N VAL D 105 -4.54 50.79 -12.11
CA VAL D 105 -4.64 50.69 -10.67
C VAL D 105 -3.76 51.75 -10.03
N ILE D 106 -4.22 52.30 -8.92
CA ILE D 106 -3.48 53.27 -8.12
C ILE D 106 -3.28 52.69 -6.74
N ILE D 107 -2.01 52.48 -6.36
CA ILE D 107 -1.70 51.83 -5.09
C ILE D 107 -0.84 52.75 -4.22
N PRO D 108 -0.87 52.60 -2.89
CA PRO D 108 -0.01 53.40 -2.02
C PRO D 108 1.40 52.79 -1.99
N ASN D 109 2.38 53.59 -2.40
CA ASN D 109 3.74 53.08 -2.52
C ASN D 109 4.22 52.54 -1.17
N GLY D 110 4.87 51.37 -1.22
CA GLY D 110 5.40 50.73 -0.05
C GLY D 110 4.39 50.13 0.89
N LYS D 111 3.10 50.14 0.54
CA LYS D 111 2.07 49.76 1.49
C LYS D 111 1.09 48.73 0.92
N ILE D 112 1.48 47.98 -0.10
CA ILE D 112 0.74 46.79 -0.49
C ILE D 112 1.70 45.60 -0.39
N ALA D 113 1.14 44.44 -0.07
CA ALA D 113 1.95 43.25 0.17
C ALA D 113 2.61 42.77 -1.12
N PHE D 114 3.70 42.00 -0.94
CA PHE D 114 4.53 41.58 -2.06
C PHE D 114 3.75 40.70 -3.03
N GLY D 115 2.96 39.75 -2.51
CA GLY D 115 2.19 38.90 -3.39
C GLY D 115 1.20 39.68 -4.23
N LYS D 116 0.58 40.71 -3.65
CA LYS D 116 -0.40 41.48 -4.39
C LYS D 116 0.26 42.28 -5.51
N LEU D 117 1.46 42.80 -5.26
CA LEU D 117 2.17 43.52 -6.31
C LEU D 117 2.56 42.57 -7.44
N ALA D 118 3.06 41.39 -7.09
CA ALA D 118 3.39 40.37 -8.09
C ALA D 118 2.21 40.12 -9.02
N GLN D 119 1.03 39.95 -8.44
CA GLN D 119 -0.20 39.73 -9.19
C GLN D 119 -0.48 40.86 -10.17
N ALA D 120 -0.57 42.10 -9.66
CA ALA D 120 -0.90 43.23 -10.51
C ALA D 120 0.08 43.34 -11.66
N VAL D 121 1.37 43.15 -11.37
CA VAL D 121 2.41 43.21 -12.38
C VAL D 121 2.19 42.11 -13.42
N MET D 122 1.91 40.89 -12.96
CA MET D 122 1.79 39.75 -13.87
C MET D 122 0.51 39.82 -14.69
N TYR D 123 -0.59 40.23 -14.06
CA TYR D 123 -1.83 40.31 -14.80
C TYR D 123 -1.82 41.43 -15.83
N GLY D 124 -0.84 42.35 -15.76
CA GLY D 124 -0.68 43.38 -16.75
C GLY D 124 -1.34 44.71 -16.46
N ALA D 125 -1.63 45.02 -15.20
CA ALA D 125 -2.20 46.32 -14.91
C ALA D 125 -1.19 47.41 -15.23
N GLU D 126 -1.71 48.58 -15.62
CA GLU D 126 -0.95 49.82 -15.58
C GLU D 126 -0.94 50.29 -14.14
N ILE D 127 0.21 50.19 -13.49
CA ILE D 127 0.31 50.37 -12.05
C ILE D 127 0.87 51.75 -11.78
N ILE D 128 0.09 52.58 -11.08
CA ILE D 128 0.51 53.90 -10.64
C ILE D 128 0.61 53.86 -9.13
N ALA D 129 1.81 54.07 -8.60
CA ALA D 129 2.03 54.20 -7.17
C ALA D 129 2.08 55.67 -6.77
N ILE D 130 1.53 55.98 -5.60
CA ILE D 130 1.54 57.34 -5.08
C ILE D 130 2.16 57.32 -3.69
N ASP D 131 2.70 58.47 -3.29
CA ASP D 131 3.27 58.57 -1.95
C ASP D 131 2.19 58.64 -0.87
N GLY D 132 0.94 58.88 -1.23
CA GLY D 132 -0.13 58.90 -0.27
C GLY D 132 -0.59 57.49 0.10
N ASN D 133 -1.65 57.45 0.91
CA ASN D 133 -2.21 56.18 1.39
C ASN D 133 -3.38 55.76 0.50
N PHE D 134 -4.05 54.67 0.89
CA PHE D 134 -5.20 54.22 0.10
C PHE D 134 -6.27 55.31 0.01
N ASP D 135 -6.60 55.92 1.14
CA ASP D 135 -7.61 56.98 1.14
C ASP D 135 -7.30 58.06 0.12
N ASP D 136 -6.00 58.43 0.01
CA ASP D 136 -5.56 59.38 -1.01
C ASP D 136 -5.80 58.83 -2.41
N ALA D 137 -5.37 57.58 -2.65
CA ALA D 137 -5.55 56.99 -3.96
C ALA D 137 -7.04 56.92 -4.35
N LEU D 138 -7.90 56.61 -3.38
CA LEU D 138 -9.32 56.45 -3.71
C LEU D 138 -9.95 57.80 -4.03
N LYS D 139 -9.56 58.84 -3.30
CA LYS D 139 -10.05 60.19 -3.61
C LYS D 139 -9.74 60.58 -5.05
N ILE D 140 -8.55 60.22 -5.56
CA ILE D 140 -8.22 60.62 -6.92
C ILE D 140 -9.02 59.81 -7.94
N VAL D 141 -9.08 58.48 -7.77
CA VAL D 141 -9.76 57.67 -8.79
C VAL D 141 -11.25 58.00 -8.84
N ARG D 142 -11.87 58.29 -7.70
CA ARG D 142 -13.28 58.66 -7.71
C ARG D 142 -13.49 59.97 -8.46
N SER D 143 -12.56 60.91 -8.28
CA SER D 143 -12.67 62.18 -8.98
C SER D 143 -12.50 61.99 -10.49
N ILE D 144 -11.55 61.14 -10.90
CA ILE D 144 -11.28 60.93 -12.32
C ILE D 144 -12.47 60.31 -13.00
N CYS D 145 -13.09 59.31 -12.37
CA CYS D 145 -14.15 58.56 -13.01
C CYS D 145 -15.49 59.30 -12.98
N GLU D 146 -15.61 60.36 -12.18
CA GLU D 146 -16.81 61.21 -12.23
C GLU D 146 -17.01 61.88 -13.58
N LYS D 147 -15.94 62.07 -14.36
CA LYS D 147 -16.04 62.75 -15.65
C LYS D 147 -15.35 62.00 -16.78
N SER D 148 -14.75 60.85 -16.50
CA SER D 148 -14.12 59.99 -17.47
C SER D 148 -14.98 58.76 -17.70
N PRO D 149 -15.02 58.22 -18.92
CA PRO D 149 -15.81 56.99 -19.16
C PRO D 149 -15.20 55.75 -18.53
N ILE D 150 -13.96 55.83 -18.04
CA ILE D 150 -13.33 54.70 -17.39
C ILE D 150 -14.20 54.19 -16.25
N ALA D 151 -14.48 52.88 -16.27
CA ALA D 151 -15.35 52.23 -15.28
C ALA D 151 -14.64 52.12 -13.94
N LEU D 152 -15.15 52.84 -12.95
CA LEU D 152 -14.64 52.73 -11.59
C LEU D 152 -15.04 51.37 -11.01
N VAL D 153 -14.08 50.52 -10.66
CA VAL D 153 -14.41 49.21 -10.14
C VAL D 153 -14.05 49.05 -8.67
N ASN D 154 -13.81 50.16 -7.96
CA ASN D 154 -13.83 50.10 -6.52
C ASN D 154 -15.25 49.77 -6.03
N SER D 155 -15.36 49.53 -4.72
CA SER D 155 -16.59 49.03 -4.13
C SER D 155 -17.73 50.05 -4.13
N VAL D 156 -17.47 51.32 -4.45
CA VAL D 156 -18.58 52.25 -4.66
C VAL D 156 -19.40 51.81 -5.85
N ASN D 157 -18.82 51.07 -6.78
CA ASN D 157 -19.57 50.45 -7.86
C ASN D 157 -20.54 49.45 -7.25
N PRO D 158 -21.85 49.64 -7.40
CA PRO D 158 -22.80 48.74 -6.72
C PRO D 158 -22.73 47.31 -7.22
N TYR D 159 -22.24 47.07 -8.44
CA TYR D 159 -22.06 45.70 -8.89
C TYR D 159 -21.08 44.95 -7.99
N ARG D 160 -20.13 45.65 -7.37
CA ARG D 160 -19.19 44.99 -6.46
C ARG D 160 -19.92 44.38 -5.28
N LEU D 161 -20.84 45.14 -4.67
CA LEU D 161 -21.55 44.59 -3.52
C LEU D 161 -22.56 43.53 -3.93
N GLU D 162 -23.18 43.66 -5.11
CA GLU D 162 -24.05 42.60 -5.59
C GLU D 162 -23.27 41.29 -5.72
N GLY D 163 -22.03 41.36 -6.22
CA GLY D 163 -21.21 40.16 -6.29
C GLY D 163 -20.80 39.65 -4.91
N GLN D 164 -20.45 40.56 -3.99
CA GLN D 164 -19.91 40.14 -2.71
C GLN D 164 -20.96 39.61 -1.74
N LYS D 165 -22.24 39.97 -1.90
CA LYS D 165 -23.25 39.40 -1.02
C LYS D 165 -23.39 37.90 -1.19
N THR D 166 -22.93 37.32 -2.31
CA THR D 166 -23.05 35.88 -2.51
C THR D 166 -22.33 35.09 -1.43
N ALA D 167 -21.33 35.69 -0.77
CA ALA D 167 -20.64 35.00 0.30
C ALA D 167 -21.60 34.65 1.43
N ALA D 168 -22.56 35.53 1.72
CA ALA D 168 -23.52 35.25 2.79
C ALA D 168 -24.48 34.13 2.39
N PHE D 169 -24.91 34.14 1.13
CA PHE D 169 -25.65 33.01 0.57
C PHE D 169 -24.93 31.69 0.82
N GLU D 170 -23.66 31.62 0.41
CA GLU D 170 -22.89 30.40 0.55
C GLU D 170 -22.80 29.95 2.01
N VAL D 171 -22.48 30.89 2.91
CA VAL D 171 -22.36 30.56 4.33
C VAL D 171 -23.64 29.92 4.85
N CYS D 172 -24.79 30.45 4.43
CA CYS D 172 -26.07 29.86 4.81
C CYS D 172 -26.21 28.45 4.25
N GLU D 173 -25.91 28.27 2.96
CA GLU D 173 -26.04 26.94 2.37
C GLU D 173 -25.08 25.96 3.03
N GLN D 174 -23.86 26.39 3.33
CA GLN D 174 -22.81 25.49 3.82
C GLN D 174 -23.02 25.10 5.26
N LEU D 175 -23.55 26.00 6.09
CA LEU D 175 -23.92 25.68 7.45
C LEU D 175 -25.26 24.96 7.53
N GLY D 176 -26.12 25.12 6.53
CA GLY D 176 -27.48 24.66 6.63
C GLY D 176 -28.41 25.60 7.34
N GLU D 177 -27.88 26.72 7.85
CA GLU D 177 -28.65 27.75 8.53
C GLU D 177 -27.79 28.99 8.56
N ALA D 178 -28.39 30.10 8.93
CA ALA D 178 -27.56 31.27 9.16
C ALA D 178 -26.86 31.17 10.51
N PRO D 179 -25.64 31.67 10.62
CA PRO D 179 -24.93 31.62 11.90
C PRO D 179 -25.49 32.63 12.88
N ASP D 180 -25.17 32.43 14.16
CA ASP D 180 -25.53 33.44 15.16
C ASP D 180 -24.75 34.72 14.91
N VAL D 181 -23.45 34.61 14.63
CA VAL D 181 -22.55 35.75 14.47
C VAL D 181 -21.77 35.58 13.18
N LEU D 182 -21.62 36.68 12.42
CA LEU D 182 -20.66 36.76 11.34
C LEU D 182 -19.59 37.80 11.72
N ALA D 183 -18.38 37.32 12.01
CA ALA D 183 -17.25 38.20 12.31
C ALA D 183 -16.44 38.46 11.05
N ILE D 184 -16.01 39.71 10.87
CA ILE D 184 -15.48 40.12 9.56
C ILE D 184 -14.54 41.32 9.67
N PRO D 185 -13.45 41.37 8.90
CA PRO D 185 -12.61 42.58 8.88
C PRO D 185 -13.31 43.72 8.18
N VAL D 186 -13.01 44.94 8.63
CA VAL D 186 -13.57 46.16 8.06
C VAL D 186 -12.42 47.05 7.63
N GLY D 187 -12.35 47.33 6.33
CA GLY D 187 -11.43 48.31 5.79
C GLY D 187 -12.21 49.44 5.14
N ASN D 188 -12.57 49.28 3.87
CA ASN D 188 -13.43 50.24 3.19
C ASN D 188 -14.92 50.00 3.50
N ALA D 189 -15.23 48.94 4.26
CA ALA D 189 -16.54 48.64 4.84
C ALA D 189 -17.55 48.13 3.82
N GLY D 190 -17.14 47.88 2.58
CA GLY D 190 -18.08 47.31 1.60
C GLY D 190 -18.51 45.89 1.95
N ASN D 191 -17.57 45.05 2.42
CA ASN D 191 -17.86 43.62 2.59
C ASN D 191 -18.87 43.35 3.70
N ILE D 192 -18.76 44.03 4.85
CA ILE D 192 -19.75 43.83 5.89
C ILE D 192 -21.13 44.27 5.40
N SER D 193 -21.17 45.36 4.61
CA SER D 193 -22.43 45.80 4.04
C SER D 193 -23.01 44.74 3.12
N ALA D 194 -22.13 44.11 2.32
CA ALA D 194 -22.54 43.10 1.35
C ALA D 194 -23.10 41.87 2.04
N TYR D 195 -22.39 41.35 3.05
CA TYR D 195 -22.89 40.21 3.81
C TYR D 195 -24.29 40.49 4.35
N TRP D 196 -24.47 41.66 4.97
CA TRP D 196 -25.77 41.94 5.58
C TRP D 196 -26.86 42.02 4.52
N LYS D 197 -26.58 42.70 3.41
CA LYS D 197 -27.52 42.68 2.28
C LYS D 197 -27.84 41.25 1.88
N GLY D 198 -26.82 40.39 1.83
CA GLY D 198 -27.04 39.01 1.46
C GLY D 198 -27.88 38.25 2.48
N PHE D 199 -27.57 38.43 3.76
CA PHE D 199 -28.35 37.72 4.78
C PHE D 199 -29.82 38.17 4.76
N LYS D 200 -30.06 39.46 4.52
CA LYS D 200 -31.44 39.94 4.47
C LYS D 200 -32.19 39.35 3.29
N GLU D 201 -31.57 39.29 2.11
CA GLU D 201 -32.25 38.72 0.95
C GLU D 201 -32.51 37.24 1.14
N TYR D 202 -31.56 36.54 1.76
CA TYR D 202 -31.76 35.12 2.03
C TYR D 202 -32.87 34.92 3.07
N HIS D 203 -32.90 35.78 4.09
CA HIS D 203 -34.00 35.78 5.03
C HIS D 203 -35.34 35.87 4.30
N GLU D 204 -35.43 36.76 3.31
CA GLU D 204 -36.69 37.02 2.65
C GLU D 204 -37.11 35.87 1.75
N LYS D 205 -36.15 35.26 1.04
CA LYS D 205 -36.50 34.27 0.04
C LYS D 205 -36.49 32.84 0.56
N ASN D 206 -35.74 32.55 1.62
CA ASN D 206 -35.56 31.17 2.06
C ASN D 206 -35.77 30.97 3.55
N GLY D 207 -36.07 32.01 4.31
CA GLY D 207 -36.46 31.85 5.68
C GLY D 207 -35.34 31.76 6.70
N THR D 208 -34.08 31.87 6.28
CA THR D 208 -32.96 31.83 7.22
C THR D 208 -33.00 33.04 8.15
N SER D 209 -32.37 32.88 9.32
CA SER D 209 -32.40 33.93 10.32
C SER D 209 -31.35 35.00 10.00
N LEU D 210 -31.22 35.96 10.91
CA LEU D 210 -30.41 37.16 10.70
C LEU D 210 -29.26 37.19 11.69
N PRO D 211 -28.03 36.93 11.26
CA PRO D 211 -26.89 36.98 12.18
C PRO D 211 -26.66 38.38 12.70
N LYS D 212 -25.94 38.45 13.82
CA LYS D 212 -25.35 39.71 14.26
C LYS D 212 -24.06 39.96 13.47
N MET D 213 -24.00 41.10 12.78
CA MET D 213 -22.81 41.47 12.04
C MET D 213 -21.79 42.07 12.99
N ARG D 214 -20.61 41.45 13.08
CA ARG D 214 -19.56 41.92 13.98
C ARG D 214 -18.31 42.20 13.18
N GLY D 215 -18.12 43.45 12.83
CA GLY D 215 -16.94 43.87 12.10
C GLY D 215 -15.83 44.33 13.02
N PHE D 216 -14.61 44.29 12.49
CA PHE D 216 -13.43 44.64 13.28
C PHE D 216 -12.45 45.42 12.40
N GLU D 217 -12.20 46.66 12.79
CA GLU D 217 -11.12 47.45 12.21
C GLU D 217 -9.84 47.25 13.01
N ALA D 218 -8.72 47.49 12.34
CA ALA D 218 -7.46 47.61 13.06
C ALA D 218 -7.44 48.92 13.84
N GLU D 219 -6.99 48.86 15.09
CA GLU D 219 -7.07 50.03 15.98
C GLU D 219 -6.48 51.29 15.35
N GLY D 220 -5.32 51.16 14.71
CA GLY D 220 -4.73 52.30 14.05
C GLY D 220 -5.46 52.77 12.81
N SER D 221 -6.53 52.08 12.40
CA SER D 221 -7.33 52.51 11.25
C SER D 221 -8.82 52.51 11.57
N ALA D 222 -9.19 52.53 12.86
CA ALA D 222 -10.58 52.29 13.26
C ALA D 222 -11.39 53.60 13.21
N ALA D 223 -11.49 54.15 12.00
CA ALA D 223 -12.22 55.40 11.80
C ALA D 223 -13.67 55.28 12.24
N ILE D 224 -14.33 54.16 11.89
CA ILE D 224 -15.73 53.96 12.26
C ILE D 224 -15.88 53.86 13.77
N VAL D 225 -14.96 53.16 14.43
CA VAL D 225 -15.04 53.04 15.89
C VAL D 225 -14.84 54.42 16.52
N ARG D 226 -13.90 55.20 15.99
CA ARG D 226 -13.64 56.53 16.56
C ARG D 226 -14.70 57.56 16.16
N ASN D 227 -15.56 57.25 15.19
CA ASN D 227 -16.53 58.19 14.61
C ASN D 227 -15.86 59.42 13.99
N GLU D 228 -14.60 59.29 13.55
CA GLU D 228 -13.88 60.41 12.95
C GLU D 228 -12.97 59.89 11.84
N VAL D 229 -12.87 60.67 10.77
CA VAL D 229 -11.92 60.34 9.71
C VAL D 229 -10.51 60.31 10.31
N ILE D 230 -9.68 59.38 9.81
CA ILE D 230 -8.29 59.27 10.23
C ILE D 230 -7.42 59.67 9.06
N GLU D 231 -6.79 60.84 9.17
CA GLU D 231 -6.00 61.41 8.08
C GLU D 231 -4.78 60.55 7.75
N ASN D 232 -4.16 59.97 8.77
CA ASN D 232 -2.93 59.18 8.60
C ASN D 232 -3.11 57.86 9.32
N PRO D 233 -3.91 56.95 8.76
CA PRO D 233 -4.12 55.65 9.42
C PRO D 233 -2.87 54.78 9.31
N GLU D 234 -2.72 53.89 10.29
CA GLU D 234 -1.59 52.95 10.30
C GLU D 234 -2.08 51.58 10.74
N THR D 235 -1.37 50.54 10.26
CA THR D 235 -1.47 49.18 10.76
C THR D 235 -0.51 48.28 9.98
N ILE D 236 0.07 47.26 10.64
CA ILE D 236 0.83 46.26 9.92
C ILE D 236 -0.07 45.47 8.97
N ALA D 237 -1.38 45.42 9.23
CA ALA D 237 -2.32 44.72 8.35
C ALA D 237 -2.70 45.68 7.22
N THR D 238 -1.79 45.80 6.24
CA THR D 238 -1.91 46.81 5.21
C THR D 238 -3.17 46.65 4.36
N ALA D 239 -3.81 45.49 4.41
CA ALA D 239 -5.06 45.31 3.67
C ALA D 239 -6.10 46.33 4.10
N ILE D 240 -6.18 46.61 5.40
CA ILE D 240 -7.27 47.39 5.99
C ILE D 240 -6.75 48.71 6.53
N ARG D 241 -5.64 49.20 5.95
CA ARG D 241 -5.04 50.47 6.35
C ARG D 241 -5.81 51.65 5.74
N ILE D 242 -7.07 51.78 6.15
CA ILE D 242 -8.04 52.63 5.45
C ILE D 242 -8.75 53.48 6.49
N GLY D 243 -8.51 54.80 6.45
CA GLY D 243 -9.01 55.72 7.44
C GLY D 243 -10.28 56.47 7.10
N ASN D 244 -10.82 56.31 5.89
CA ASN D 244 -12.06 56.97 5.49
C ASN D 244 -12.93 56.00 4.69
N PRO D 245 -13.49 54.98 5.35
CA PRO D 245 -14.19 53.92 4.62
C PRO D 245 -15.30 54.48 3.74
N ALA D 246 -15.29 54.06 2.47
CA ALA D 246 -16.24 54.58 1.49
C ALA D 246 -17.67 54.13 1.75
N SER D 247 -17.86 52.95 2.34
CA SER D 247 -19.20 52.46 2.67
C SER D 247 -19.52 52.63 4.15
N TRP D 248 -18.89 53.62 4.80
CA TRP D 248 -19.10 53.92 6.21
C TRP D 248 -20.57 53.83 6.65
N ASP D 249 -21.45 54.56 5.96
CA ASP D 249 -22.86 54.63 6.36
C ASP D 249 -23.52 53.25 6.27
N LYS D 250 -23.38 52.58 5.12
CA LYS D 250 -23.92 51.23 4.97
C LYS D 250 -23.47 50.30 6.10
N ALA D 251 -22.20 50.40 6.50
CA ALA D 251 -21.68 49.47 7.51
C ALA D 251 -22.27 49.77 8.89
N VAL D 252 -22.34 51.05 9.25
CA VAL D 252 -23.03 51.42 10.49
C VAL D 252 -24.48 50.95 10.45
N LYS D 253 -25.17 51.20 9.33
CA LYS D 253 -26.54 50.73 9.19
C LYS D 253 -26.62 49.21 9.30
N ALA D 254 -25.65 48.50 8.73
CA ALA D 254 -25.65 47.04 8.83
C ALA D 254 -25.46 46.58 10.28
N ALA D 255 -24.53 47.20 11.02
CA ALA D 255 -24.36 46.83 12.41
C ALA D 255 -25.60 47.13 13.21
N GLU D 256 -26.23 48.28 12.93
CA GLU D 256 -27.46 48.66 13.63
C GLU D 256 -28.57 47.66 13.36
N GLU D 257 -28.90 47.44 12.07
CA GLU D 257 -30.06 46.62 11.74
C GLU D 257 -29.91 45.20 12.26
N SER D 258 -28.68 44.70 12.37
CA SER D 258 -28.42 43.33 12.73
C SER D 258 -28.23 43.14 14.23
N ASN D 259 -28.37 44.20 15.01
CA ASN D 259 -28.06 44.14 16.44
C ASN D 259 -26.61 43.70 16.65
N GLY D 260 -25.73 44.15 15.76
CA GLY D 260 -24.32 43.78 15.81
C GLY D 260 -23.46 44.96 16.23
N LYS D 261 -22.24 45.05 15.71
CA LYS D 261 -21.31 46.04 16.24
C LYS D 261 -20.07 46.12 15.36
N ILE D 262 -19.54 47.33 15.21
CA ILE D 262 -18.24 47.55 14.58
C ILE D 262 -17.25 47.87 15.69
N ASP D 263 -16.26 47.01 15.86
CA ASP D 263 -15.29 47.02 16.96
C ASP D 263 -13.89 47.17 16.37
N GLU D 264 -12.89 47.16 17.24
CA GLU D 264 -11.50 47.37 16.84
C GLU D 264 -10.59 46.36 17.54
N VAL D 265 -9.53 45.95 16.84
CA VAL D 265 -8.50 45.08 17.38
C VAL D 265 -7.16 45.73 17.15
N THR D 266 -6.24 45.50 18.09
CA THR D 266 -4.87 46.00 17.97
C THR D 266 -4.08 45.18 16.95
N ASP D 267 -2.98 45.76 16.47
CA ASP D 267 -2.07 44.99 15.63
C ASP D 267 -1.55 43.77 16.39
N ASP D 268 -1.33 43.92 17.69
CA ASP D 268 -0.86 42.79 18.50
C ASP D 268 -1.89 41.66 18.51
N GLU D 269 -3.17 41.98 18.68
CA GLU D 269 -4.19 40.95 18.69
C GLU D 269 -4.36 40.32 17.31
N ILE D 270 -4.14 41.11 16.26
CA ILE D 270 -4.21 40.59 14.90
C ILE D 270 -3.12 39.57 14.66
N LEU D 271 -1.88 39.89 15.07
CA LEU D 271 -0.78 38.98 14.80
C LEU D 271 -0.86 37.73 15.65
N HIS D 272 -1.46 37.79 16.83
CA HIS D 272 -1.61 36.58 17.63
C HIS D 272 -2.62 35.62 17.00
N ALA D 273 -3.74 36.14 16.51
CA ALA D 273 -4.73 35.30 15.85
C ALA D 273 -4.18 34.77 14.53
N TYR D 274 -3.38 35.59 13.84
CA TYR D 274 -2.68 35.19 12.62
C TYR D 274 -1.85 33.94 12.83
N GLN D 275 -1.06 33.93 13.90
CA GLN D 275 -0.25 32.74 14.23
C GLN D 275 -1.12 31.61 14.74
N LEU D 276 -2.15 31.92 15.53
CA LEU D 276 -2.92 30.89 16.19
C LEU D 276 -3.58 29.95 15.20
N ILE D 277 -4.25 30.50 14.18
CA ILE D 277 -5.03 29.64 13.29
C ILE D 277 -4.11 28.82 12.41
N ALA D 278 -2.97 29.37 12.01
CA ALA D 278 -2.02 28.62 11.20
C ALA D 278 -1.44 27.44 11.97
N ARG D 279 -1.01 27.67 13.22
CA ARG D 279 -0.33 26.62 13.96
C ARG D 279 -1.27 25.62 14.62
N GLU D 280 -2.50 26.03 14.95
CA GLU D 280 -3.42 25.11 15.61
C GLU D 280 -4.41 24.45 14.65
N GLU D 281 -4.80 25.10 13.57
CA GLU D 281 -5.78 24.53 12.67
C GLU D 281 -5.24 24.30 11.27
N GLY D 282 -4.05 24.77 10.95
CA GLY D 282 -3.52 24.60 9.62
C GLY D 282 -4.16 25.50 8.58
N VAL D 283 -4.67 26.64 8.99
CA VAL D 283 -5.31 27.61 8.09
C VAL D 283 -4.48 28.89 8.10
N PHE D 284 -4.02 29.31 6.93
CA PHE D 284 -3.09 30.41 6.79
C PHE D 284 -3.79 31.53 6.01
N ALA D 285 -4.11 32.63 6.70
CA ALA D 285 -4.72 33.79 6.07
C ALA D 285 -3.86 35.02 6.31
N GLU D 286 -4.01 36.04 5.46
CA GLU D 286 -3.15 37.21 5.54
C GLU D 286 -3.53 38.04 6.77
N PRO D 287 -2.64 38.93 7.22
CA PRO D 287 -2.88 39.61 8.51
C PRO D 287 -4.22 40.32 8.64
N GLY D 288 -4.64 41.08 7.63
CA GLY D 288 -5.92 41.78 7.74
C GLY D 288 -7.10 40.86 7.95
N SER D 289 -7.08 39.69 7.31
CA SER D 289 -8.16 38.73 7.48
C SER D 289 -8.30 38.26 8.91
N CYS D 290 -7.18 38.19 9.62
CA CYS D 290 -7.21 37.65 10.96
C CYS D 290 -7.74 38.65 11.98
N ALA D 291 -8.07 39.87 11.54
CA ALA D 291 -8.82 40.77 12.40
C ALA D 291 -10.16 40.17 12.81
N SER D 292 -10.79 39.38 11.91
CA SER D 292 -12.03 38.69 12.28
C SER D 292 -11.80 37.66 13.39
N ILE D 293 -10.67 36.95 13.37
CA ILE D 293 -10.41 35.97 14.43
C ILE D 293 -10.00 36.67 15.71
N ALA D 294 -9.13 37.68 15.60
CA ALA D 294 -8.84 38.50 16.78
C ALA D 294 -10.14 39.02 17.40
N GLY D 295 -11.07 39.50 16.56
CA GLY D 295 -12.32 40.01 17.07
C GLY D 295 -13.13 38.96 17.80
N VAL D 296 -13.19 37.74 17.25
CA VAL D 296 -13.91 36.64 17.89
C VAL D 296 -13.31 36.35 19.28
N LEU D 297 -11.99 36.30 19.38
CA LEU D 297 -11.36 36.05 20.68
C LEU D 297 -11.68 37.17 21.66
N LYS D 298 -11.62 38.42 21.18
CA LYS D 298 -11.92 39.56 22.04
C LYS D 298 -13.34 39.46 22.61
N GLN D 299 -14.33 39.18 21.77
CA GLN D 299 -15.73 39.24 22.20
C GLN D 299 -16.23 37.94 22.81
N VAL D 300 -15.54 36.82 22.59
CA VAL D 300 -15.78 35.66 23.42
C VAL D 300 -15.34 35.94 24.86
N LYS D 301 -14.16 36.56 25.02
CA LYS D 301 -13.67 36.92 26.34
C LYS D 301 -14.62 37.87 27.05
N SER D 302 -15.11 38.88 26.34
CA SER D 302 -16.01 39.86 26.93
C SER D 302 -17.44 39.37 27.05
N GLY D 303 -17.76 38.17 26.56
CA GLY D 303 -19.12 37.68 26.55
C GLY D 303 -20.01 38.25 25.48
N GLU D 304 -19.56 39.24 24.71
CA GLU D 304 -20.36 39.74 23.60
C GLU D 304 -20.63 38.66 22.54
N ILE D 305 -19.86 37.58 22.54
CA ILE D 305 -20.21 36.35 21.85
C ILE D 305 -20.39 35.29 22.93
N PRO D 306 -21.63 34.90 23.25
CA PRO D 306 -21.84 33.96 24.35
C PRO D 306 -21.41 32.55 23.98
N LYS D 307 -21.16 31.77 25.02
CA LYS D 307 -20.80 30.37 24.83
C LYS D 307 -21.90 29.62 24.08
N GLY D 308 -21.48 28.74 23.18
CA GLY D 308 -22.40 27.95 22.39
C GLY D 308 -22.91 28.63 21.15
N SER D 309 -22.49 29.88 20.90
CA SER D 309 -22.86 30.56 19.67
C SER D 309 -22.26 29.85 18.47
N LYS D 310 -22.98 29.94 17.33
CA LYS D 310 -22.51 29.45 16.05
C LYS D 310 -21.92 30.63 15.28
N VAL D 311 -20.60 30.62 15.10
CA VAL D 311 -19.83 31.78 14.67
C VAL D 311 -19.15 31.47 13.35
N VAL D 312 -19.29 32.37 12.38
CA VAL D 312 -18.56 32.27 11.13
C VAL D 312 -17.66 33.50 11.01
N ALA D 313 -16.35 33.28 11.00
CA ALA D 313 -15.40 34.36 10.77
C ALA D 313 -14.92 34.30 9.32
N VAL D 314 -14.94 35.44 8.66
CA VAL D 314 -14.53 35.54 7.27
C VAL D 314 -13.01 35.71 7.21
N LEU D 315 -12.33 34.79 6.51
CA LEU D 315 -10.87 34.89 6.27
C LEU D 315 -10.67 35.41 4.85
N THR D 316 -10.47 36.73 4.75
CA THR D 316 -10.70 37.44 3.50
C THR D 316 -9.59 37.21 2.47
N GLY D 317 -8.37 36.92 2.88
CA GLY D 317 -7.26 36.87 1.92
C GLY D 317 -6.30 35.75 2.23
N ASN D 318 -5.70 35.22 1.16
CA ASN D 318 -4.78 34.09 1.25
C ASN D 318 -3.49 34.50 1.99
N GLY D 319 -3.03 33.63 2.89
CA GLY D 319 -1.80 33.93 3.60
C GLY D 319 -0.61 34.17 2.70
N LEU D 320 -0.62 33.58 1.50
CA LEU D 320 0.47 33.79 0.55
C LEU D 320 0.55 35.23 0.05
N LYS D 321 -0.49 36.03 0.26
CA LYS D 321 -0.46 37.42 -0.19
C LYS D 321 0.68 38.21 0.45
N ASP D 322 1.00 37.91 1.71
CA ASP D 322 1.93 38.72 2.51
C ASP D 322 3.01 37.84 3.15
N PRO D 323 3.98 37.37 2.36
CA PRO D 323 5.01 36.50 2.94
C PRO D 323 5.95 37.22 3.89
N ASN D 324 6.15 38.52 3.72
CA ASN D 324 7.05 39.29 4.56
C ASN D 324 6.62 39.25 6.02
N THR D 325 5.35 39.59 6.30
CA THR D 325 4.89 39.58 7.68
C THR D 325 5.06 38.20 8.31
N ALA D 326 4.79 37.14 7.54
CA ALA D 326 4.86 35.80 8.10
C ALA D 326 6.23 35.49 8.66
N VAL D 327 7.29 35.78 7.91
CA VAL D 327 8.64 35.44 8.36
C VAL D 327 9.15 36.48 9.35
N ASP D 328 8.82 37.77 9.14
CA ASP D 328 9.31 38.82 10.03
C ASP D 328 8.88 38.55 11.47
N ILE D 329 7.65 38.11 11.68
CA ILE D 329 7.10 38.04 13.04
C ILE D 329 7.29 36.69 13.70
N SER D 330 7.79 35.69 13.00
CA SER D 330 7.78 34.32 13.49
C SER D 330 9.09 33.97 14.17
N GLU D 331 8.99 33.35 15.34
CA GLU D 331 10.18 32.96 16.09
C GLU D 331 10.91 31.82 15.41
N ILE D 332 10.18 30.83 14.88
CA ILE D 332 10.82 29.68 14.26
C ILE D 332 11.47 30.13 12.96
N LYS D 333 12.74 29.79 12.80
CA LYS D 333 13.54 30.11 11.63
C LYS D 333 14.22 28.84 11.14
N PRO D 334 14.47 28.73 9.83
CA PRO D 334 15.17 27.55 9.31
C PRO D 334 16.58 27.47 9.86
N VAL D 335 16.91 26.36 10.50
CA VAL D 335 18.28 26.12 10.90
C VAL D 335 18.98 25.39 9.76
N THR D 336 20.22 25.77 9.49
CA THR D 336 20.98 25.25 8.37
C THR D 336 21.98 24.24 8.91
N LEU D 337 21.93 23.02 8.39
CA LEU D 337 22.73 21.90 8.84
C LEU D 337 23.59 21.40 7.68
N PRO D 338 24.69 20.71 7.97
CA PRO D 338 25.46 20.09 6.88
C PRO D 338 24.64 19.00 6.22
N THR D 339 24.83 18.85 4.91
CA THR D 339 24.22 17.75 4.17
C THR D 339 24.77 16.43 4.71
N ASN D 340 24.34 16.06 5.91
CA ASN D 340 24.86 14.90 6.61
C ASN D 340 23.72 14.25 7.37
N GLU D 341 23.39 13.02 7.00
CA GLU D 341 22.29 12.31 7.65
C GLU D 341 22.44 12.30 9.16
N ASP D 342 23.64 12.03 9.67
CA ASP D 342 23.82 11.92 11.11
C ASP D 342 23.66 13.27 11.80
N SER D 343 24.32 14.32 11.28
CA SER D 343 24.14 15.66 11.84
C SER D 343 22.66 16.01 11.96
N ILE D 344 21.86 15.68 10.95
CA ILE D 344 20.45 16.04 10.97
C ILE D 344 19.68 15.20 11.98
N LEU D 345 19.97 13.90 12.02
CA LEU D 345 19.30 13.04 13.00
C LEU D 345 19.66 13.46 14.42
N GLU D 346 20.92 13.87 14.63
CA GLU D 346 21.31 14.37 15.96
C GLU D 346 20.51 15.61 16.33
N TYR D 347 20.41 16.57 15.40
CA TYR D 347 19.66 17.79 15.68
C TYR D 347 18.20 17.50 16.01
N VAL D 348 17.62 16.46 15.41
CA VAL D 348 16.19 16.24 15.53
C VAL D 348 15.82 15.84 16.95
N LYS D 349 16.67 15.05 17.61
CA LYS D 349 16.39 14.59 18.98
C LYS D 349 16.51 15.72 20.01
N1 LJS E . 9.31 -34.28 16.29
C2 LJS E . 8.56 -35.04 15.49
C2A LJS E . 7.65 -34.41 14.47
C3 LJS E . 8.63 -36.52 15.58
O3 LJS E . 7.85 -37.28 14.76
C4 LJS E . 9.55 -37.14 16.60
C4A LJS E . 9.68 -38.61 16.77
C5 LJS E . 10.31 -36.18 17.41
C6 LJS E . 10.15 -34.79 17.21
C5A LJS E . 11.30 -36.67 18.46
OP4 LJS E . 12.56 -37.01 17.84
P LJS E . 13.56 -38.12 18.49
OP1 LJS E . 12.67 -39.34 18.69
OP2 LJS E . 14.02 -37.44 19.76
OP3 LJS E . 14.63 -38.33 17.45
N4A LJS E . 9.03 -39.42 16.04
CAI LJS E . 9.05 -40.70 16.11
CBC LJS E . 8.22 -41.41 15.12
O2B LJS E . 7.79 -40.76 14.14
O3B LJS E . 7.90 -42.60 15.24
CBI LJS E . 9.82 -41.35 17.20
CGI LJS E . 10.46 -42.54 17.23
CEI LJS E . 10.67 -43.53 16.09
PG LJS E . 12.43 -43.48 15.62
OG1 LJS E . 12.79 -44.80 14.99
OG2 LJS E . 12.49 -42.33 14.63
OG3 LJS E . 13.15 -43.21 16.92
N1 LJS F . 4.66 21.72 -9.85
C2 LJS F . 4.79 22.20 -8.62
C2A LJS F . 4.16 23.53 -8.27
C3 LJS F . 5.55 21.42 -7.58
O3 LJS F . 5.72 21.91 -6.32
C4 LJS F . 6.15 20.12 -7.97
C4A LJS F . 6.96 19.28 -7.04
C5 LJS F . 5.91 19.73 -9.38
C6 LJS F . 5.17 20.55 -10.24
C5A LJS F . 6.46 18.41 -9.91
OP4 LJS F . 5.54 17.35 -9.59
P LJS F . 6.08 15.83 -9.47
OP1 LJS F . 4.95 14.99 -8.94
OP2 LJS F . 7.24 16.01 -8.52
OP3 LJS F . 6.48 15.48 -10.90
N4A LJS F . 7.12 19.61 -5.82
CAI LJS F . 7.84 19.02 -4.94
CBC LJS F . 7.78 19.61 -3.59
O2B LJS F . 6.95 20.51 -3.34
O3B LJS F . 8.57 19.21 -2.70
CBI LJS F . 8.69 17.86 -5.32
CGI LJS F . 8.96 16.72 -4.65
CEI LJS F . 8.46 16.25 -3.30
PG LJS F . 7.25 14.89 -3.50
OG1 LJS F . 7.28 14.08 -2.21
OG2 LJS F . 5.95 15.60 -3.75
OG3 LJS F . 7.76 14.11 -4.67
N1 LJS G . -4.34 -28.03 -7.52
C2 LJS G . -4.54 -27.60 -6.27
C2A LJS G . -3.94 -28.39 -5.14
C3 LJS G . -5.32 -26.36 -6.01
O3 LJS G . -5.53 -25.91 -4.73
C4 LJS G . -5.88 -25.63 -7.15
C4A LJS G . -6.70 -24.39 -6.97
C5 LJS G . -5.60 -26.23 -8.50
C6 LJS G . -4.83 -27.39 -8.59
C5A LJS G . -6.09 -25.57 -9.78
OP4 LJS G . -5.23 -24.46 -10.11
P LJS G . -5.80 -23.22 -10.96
OP1 LJS G . -6.23 -23.87 -12.25
OP2 LJS G . -4.66 -22.25 -11.06
OP3 LJS G . -6.95 -22.67 -10.17
N4A LJS G . -6.90 -23.88 -5.81
CAI LJS G . -7.64 -22.87 -5.54
CBC LJS G . -7.64 -22.47 -4.12
O2B LJS G . -8.43 -21.63 -3.69
O3B LJS G . -6.79 -22.98 -3.35
CBI LJS G . -8.46 -22.25 -6.61
CGI LJS G . -8.76 -20.96 -6.85
CEI LJS G . -8.32 -19.71 -6.09
PG LJS G . -7.13 -18.70 -7.05
OG1 LJS G . -5.78 -19.33 -6.75
OG2 LJS G . -7.56 -18.82 -8.50
OG3 LJS G . -7.20 -17.29 -6.57
N1 LJS H . -9.39 41.76 4.03
C2 LJS H . -8.63 41.85 2.94
C2A LJS H . -7.67 40.73 2.62
C3 LJS H . -8.71 43.04 2.05
O3 LJS H . -7.93 43.10 0.94
C4 LJS H . -9.68 44.10 2.41
C4A LJS H . -9.86 45.35 1.60
C5 LJS H . -10.47 43.87 3.66
C6 LJS H . -10.28 42.69 4.39
C5A LJS H . -11.51 44.85 4.15
OP4 LJS H . -12.72 44.68 3.38
P LJS H . -13.71 45.94 3.18
OP1 LJS H . -14.86 45.48 2.30
OP2 LJS H . -14.10 46.30 4.60
OP3 LJS H . -12.85 46.93 2.45
N4A LJS H . -9.18 45.49 0.54
CAI LJS H . -9.17 46.51 -0.21
CBC LJS H . -8.31 46.40 -1.40
O2B LJS H . -7.97 47.44 -2.01
O3B LJS H . -7.90 45.26 -1.77
CBI LJS H . -9.94 47.72 0.19
CGI LJS H . -10.64 48.61 -0.55
CEI LJS H . -10.87 48.59 -2.05
PG LJS H . -12.63 48.24 -2.45
OG1 LJS H . -12.77 46.74 -2.40
OG2 LJS H . -13.41 48.95 -1.37
OG3 LJS H . -12.84 48.79 -3.84
#